data_8KEI
#
_entry.id   8KEI
#
_cell.length_a   1.00
_cell.length_b   1.00
_cell.length_c   1.00
_cell.angle_alpha   90.00
_cell.angle_beta   90.00
_cell.angle_gamma   90.00
#
_symmetry.space_group_name_H-M   'P 1'
#
loop_
_entity.id
_entity.type
_entity.pdbx_description
1 polymer 'Cytochrome b-245 light chain'
2 polymer 'Cytochrome b-245 heavy chain'
3 polymer 'monoclonal antibody 7G5 heavy chain'
4 polymer 'Cytochrome b-245 chaperone 1'
5 polymer 'monoclonal antibody 7G5 light chain'
6 branched beta-D-mannopyranose-(1-4)-2-acetamido-2-deoxy-beta-D-glucopyranose-(1-4)-2-acetamido-2-deoxy-beta-D-glucopyranose
7 non-polymer '(2S)-3-(hexadecanoyloxy)-2-[(9Z)-octadec-9-enoyloxy]propyl 2-(trimethylammonio)ethyl phosphate'
8 non-polymer 'PROTOPORPHYRIN IX CONTAINING FE'
9 non-polymer 2-acetamido-2-deoxy-beta-D-glucopyranose
10 non-polymer 1-palmitoyl-2-oleoyl-sn-glycero-3-phosphocholine
#
loop_
_entity_poly.entity_id
_entity_poly.type
_entity_poly.pdbx_seq_one_letter_code
_entity_poly.pdbx_strand_id
1 'polypeptide(L)'
;QIEWAMWANEQALASGLILITGGIVATAGRFTQWYFGAYSIVAGVFVCLLEYPRGKRKKGSTMERWGQKYMTAVVKLFGP
FTRNYYVRAVLHLLLSVPAGFLLATILGTACLAIASGIYLLAAVRGEQWTPIE
;
A
2 'polypeptide(L)'
;VNEGLSIFVILVWLGLNVFLFVWYYRVYDIPPKFFYTRKLLGSALALARAPAACLNFNCMLILLPVCRNLLSFLRGSSAC
CSTRVRRQLDRNLTFHKMVAWMIALHSAIHTIAHLFNVEWCVNARVNNSDPYSVALSELGDRQNESYLNFARKRIKNPEG
GLYLAVTLLAGITGVVITLCLILIITSSTKTIRRSYFEVFWYTHHLFVIFFIGLAIHGAERIVRGQTAESLAVHNITVCE
QKISEWGKIKECPIPQFAGNPPMTWKWIVGPMFLYLCERLVRFWRSQQKVVITKVVTHPFKTIELQMKKKGFKMEVGQYI
FVKCPKVSKLEWHPFTLTSAPEEDFFSIHIRIVGDWTEGLFNACGCDKQEFQDAWKLPKIAVDGPFGTASEDVFSYEVVM
LVGAGIGVTPFASILKSVWYKYCNNATNLKLKKIYFYWLCRDTHAFEWFADLLQLLESQMQERNNAGFLSYNIYLTGWDE
SQANHFAVHHDEEKDVITGLKQKTLYGRPNWDNEFKTIASQHPNTRIGVFLCGPEALAETLSKQSISNSESGPRGVHFIF
NKENF
;
B
3 'polypeptide(L)'
;QSLEESGGDLVKPGASLTLTCTASGIDFSGYHYMCWVRQAPGKGLEWIGCTHSGDGTTYYARWAKGRFTISKTSSTTVTL
QMTSLTAADTATYFCARRYVFSGGYSGLDSWGPGTLVTVSSASTKGPSVFPLAPSSKSTSGGTAALGCLVKDYFPEPVTV
SWNSGALTSGVHTFPAVLQSSGLYSLSSVVTVPSSSLGTQTYICNVNHKPSNTKVDKKVEPKSC
;
C
4 'polypeptide(L)'
;MYLQVETRTSSRLHLKRAPGIRSWSLLVGILSIGLAAAYYSGDSLGWKLFYVTGCLFVAVQNLEDWEEAIFDKSTGKVVL
KTFSLYKKLLTLFRAGHDQVVVLLHDVRDVSVEEEKVRYFGKGYMVVLRLATGFSHPLTQSAVMGHRSDVEAIAKLITSF
LELH
;
D
5 'polypeptide(L)'
;ALVMTQTPSSVSAAVRGTVTIKCQASENIYSNLAWYQQKPGQPPKLLIYGASKLASGVPSRFKGSGSGTDYTLTIRDLEA
ADAATYYCQQFYDSLNTDNAFGGGTKVEIKRTVAAPSVFIFPPSDEQLKSGTASVVCLLNNFYPREAKVQWKVDNALQSG
NSQESVTEQDSKDSTYSLSSTLTLSKADYEKHKVYACEVTHQGLSSPVTKSFNRGEC
;
E
#
loop_
_chem_comp.id
_chem_comp.type
_chem_comp.name
_chem_comp.formula
BMA D-saccharide, beta linking beta-D-mannopyranose 'C6 H12 O6'
HEM non-polymer 'PROTOPORPHYRIN IX CONTAINING FE' 'C34 H32 Fe N4 O4'
LBN non-polymer 1-palmitoyl-2-oleoyl-sn-glycero-3-phosphocholine 'C42 H82 N O8 P'
NAG D-saccharide, beta linking 2-acetamido-2-deoxy-beta-D-glucopyranose 'C8 H15 N O6'
POV non-polymer '(2S)-3-(hexadecanoyloxy)-2-[(9Z)-octadec-9-enoyloxy]propyl 2-(trimethylammonio)ethyl phosphate' 'C42 H82 N O8 P'
#
# COMPACT_ATOMS: atom_id res chain seq x y z
N GLN A 1 -12.29 9.26 48.70
CA GLN A 1 -11.02 9.96 48.61
C GLN A 1 -10.21 9.45 47.42
N ILE A 2 -10.01 10.31 46.43
CA ILE A 2 -9.27 9.98 45.21
C ILE A 2 -8.20 11.03 44.98
N GLU A 3 -7.02 10.59 44.53
CA GLU A 3 -5.92 11.48 44.20
C GLU A 3 -5.48 11.24 42.76
N TRP A 4 -4.97 12.30 42.13
CA TRP A 4 -4.62 12.29 40.72
C TRP A 4 -3.12 12.20 40.47
N ALA A 5 -2.32 11.98 41.51
CA ALA A 5 -0.88 11.99 41.33
C ALA A 5 -0.39 10.73 40.62
N MET A 6 -0.99 9.57 40.91
CA MET A 6 -0.56 8.33 40.28
C MET A 6 -0.80 8.35 38.77
N TRP A 7 -2.00 8.79 38.36
CA TRP A 7 -2.30 8.87 36.95
C TRP A 7 -1.39 9.88 36.25
N ALA A 8 -1.10 11.00 36.90
CA ALA A 8 -0.17 11.97 36.35
C ALA A 8 1.21 11.37 36.18
N ASN A 9 1.66 10.59 37.16
CA ASN A 9 2.97 9.93 37.06
C ASN A 9 3.02 9.01 35.85
N GLU A 10 2.00 8.16 35.70
CA GLU A 10 2.00 7.22 34.58
C GLU A 10 1.94 7.95 33.25
N GLN A 11 1.12 9.00 33.17
CA GLN A 11 1.00 9.77 31.93
C GLN A 11 2.31 10.44 31.57
N ALA A 12 3.00 10.99 32.58
CA ALA A 12 4.28 11.64 32.32
C ALA A 12 5.33 10.63 31.84
N LEU A 13 5.34 9.43 32.44
CA LEU A 13 6.27 8.41 31.97
C LEU A 13 6.00 8.04 30.52
N ALA A 14 4.72 7.85 30.17
CA ALA A 14 4.38 7.52 28.79
C ALA A 14 4.77 8.65 27.84
N SER A 15 4.53 9.90 28.24
CA SER A 15 4.89 11.03 27.39
C SER A 15 6.39 11.13 27.20
N GLY A 16 7.17 10.86 28.26
CA GLY A 16 8.61 10.84 28.12
C GLY A 16 9.09 9.79 27.14
N LEU A 17 8.51 8.59 27.22
CA LEU A 17 8.87 7.54 26.26
C LEU A 17 8.53 7.97 24.83
N ILE A 18 7.35 8.56 24.64
CA ILE A 18 6.96 9.00 23.30
C ILE A 18 7.91 10.08 22.79
N LEU A 19 8.29 11.02 23.66
CA LEU A 19 9.21 12.08 23.27
C LEU A 19 10.56 11.51 22.86
N ILE A 20 11.07 10.53 23.62
CA ILE A 20 12.35 9.92 23.28
C ILE A 20 12.26 9.23 21.93
N THR A 21 11.18 8.48 21.69
CA THR A 21 11.02 7.80 20.40
C THR A 21 10.96 8.79 19.25
N GLY A 22 10.20 9.87 19.42
CA GLY A 22 10.11 10.87 18.37
C GLY A 22 11.44 11.55 18.09
N GLY A 23 12.19 11.85 19.16
CA GLY A 23 13.49 12.46 18.97
C GLY A 23 14.47 11.54 18.26
N ILE A 24 14.46 10.25 18.63
CA ILE A 24 15.31 9.29 17.94
C ILE A 24 14.96 9.24 16.46
N VAL A 25 13.66 9.18 16.14
CA VAL A 25 13.23 9.11 14.75
C VAL A 25 13.66 10.37 13.98
N ALA A 26 13.47 11.54 14.59
CA ALA A 26 13.80 12.79 13.90
C ALA A 26 15.29 12.93 13.68
N THR A 27 16.10 12.67 14.70
CA THR A 27 17.54 12.86 14.57
C THR A 27 18.17 11.82 13.66
N ALA A 28 17.82 10.54 13.86
CA ALA A 28 18.44 9.48 13.06
C ALA A 28 18.02 9.55 11.60
N GLY A 29 16.88 10.17 11.31
CA GLY A 29 16.39 10.29 9.96
C GLY A 29 16.89 11.50 9.19
N ARG A 30 17.76 12.32 9.80
CA ARG A 30 18.29 13.52 9.17
C ARG A 30 17.17 14.45 8.69
N PHE A 31 16.16 14.62 9.54
CA PHE A 31 15.01 15.45 9.19
C PHE A 31 15.43 16.92 9.14
N THR A 32 14.63 17.70 8.42
CA THR A 32 14.84 19.14 8.37
C THR A 32 14.64 19.75 9.75
N GLN A 33 15.56 20.64 10.14
CA GLN A 33 15.58 21.24 11.47
C GLN A 33 15.61 20.16 12.55
N TRP A 34 16.69 19.36 12.52
CA TRP A 34 16.84 18.22 13.40
C TRP A 34 17.31 18.60 14.81
N TYR A 35 17.64 19.87 15.05
CA TYR A 35 18.10 20.26 16.38
C TYR A 35 17.03 20.00 17.43
N PHE A 36 15.77 20.30 17.09
CA PHE A 36 14.68 20.02 18.00
C PHE A 36 14.53 18.54 18.29
N GLY A 37 14.99 17.66 17.38
CA GLY A 37 15.01 16.24 17.70
C GLY A 37 15.94 15.93 18.85
N ALA A 38 17.15 16.48 18.82
CA ALA A 38 18.08 16.29 19.93
C ALA A 38 17.55 16.92 21.21
N TYR A 39 16.95 18.11 21.11
CA TYR A 39 16.37 18.73 22.29
C TYR A 39 15.27 17.87 22.89
N SER A 40 14.41 17.30 22.04
CA SER A 40 13.34 16.44 22.53
C SER A 40 13.90 15.16 23.13
N ILE A 41 14.99 14.64 22.59
CA ILE A 41 15.64 13.47 23.18
C ILE A 41 16.10 13.81 24.60
N VAL A 42 16.75 14.97 24.76
CA VAL A 42 17.24 15.38 26.07
C VAL A 42 16.07 15.57 27.04
N ALA A 43 15.01 16.23 26.58
CA ALA A 43 13.85 16.46 27.43
C ALA A 43 13.18 15.16 27.84
N GLY A 44 13.07 14.21 26.90
CA GLY A 44 12.48 12.93 27.24
C GLY A 44 13.30 12.15 28.24
N VAL A 45 14.63 12.17 28.08
CA VAL A 45 15.49 11.50 29.06
C VAL A 45 15.32 12.14 30.43
N PHE A 46 15.30 13.47 30.49
CA PHE A 46 15.14 14.15 31.77
C PHE A 46 13.80 13.84 32.40
N VAL A 47 12.73 13.82 31.60
CA VAL A 47 11.40 13.53 32.13
C VAL A 47 11.33 12.10 32.66
N CYS A 48 11.91 11.15 31.92
CA CYS A 48 11.91 9.76 32.35
C CYS A 48 12.68 9.58 33.65
N LEU A 49 13.84 10.23 33.77
CA LEU A 49 14.64 10.06 34.98
C LEU A 49 14.12 10.87 36.16
N LEU A 50 13.34 11.93 35.90
CA LEU A 50 12.91 12.81 36.99
C LEU A 50 11.97 12.09 37.93
N GLU A 51 10.95 11.42 37.40
CA GLU A 51 9.94 10.74 38.22
C GLU A 51 9.75 9.29 37.74
N TYR A 52 10.65 8.44 38.18
CA TYR A 52 10.49 6.99 38.21
C TYR A 52 9.71 6.57 39.44
N PRO A 53 10.02 7.08 40.64
CA PRO A 53 9.25 6.68 41.83
C PRO A 53 7.78 7.05 41.72
N ARG A 54 6.93 6.14 42.21
CA ARG A 54 5.48 6.36 42.21
C ARG A 54 5.01 6.95 43.53
N GLY A 55 5.66 8.02 43.98
CA GLY A 55 5.29 8.70 45.21
C GLY A 55 5.10 7.73 46.37
N LYS A 56 4.13 8.05 47.23
CA LYS A 56 3.70 7.14 48.29
C LYS A 56 2.34 7.62 48.78
N ARG A 57 1.33 6.78 48.69
CA ARG A 57 -0.02 7.17 49.09
C ARG A 57 -0.09 7.32 50.60
N LYS A 58 -0.86 8.32 51.05
CA LYS A 58 -1.02 8.61 52.46
C LYS A 58 -2.00 7.68 53.16
N LYS A 59 -2.70 6.83 52.42
CA LYS A 59 -3.70 5.95 53.01
C LYS A 59 -3.11 4.58 53.37
N GLY A 60 -2.59 3.87 52.38
CA GLY A 60 -2.08 2.53 52.61
C GLY A 60 -0.67 2.31 52.09
N SER A 61 -0.47 1.21 51.38
CA SER A 61 0.82 0.85 50.83
C SER A 61 0.72 0.73 49.31
N THR A 62 1.73 1.23 48.62
CA THR A 62 1.78 1.22 47.17
C THR A 62 2.95 0.37 46.68
N MET A 63 2.72 -0.37 45.60
CA MET A 63 3.79 -1.12 44.99
C MET A 63 4.82 -0.17 44.36
N GLU A 64 6.05 -0.66 44.25
CA GLU A 64 7.15 0.14 43.75
C GLU A 64 7.65 -0.43 42.43
N ARG A 65 8.08 0.47 41.55
CA ARG A 65 8.66 0.05 40.28
C ARG A 65 10.02 -0.59 40.51
N TRP A 66 10.47 -1.37 39.53
CA TRP A 66 11.73 -2.08 39.65
C TRP A 66 12.89 -1.09 39.81
N GLY A 67 13.81 -1.41 40.71
CA GLY A 67 14.92 -0.52 41.02
C GLY A 67 14.45 0.80 41.57
N GLN A 68 13.51 0.73 42.52
CA GLN A 68 12.84 1.95 42.99
C GLN A 68 13.78 2.85 43.78
N LYS A 69 14.50 2.28 44.74
CA LYS A 69 15.20 3.11 45.72
C LYS A 69 16.37 3.90 45.10
N TYR A 70 16.94 3.40 44.01
CA TYR A 70 18.14 4.01 43.46
C TYR A 70 17.88 5.36 42.81
N MET A 71 16.63 5.70 42.52
CA MET A 71 16.27 7.00 41.96
C MET A 71 15.70 7.94 43.02
N THR A 72 14.80 7.45 43.87
CA THR A 72 14.31 8.25 44.97
C THR A 72 15.40 8.58 45.98
N ALA A 73 16.54 7.86 45.94
CA ALA A 73 17.68 8.24 46.75
C ALA A 73 18.38 9.48 46.22
N VAL A 74 18.08 9.88 44.99
CA VAL A 74 18.73 11.02 44.36
C VAL A 74 17.75 12.19 44.29
N VAL A 75 16.46 11.89 44.10
CA VAL A 75 15.49 12.95 43.84
C VAL A 75 15.04 13.68 45.11
N LYS A 76 15.19 13.06 46.28
CA LYS A 76 14.54 13.58 47.48
C LYS A 76 15.17 14.87 48.00
N LEU A 77 16.32 15.29 47.49
CA LEU A 77 17.07 16.43 48.05
C LEU A 77 16.65 17.77 47.46
N PHE A 78 15.34 17.96 47.36
CA PHE A 78 14.79 19.20 46.83
C PHE A 78 13.48 19.49 47.53
N GLY A 79 13.55 20.01 48.74
CA GLY A 79 12.35 20.29 49.51
C GLY A 79 11.30 21.09 48.77
N PRO A 80 11.64 22.33 48.35
CA PRO A 80 10.66 23.15 47.66
C PRO A 80 10.56 22.77 46.18
N PHE A 81 11.69 22.46 45.55
CA PHE A 81 11.69 22.12 44.14
C PHE A 81 10.84 20.88 43.90
N THR A 82 11.10 19.83 44.65
CA THR A 82 10.29 18.63 44.53
C THR A 82 9.21 18.71 45.58
N ARG A 83 8.48 17.63 45.81
CA ARG A 83 7.45 17.63 46.85
C ARG A 83 6.46 18.77 46.71
N ASN A 84 6.49 19.49 45.59
CA ASN A 84 5.53 20.56 45.33
C ASN A 84 5.04 20.42 43.90
N TYR A 85 3.81 19.95 43.72
CA TYR A 85 3.34 19.60 42.40
C TYR A 85 3.10 20.82 41.52
N TYR A 86 3.01 22.01 42.11
CA TYR A 86 3.02 23.24 41.30
C TYR A 86 4.30 23.32 40.49
N VAL A 87 5.44 23.06 41.13
CA VAL A 87 6.73 23.09 40.44
C VAL A 87 6.78 22.03 39.36
N ARG A 88 6.28 20.82 39.67
CA ARG A 88 6.28 19.75 38.68
C ARG A 88 5.46 20.13 37.46
N ALA A 89 4.26 20.67 37.69
CA ALA A 89 3.40 21.06 36.57
C ALA A 89 4.02 22.18 35.75
N VAL A 90 4.61 23.18 36.42
CA VAL A 90 5.21 24.29 35.70
C VAL A 90 6.42 23.82 34.88
N LEU A 91 7.26 22.97 35.47
CA LEU A 91 8.41 22.44 34.75
C LEU A 91 7.97 21.63 33.54
N HIS A 92 6.95 20.79 33.71
CA HIS A 92 6.47 19.98 32.60
C HIS A 92 5.86 20.84 31.49
N LEU A 93 5.16 21.92 31.86
CA LEU A 93 4.63 22.81 30.86
C LEU A 93 5.73 23.55 30.11
N LEU A 94 6.75 24.01 30.83
CA LEU A 94 7.84 24.76 30.18
C LEU A 94 8.68 23.85 29.30
N LEU A 95 8.90 22.60 29.72
CA LEU A 95 9.78 21.70 28.98
C LEU A 95 9.18 21.20 27.68
N SER A 96 7.89 21.43 27.44
CA SER A 96 7.22 20.90 26.27
C SER A 96 7.00 21.94 25.17
N VAL A 97 7.50 23.16 25.34
CA VAL A 97 7.28 24.22 24.35
C VAL A 97 8.22 24.04 23.16
N PRO A 98 9.54 23.93 23.32
CA PRO A 98 10.41 23.89 22.15
C PRO A 98 10.29 22.61 21.33
N ALA A 99 9.68 21.57 21.88
CA ALA A 99 9.59 20.29 21.18
C ALA A 99 8.33 20.16 20.32
N GLY A 100 7.51 21.21 20.25
CA GLY A 100 6.28 21.15 19.48
C GLY A 100 6.37 21.81 18.12
N PHE A 101 7.58 22.03 17.62
CA PHE A 101 7.78 22.70 16.34
C PHE A 101 7.95 21.73 15.18
N LEU A 102 7.80 20.43 15.41
CA LEU A 102 7.96 19.43 14.37
C LEU A 102 6.73 18.53 14.33
N LEU A 103 6.47 17.94 13.16
CA LEU A 103 5.44 16.91 13.08
C LEU A 103 5.83 15.71 13.93
N ALA A 104 7.10 15.34 13.91
CA ALA A 104 7.61 14.40 14.90
C ALA A 104 7.62 15.06 16.27
N THR A 105 7.45 14.24 17.30
CA THR A 105 7.36 14.66 18.69
C THR A 105 6.19 15.61 18.95
N ILE A 106 5.26 15.74 18.01
CA ILE A 106 4.07 16.56 18.26
C ILE A 106 3.16 15.87 19.27
N LEU A 107 3.20 14.53 19.32
CA LEU A 107 2.48 13.81 20.37
C LEU A 107 3.18 13.91 21.72
N GLY A 108 4.50 14.12 21.71
CA GLY A 108 5.22 14.30 22.96
C GLY A 108 4.84 15.57 23.69
N THR A 109 4.51 16.64 22.96
CA THR A 109 4.18 17.91 23.56
C THR A 109 2.69 18.08 23.86
N ALA A 110 1.88 17.05 23.59
CA ALA A 110 0.47 17.06 23.95
C ALA A 110 0.17 16.15 25.13
N CYS A 111 0.70 14.92 25.11
CA CYS A 111 0.53 14.02 26.24
C CYS A 111 1.18 14.60 27.49
N LEU A 112 2.35 15.22 27.33
CA LEU A 112 3.05 15.80 28.47
C LEU A 112 2.31 17.03 29.00
N ALA A 113 1.67 17.79 28.11
CA ALA A 113 0.82 18.89 28.56
C ALA A 113 -0.40 18.38 29.33
N ILE A 114 -0.98 17.27 28.87
CA ILE A 114 -2.09 16.66 29.60
C ILE A 114 -1.63 16.19 30.97
N ALA A 115 -0.43 15.60 31.04
CA ALA A 115 0.12 15.20 32.33
C ALA A 115 0.33 16.40 33.24
N SER A 116 0.79 17.52 32.69
CA SER A 116 0.96 18.72 33.50
C SER A 116 -0.38 19.22 34.02
N GLY A 117 -1.41 19.18 33.17
CA GLY A 117 -2.74 19.58 33.65
C GLY A 117 -3.25 18.70 34.77
N ILE A 118 -3.08 17.39 34.63
CA ILE A 118 -3.51 16.48 35.70
C ILE A 118 -2.69 16.73 36.97
N TYR A 119 -1.41 17.03 36.81
CA TYR A 119 -0.56 17.33 37.96
C TYR A 119 -1.05 18.58 38.67
N LEU A 120 -1.43 19.61 37.91
CA LEU A 120 -1.99 20.82 38.51
C LEU A 120 -3.29 20.52 39.25
N LEU A 121 -4.14 19.69 38.65
CA LEU A 121 -5.39 19.31 39.31
C LEU A 121 -5.13 18.59 40.62
N ALA A 122 -4.14 17.69 40.64
CA ALA A 122 -3.77 17.05 41.89
C ALA A 122 -3.16 18.03 42.87
N ALA A 123 -2.49 19.08 42.36
CA ALA A 123 -1.82 20.02 43.24
C ALA A 123 -2.80 20.95 43.95
N VAL A 124 -3.83 21.42 43.24
CA VAL A 124 -4.74 22.40 43.84
C VAL A 124 -5.52 21.76 44.99
N ARG A 125 -5.87 20.48 44.86
CA ARG A 125 -6.52 19.78 45.97
C ARG A 125 -5.63 19.72 47.21
N GLY A 126 -4.32 19.78 47.02
CA GLY A 126 -3.37 19.75 48.12
C GLY A 126 -2.72 18.40 48.27
N GLU A 127 -1.52 18.25 47.71
CA GLU A 127 -0.79 16.99 47.73
C GLU A 127 0.69 17.29 47.72
N GLN A 128 1.48 16.31 48.14
CA GLN A 128 2.94 16.43 48.15
C GLN A 128 3.55 15.09 47.81
N TRP A 129 4.76 15.14 47.25
CA TRP A 129 5.49 13.92 46.89
C TRP A 129 6.15 13.37 48.14
N THR A 130 5.45 12.48 48.83
CA THR A 130 6.00 11.85 50.02
C THR A 130 6.92 10.71 49.61
N PRO A 131 8.20 10.73 49.98
CA PRO A 131 9.11 9.65 49.58
C PRO A 131 8.71 8.33 50.20
N ILE A 132 9.02 7.25 49.49
CA ILE A 132 8.64 5.89 49.89
C ILE A 132 9.89 5.16 50.35
N GLU A 133 9.86 4.66 51.58
CA GLU A 133 10.96 3.90 52.15
C GLU A 133 10.52 3.19 53.44
N VAL B 1 -16.22 -11.29 28.73
CA VAL B 1 -15.63 -11.20 27.41
C VAL B 1 -14.98 -12.54 27.02
N ASN B 2 -14.95 -12.82 25.71
CA ASN B 2 -14.49 -14.10 25.21
C ASN B 2 -12.96 -14.23 25.32
N GLU B 3 -12.50 -15.47 25.22
CA GLU B 3 -11.09 -15.84 25.30
C GLU B 3 -10.96 -17.28 24.79
N GLY B 4 -9.72 -17.77 24.77
CA GLY B 4 -9.46 -19.09 24.22
C GLY B 4 -8.93 -20.09 25.22
N LEU B 5 -8.20 -19.61 26.24
CA LEU B 5 -7.65 -20.45 27.30
C LEU B 5 -6.79 -21.59 26.76
N SER B 6 -6.02 -21.31 25.72
CA SER B 6 -5.23 -22.35 25.09
C SER B 6 -3.93 -21.78 24.57
N ILE B 7 -2.83 -22.52 24.78
CA ILE B 7 -1.56 -22.17 24.17
C ILE B 7 -1.63 -22.32 22.65
N PHE B 8 -2.38 -23.32 22.18
CA PHE B 8 -2.55 -23.51 20.74
C PHE B 8 -3.21 -22.29 20.11
N VAL B 9 -4.22 -21.72 20.78
CA VAL B 9 -4.89 -20.53 20.26
C VAL B 9 -3.92 -19.37 20.18
N ILE B 10 -3.10 -19.18 21.20
CA ILE B 10 -2.13 -18.09 21.20
C ILE B 10 -1.13 -18.27 20.05
N LEU B 11 -0.64 -19.50 19.87
CA LEU B 11 0.31 -19.76 18.79
C LEU B 11 -0.30 -19.50 17.43
N VAL B 12 -1.54 -19.95 17.21
CA VAL B 12 -2.17 -19.73 15.91
C VAL B 12 -2.48 -18.25 15.71
N TRP B 13 -2.77 -17.52 16.78
CA TRP B 13 -2.99 -16.08 16.66
C TRP B 13 -1.71 -15.36 16.23
N LEU B 14 -0.59 -15.70 16.87
CA LEU B 14 0.68 -15.10 16.48
C LEU B 14 1.04 -15.44 15.04
N GLY B 15 0.84 -16.71 14.66
CA GLY B 15 1.09 -17.10 13.29
C GLY B 15 0.24 -16.34 12.28
N LEU B 16 -1.05 -16.16 12.61
CA LEU B 16 -1.93 -15.42 11.72
C LEU B 16 -1.49 -13.96 11.59
N ASN B 17 -1.09 -13.34 12.70
CA ASN B 17 -0.63 -11.95 12.63
C ASN B 17 0.61 -11.83 11.75
N VAL B 18 1.57 -12.73 11.95
CA VAL B 18 2.81 -12.69 11.16
C VAL B 18 2.49 -12.91 9.68
N PHE B 19 1.62 -13.88 9.39
CA PHE B 19 1.27 -14.16 8.00
C PHE B 19 0.59 -12.97 7.34
N LEU B 20 -0.34 -12.32 8.06
CA LEU B 20 -1.02 -11.16 7.50
C LEU B 20 -0.03 -10.04 7.21
N PHE B 21 0.88 -9.78 8.15
CA PHE B 21 1.86 -8.72 7.93
C PHE B 21 2.73 -9.01 6.71
N VAL B 22 3.26 -10.23 6.62
CA VAL B 22 4.14 -10.57 5.50
C VAL B 22 3.37 -10.52 4.18
N TRP B 23 2.15 -11.05 4.16
CA TRP B 23 1.37 -11.09 2.93
C TRP B 23 1.06 -9.69 2.42
N TYR B 24 0.64 -8.79 3.32
CA TYR B 24 0.31 -7.45 2.86
C TYR B 24 1.58 -6.67 2.48
N TYR B 25 2.70 -6.91 3.18
CA TYR B 25 3.95 -6.29 2.78
C TYR B 25 4.32 -6.69 1.36
N ARG B 26 4.26 -7.98 1.05
CA ARG B 26 4.56 -8.43 -0.31
C ARG B 26 3.57 -7.86 -1.31
N VAL B 27 2.28 -7.83 -0.95
CA VAL B 27 1.25 -7.39 -1.88
C VAL B 27 1.43 -5.92 -2.24
N TYR B 28 1.88 -5.11 -1.28
CA TYR B 28 2.09 -3.69 -1.57
C TYR B 28 3.51 -3.34 -1.99
N ASP B 29 4.43 -4.31 -1.97
CA ASP B 29 5.79 -4.02 -2.40
C ASP B 29 6.14 -4.57 -3.78
N ILE B 30 5.60 -5.72 -4.15
CA ILE B 30 6.02 -6.42 -5.37
C ILE B 30 5.43 -5.84 -6.65
N PRO B 31 4.11 -5.68 -6.78
CA PRO B 31 3.54 -5.47 -8.11
C PRO B 31 4.03 -4.18 -8.74
N PRO B 32 4.07 -4.13 -10.08
CA PRO B 32 4.50 -2.90 -10.75
C PRO B 32 3.45 -1.80 -10.77
N LYS B 33 2.23 -2.08 -10.31
CA LYS B 33 1.23 -1.01 -10.20
C LYS B 33 1.70 0.05 -9.20
N PHE B 34 2.27 -0.37 -8.08
CA PHE B 34 2.85 0.56 -7.11
C PHE B 34 4.35 0.71 -7.38
N PHE B 35 4.65 1.28 -8.55
CA PHE B 35 6.03 1.53 -8.96
C PHE B 35 6.43 2.98 -8.71
N TYR B 36 5.70 3.93 -9.33
CA TYR B 36 6.02 5.33 -9.13
C TYR B 36 5.76 5.75 -7.68
N THR B 37 4.69 5.25 -7.08
CA THR B 37 4.38 5.57 -5.70
C THR B 37 5.52 5.14 -4.78
N ARG B 38 5.95 3.88 -4.88
CA ARG B 38 7.03 3.43 -4.02
C ARG B 38 8.36 4.06 -4.42
N LYS B 39 8.52 4.42 -5.70
CA LYS B 39 9.72 5.15 -6.10
C LYS B 39 9.81 6.49 -5.37
N LEU B 40 8.68 7.18 -5.24
CA LEU B 40 8.69 8.46 -4.52
C LEU B 40 8.80 8.26 -3.01
N LEU B 41 8.18 7.20 -2.48
CA LEU B 41 8.02 7.04 -1.04
C LEU B 41 9.05 6.11 -0.40
N GLY B 42 10.00 5.59 -1.16
CA GLY B 42 10.97 4.71 -0.53
C GLY B 42 10.33 3.39 -0.13
N SER B 43 10.84 2.81 0.94
CA SER B 43 10.30 1.57 1.49
C SER B 43 9.22 1.81 2.54
N ALA B 44 8.85 3.06 2.78
CA ALA B 44 7.88 3.37 3.83
C ALA B 44 6.46 2.93 3.48
N LEU B 45 6.16 2.74 2.19
CA LEU B 45 4.78 2.45 1.79
C LEU B 45 4.30 1.13 2.38
N ALA B 46 5.06 0.05 2.19
CA ALA B 46 4.66 -1.25 2.71
C ALA B 46 4.75 -1.29 4.23
N LEU B 47 5.82 -0.72 4.79
CA LEU B 47 5.99 -0.65 6.24
C LEU B 47 4.88 0.14 6.91
N ALA B 48 4.18 0.98 6.16
CA ALA B 48 3.06 1.74 6.69
C ALA B 48 1.71 1.10 6.41
N ARG B 49 1.60 0.31 5.34
CA ARG B 49 0.30 -0.24 4.99
C ARG B 49 0.05 -1.61 5.61
N ALA B 50 1.06 -2.47 5.72
CA ALA B 50 0.85 -3.77 6.36
C ALA B 50 0.41 -3.67 7.81
N PRO B 51 1.03 -2.84 8.66
CA PRO B 51 0.54 -2.72 10.04
C PRO B 51 -0.91 -2.31 10.14
N ALA B 52 -1.41 -1.48 9.21
CA ALA B 52 -2.83 -1.16 9.21
C ALA B 52 -3.68 -2.40 8.97
N ALA B 53 -3.23 -3.26 8.04
CA ALA B 53 -3.95 -4.49 7.75
C ALA B 53 -4.03 -5.39 8.98
N CYS B 54 -2.92 -5.52 9.71
CA CYS B 54 -2.97 -6.33 10.93
C CYS B 54 -3.77 -5.65 12.03
N LEU B 55 -3.69 -4.32 12.10
CA LEU B 55 -4.37 -3.58 13.16
C LEU B 55 -5.88 -3.65 13.02
N ASN B 56 -6.39 -3.68 11.78
CA ASN B 56 -7.83 -3.82 11.60
C ASN B 56 -8.34 -5.12 12.23
N PHE B 57 -7.64 -6.23 11.95
CA PHE B 57 -8.02 -7.52 12.51
C PHE B 57 -7.91 -7.52 14.03
N ASN B 58 -6.82 -6.96 14.56
CA ASN B 58 -6.66 -6.93 16.02
C ASN B 58 -7.75 -6.08 16.68
N CYS B 59 -8.09 -4.94 16.06
CA CYS B 59 -9.10 -4.05 16.64
C CYS B 59 -10.48 -4.71 16.61
N MET B 60 -10.80 -5.41 15.52
CA MET B 60 -12.06 -6.17 15.49
C MET B 60 -12.07 -7.25 16.55
N LEU B 61 -10.93 -7.92 16.76
CA LEU B 61 -10.84 -8.90 17.84
C LEU B 61 -11.13 -8.26 19.19
N ILE B 62 -10.63 -7.04 19.41
CA ILE B 62 -10.92 -6.33 20.66
C ILE B 62 -12.41 -6.04 20.77
N LEU B 63 -13.01 -5.55 19.68
CA LEU B 63 -14.38 -5.03 19.75
C LEU B 63 -15.44 -6.13 19.74
N LEU B 64 -15.09 -7.37 19.37
CA LEU B 64 -16.09 -8.41 19.16
C LEU B 64 -17.11 -8.59 20.29
N PRO B 65 -16.73 -8.60 21.57
CA PRO B 65 -17.75 -8.82 22.62
C PRO B 65 -18.87 -7.78 22.62
N VAL B 66 -18.54 -6.51 22.32
CA VAL B 66 -19.59 -5.50 22.29
C VAL B 66 -20.56 -5.75 21.14
N CYS B 67 -20.04 -6.20 20.00
CA CYS B 67 -20.92 -6.59 18.89
C CYS B 67 -21.79 -7.77 19.28
N ARG B 68 -21.24 -8.73 20.02
CA ARG B 68 -22.04 -9.85 20.50
C ARG B 68 -23.17 -9.36 21.41
N ASN B 69 -22.87 -8.42 22.30
CA ASN B 69 -23.88 -7.88 23.19
C ASN B 69 -24.96 -7.14 22.41
N LEU B 70 -24.57 -6.36 21.41
CA LEU B 70 -25.54 -5.64 20.59
C LEU B 70 -26.44 -6.62 19.83
N LEU B 71 -25.85 -7.66 19.26
CA LEU B 71 -26.66 -8.66 18.56
C LEU B 71 -27.63 -9.36 19.50
N SER B 72 -27.17 -9.67 20.72
CA SER B 72 -28.05 -10.27 21.71
C SER B 72 -29.21 -9.36 22.04
N PHE B 73 -28.94 -8.05 22.21
CA PHE B 73 -30.02 -7.11 22.45
C PHE B 73 -31.00 -7.07 21.28
N LEU B 74 -30.46 -7.11 20.06
CA LEU B 74 -31.33 -7.09 18.88
C LEU B 74 -32.24 -8.31 18.82
N ARG B 75 -31.69 -9.49 19.13
CA ARG B 75 -32.49 -10.71 19.05
C ARG B 75 -33.60 -10.77 20.08
N GLY B 76 -33.47 -10.03 21.19
CA GLY B 76 -34.41 -10.15 22.28
C GLY B 76 -34.12 -11.25 23.26
N SER B 77 -33.03 -11.99 23.08
CA SER B 77 -32.61 -13.05 23.98
C SER B 77 -31.15 -12.84 24.35
N SER B 78 -30.63 -13.72 25.20
CA SER B 78 -29.24 -13.64 25.63
C SER B 78 -28.82 -14.99 26.18
N ALA B 79 -27.76 -15.56 25.60
CA ALA B 79 -27.28 -16.85 26.07
C ALA B 79 -26.78 -16.74 27.51
N CYS B 80 -27.06 -17.77 28.30
CA CYS B 80 -26.65 -17.77 29.70
C CYS B 80 -25.13 -17.70 29.81
N CYS B 81 -24.64 -16.61 30.38
CA CYS B 81 -23.20 -16.40 30.48
C CYS B 81 -22.58 -17.41 31.43
N SER B 82 -21.33 -17.80 31.13
CA SER B 82 -20.61 -18.74 31.95
C SER B 82 -20.29 -18.14 33.32
N THR B 83 -20.11 -19.02 34.30
CA THR B 83 -19.79 -18.60 35.65
C THR B 83 -18.33 -18.20 35.75
N ARG B 84 -17.91 -17.84 36.97
CA ARG B 84 -16.54 -17.41 37.24
C ARG B 84 -15.92 -18.32 38.28
N VAL B 85 -14.65 -18.69 38.04
CA VAL B 85 -13.91 -19.54 38.96
C VAL B 85 -12.56 -18.90 39.26
N ARG B 86 -12.42 -17.62 38.91
CA ARG B 86 -11.20 -16.84 39.13
C ARG B 86 -10.02 -17.39 38.33
N ARG B 87 -10.26 -18.45 37.56
CA ARG B 87 -9.30 -18.97 36.61
C ARG B 87 -9.75 -18.83 35.16
N GLN B 88 -11.03 -19.12 34.89
CA GLN B 88 -11.61 -18.77 33.61
C GLN B 88 -11.81 -17.27 33.46
N LEU B 89 -11.74 -16.51 34.56
CA LEU B 89 -11.85 -15.06 34.54
C LEU B 89 -10.48 -14.38 34.42
N ASP B 90 -9.54 -14.75 35.29
CA ASP B 90 -8.18 -14.19 35.21
C ASP B 90 -7.28 -14.98 34.26
N ARG B 91 -7.82 -15.37 33.08
CA ARG B 91 -7.04 -15.72 31.89
C ARG B 91 -7.55 -14.98 30.65
N ASN B 92 -8.83 -14.58 30.60
CA ASN B 92 -9.32 -13.72 29.52
C ASN B 92 -8.70 -12.34 29.57
N LEU B 93 -8.48 -11.82 30.78
CA LEU B 93 -7.82 -10.53 30.92
C LEU B 93 -6.40 -10.58 30.37
N THR B 94 -5.72 -11.71 30.51
CA THR B 94 -4.39 -11.85 29.91
C THR B 94 -4.45 -11.70 28.39
N PHE B 95 -5.43 -12.36 27.76
CA PHE B 95 -5.58 -12.24 26.32
C PHE B 95 -5.93 -10.81 25.92
N HIS B 96 -6.79 -10.16 26.70
CA HIS B 96 -7.12 -8.76 26.43
C HIS B 96 -5.87 -7.89 26.48
N LYS B 97 -5.03 -8.10 27.49
CA LYS B 97 -3.80 -7.32 27.62
C LYS B 97 -2.87 -7.56 26.44
N MET B 98 -2.69 -8.82 26.04
CA MET B 98 -1.79 -9.11 24.92
C MET B 98 -2.30 -8.48 23.62
N VAL B 99 -3.61 -8.57 23.38
CA VAL B 99 -4.16 -7.98 22.15
C VAL B 99 -3.99 -6.46 22.18
N ALA B 100 -4.24 -5.83 23.33
CA ALA B 100 -4.07 -4.39 23.42
C ALA B 100 -2.63 -3.98 23.18
N TRP B 101 -1.67 -4.71 23.75
CA TRP B 101 -0.27 -4.36 23.57
C TRP B 101 0.17 -4.56 22.12
N MET B 102 -0.32 -5.61 21.46
CA MET B 102 0.02 -5.79 20.06
C MET B 102 -0.59 -4.70 19.19
N ILE B 103 -1.81 -4.27 19.51
CA ILE B 103 -2.40 -3.12 18.83
C ILE B 103 -1.53 -1.90 19.01
N ALA B 104 -1.03 -1.67 20.22
CA ALA B 104 -0.18 -0.51 20.47
C ALA B 104 1.11 -0.58 19.66
N LEU B 105 1.73 -1.76 19.60
CA LEU B 105 2.97 -1.91 18.84
C LEU B 105 2.74 -1.63 17.36
N HIS B 106 1.67 -2.21 16.79
CA HIS B 106 1.42 -2.01 15.37
C HIS B 106 1.04 -0.57 15.07
N SER B 107 0.31 0.07 15.97
CA SER B 107 -0.01 1.49 15.81
C SER B 107 1.25 2.33 15.84
N ALA B 108 2.20 2.00 16.72
CA ALA B 108 3.46 2.73 16.77
C ALA B 108 4.22 2.58 15.46
N ILE B 109 4.28 1.36 14.91
CA ILE B 109 4.99 1.15 13.66
C ILE B 109 4.34 1.95 12.53
N HIS B 110 3.00 1.88 12.44
CA HIS B 110 2.29 2.58 11.38
C HIS B 110 2.47 4.09 11.50
N THR B 111 2.37 4.62 12.72
CA THR B 111 2.53 6.06 12.92
C THR B 111 3.93 6.51 12.56
N ILE B 112 4.96 5.75 12.96
CA ILE B 112 6.33 6.12 12.62
C ILE B 112 6.52 6.11 11.10
N ALA B 113 6.00 5.08 10.44
CA ALA B 113 6.19 4.97 9.00
C ALA B 113 5.51 6.14 8.26
N HIS B 114 4.29 6.49 8.66
CA HIS B 114 3.62 7.61 7.99
C HIS B 114 4.24 8.95 8.36
N LEU B 115 4.76 9.09 9.57
CA LEU B 115 5.48 10.29 9.93
C LEU B 115 6.72 10.47 9.07
N PHE B 116 7.42 9.36 8.79
CA PHE B 116 8.54 9.41 7.86
C PHE B 116 8.06 9.75 6.45
N ASN B 117 6.94 9.17 6.03
CA ASN B 117 6.45 9.33 4.67
C ASN B 117 6.05 10.78 4.38
N VAL B 118 5.40 11.43 5.36
CA VAL B 118 4.89 12.78 5.13
C VAL B 118 6.04 13.75 4.89
N GLU B 119 7.17 13.55 5.56
CA GLU B 119 8.32 14.43 5.36
C GLU B 119 8.79 14.38 3.91
N TRP B 120 8.98 13.18 3.37
CA TRP B 120 9.39 13.07 1.98
C TRP B 120 8.34 13.62 1.03
N CYS B 121 7.06 13.36 1.32
CA CYS B 121 6.00 13.83 0.44
C CYS B 121 5.97 15.36 0.37
N VAL B 122 6.12 16.04 1.50
CA VAL B 122 6.10 17.49 1.50
C VAL B 122 7.45 18.09 1.10
N ASN B 123 8.53 17.31 1.16
CA ASN B 123 9.82 17.78 0.70
C ASN B 123 9.91 17.74 -0.82
N ALA B 124 9.31 16.72 -1.44
CA ALA B 124 9.34 16.61 -2.89
C ALA B 124 8.52 17.69 -3.59
N ARG B 125 7.47 18.18 -2.94
CA ARG B 125 6.66 19.24 -3.54
C ARG B 125 7.48 20.49 -3.80
N VAL B 126 8.29 20.89 -2.83
CA VAL B 126 9.18 22.03 -2.98
C VAL B 126 10.44 21.57 -3.69
N ASN B 127 11.27 22.53 -4.12
CA ASN B 127 12.43 22.28 -4.97
C ASN B 127 13.62 21.85 -4.11
N ASN B 128 13.42 20.75 -3.37
CA ASN B 128 14.37 20.33 -2.35
C ASN B 128 14.57 18.83 -2.35
N SER B 129 14.51 18.20 -3.53
CA SER B 129 14.72 16.76 -3.62
C SER B 129 15.40 16.45 -4.95
N ASP B 130 15.56 15.16 -5.24
CA ASP B 130 16.14 14.74 -6.50
C ASP B 130 15.20 15.10 -7.65
N PRO B 131 15.73 15.27 -8.87
CA PRO B 131 14.88 15.73 -9.98
C PRO B 131 13.71 14.82 -10.29
N TYR B 132 13.86 13.50 -10.14
CA TYR B 132 12.76 12.60 -10.45
C TYR B 132 11.58 12.82 -9.49
N SER B 133 11.85 12.98 -8.20
CA SER B 133 10.77 13.16 -7.24
C SER B 133 10.02 14.47 -7.48
N VAL B 134 10.74 15.56 -7.74
CA VAL B 134 10.06 16.83 -7.98
C VAL B 134 9.32 16.80 -9.31
N ALA B 135 9.86 16.09 -10.31
CA ALA B 135 9.14 15.93 -11.57
C ALA B 135 7.85 15.15 -11.38
N LEU B 136 7.89 14.10 -10.56
CA LEU B 136 6.68 13.32 -10.31
C LEU B 136 5.66 14.10 -9.50
N SER B 137 6.13 14.89 -8.52
CA SER B 137 5.22 15.58 -7.62
C SER B 137 4.43 16.67 -8.33
N GLU B 138 5.01 17.29 -9.36
CA GLU B 138 4.34 18.37 -10.07
C GLU B 138 3.36 17.82 -11.11
N LEU B 139 2.37 17.09 -10.61
CA LEU B 139 1.29 16.54 -11.41
C LEU B 139 -0.04 16.99 -10.83
N GLY B 140 -1.04 17.11 -11.70
CA GLY B 140 -2.36 17.55 -11.28
C GLY B 140 -2.54 19.04 -11.21
N ASP B 141 -1.52 19.84 -11.56
CA ASP B 141 -1.67 21.29 -11.59
C ASP B 141 -2.53 21.76 -12.75
N ARG B 142 -2.81 20.91 -13.72
CA ARG B 142 -3.64 21.24 -14.87
C ARG B 142 -4.84 20.29 -14.92
N GLN B 143 -5.62 20.38 -15.99
CA GLN B 143 -6.80 19.56 -16.14
C GLN B 143 -6.45 18.22 -16.78
N ASN B 144 -7.37 17.27 -16.64
CA ASN B 144 -7.24 15.93 -17.21
C ASN B 144 -5.98 15.22 -16.71
N GLU B 145 -5.78 15.29 -15.40
CA GLU B 145 -4.66 14.59 -14.76
C GLU B 145 -4.95 14.46 -13.27
N SER B 146 -4.49 13.36 -12.67
CA SER B 146 -4.67 13.08 -11.26
C SER B 146 -3.32 13.11 -10.56
N TYR B 147 -3.26 13.74 -9.40
CA TYR B 147 -2.00 13.91 -8.69
C TYR B 147 -1.56 12.59 -8.06
N LEU B 148 -0.31 12.56 -7.63
CA LEU B 148 0.25 11.45 -6.88
C LEU B 148 0.77 11.85 -5.52
N ASN B 149 1.35 13.04 -5.39
CA ASN B 149 1.80 13.56 -4.11
C ASN B 149 0.64 14.33 -3.47
N PHE B 150 0.20 13.87 -2.30
CA PHE B 150 -0.98 14.45 -1.69
C PHE B 150 -0.74 15.82 -1.08
N ALA B 151 0.53 16.20 -0.87
CA ALA B 151 0.87 17.50 -0.30
C ALA B 151 0.82 18.53 -1.42
N ARG B 152 -0.39 18.95 -1.76
CA ARG B 152 -0.63 19.88 -2.86
C ARG B 152 -0.57 21.33 -2.40
N LYS B 153 0.52 21.68 -1.70
CA LYS B 153 0.76 23.06 -1.27
C LYS B 153 2.21 23.20 -0.82
N ARG B 154 2.90 24.22 -1.32
CA ARG B 154 4.32 24.41 -1.07
C ARG B 154 4.50 25.47 0.01
N ILE B 155 4.92 25.04 1.20
CA ILE B 155 5.19 25.98 2.29
C ILE B 155 6.62 25.85 2.76
N LYS B 156 6.96 24.69 3.33
CA LYS B 156 8.27 24.40 3.89
C LYS B 156 8.22 22.99 4.45
N ASN B 157 9.41 22.41 4.74
CA ASN B 157 9.43 21.08 5.33
C ASN B 157 9.06 21.13 6.82
N PRO B 158 9.70 21.95 7.65
CA PRO B 158 9.15 22.17 9.00
C PRO B 158 7.95 23.09 8.92
N GLU B 159 6.96 22.81 9.77
CA GLU B 159 5.68 23.53 9.83
C GLU B 159 4.83 23.17 8.61
N GLY B 160 5.41 22.45 7.65
CA GLY B 160 4.61 21.91 6.56
C GLY B 160 3.84 20.68 6.97
N GLY B 161 4.50 19.78 7.72
CA GLY B 161 3.80 18.64 8.27
C GLY B 161 2.75 19.04 9.28
N LEU B 162 2.99 20.09 10.05
CA LEU B 162 1.98 20.58 10.99
C LEU B 162 0.73 21.04 10.26
N TYR B 163 0.89 21.76 9.15
CA TYR B 163 -0.27 22.18 8.38
C TYR B 163 -0.94 20.99 7.70
N LEU B 164 -0.15 20.03 7.23
CA LEU B 164 -0.71 18.87 6.56
C LEU B 164 -1.55 18.03 7.52
N ALA B 165 -1.08 17.86 8.75
CA ALA B 165 -1.78 17.02 9.72
C ALA B 165 -3.07 17.65 10.22
N VAL B 166 -3.30 18.93 9.96
CA VAL B 166 -4.48 19.64 10.44
C VAL B 166 -5.46 19.90 9.32
N THR B 167 -4.99 20.38 8.16
CA THR B 167 -5.87 20.73 7.07
C THR B 167 -6.36 19.52 6.28
N LEU B 168 -5.82 18.33 6.56
CA LEU B 168 -6.11 17.15 5.75
C LEU B 168 -6.70 16.06 6.64
N LEU B 169 -7.77 15.43 6.15
CA LEU B 169 -8.40 14.34 6.88
C LEU B 169 -7.45 13.14 6.96
N ALA B 170 -7.75 12.24 7.90
CA ALA B 170 -6.93 11.10 8.27
C ALA B 170 -5.61 11.50 8.91
N GLY B 171 -5.37 12.79 9.11
CA GLY B 171 -4.23 13.26 9.87
C GLY B 171 -4.65 13.80 11.21
N ILE B 172 -5.76 14.54 11.23
CA ILE B 172 -6.33 15.01 12.50
C ILE B 172 -6.93 13.85 13.28
N THR B 173 -7.66 12.96 12.60
CA THR B 173 -8.22 11.79 13.28
C THR B 173 -7.12 10.86 13.78
N GLY B 174 -5.99 10.79 13.06
CA GLY B 174 -4.88 10.00 13.54
C GLY B 174 -4.35 10.49 14.88
N VAL B 175 -4.18 11.81 15.00
CA VAL B 175 -3.73 12.39 16.27
C VAL B 175 -4.77 12.15 17.36
N VAL B 176 -6.05 12.34 17.03
CA VAL B 176 -7.10 12.17 18.03
C VAL B 176 -7.12 10.73 18.55
N ILE B 177 -7.04 9.76 17.65
CA ILE B 177 -7.15 8.37 18.08
C ILE B 177 -5.87 7.89 18.75
N THR B 178 -4.69 8.42 18.36
CA THR B 178 -3.48 8.01 19.09
C THR B 178 -3.48 8.61 20.50
N LEU B 179 -3.99 9.83 20.66
CA LEU B 179 -4.16 10.38 22.00
C LEU B 179 -5.14 9.54 22.81
N CYS B 180 -6.25 9.12 22.19
CA CYS B 180 -7.21 8.29 22.89
C CYS B 180 -6.61 6.96 23.31
N LEU B 181 -5.81 6.34 22.43
CA LEU B 181 -5.16 5.08 22.76
C LEU B 181 -4.17 5.26 23.90
N ILE B 182 -3.38 6.33 23.87
CA ILE B 182 -2.43 6.58 24.95
C ILE B 182 -3.17 6.76 26.27
N LEU B 183 -4.24 7.55 26.26
CA LEU B 183 -5.01 7.76 27.49
C LEU B 183 -5.62 6.46 28.00
N ILE B 184 -6.16 5.64 27.10
CA ILE B 184 -6.76 4.37 27.50
C ILE B 184 -5.72 3.46 28.13
N ILE B 185 -4.54 3.35 27.50
CA ILE B 185 -3.51 2.45 28.03
C ILE B 185 -2.99 2.96 29.37
N THR B 186 -2.80 4.28 29.49
CA THR B 186 -2.29 4.83 30.74
C THR B 186 -3.29 4.69 31.87
N SER B 187 -4.59 4.86 31.58
CA SER B 187 -5.61 4.80 32.61
C SER B 187 -5.71 3.42 33.23
N SER B 188 -5.60 2.37 32.41
CA SER B 188 -5.80 1.00 32.88
C SER B 188 -4.57 0.41 33.56
N THR B 189 -3.61 1.23 33.97
CA THR B 189 -2.42 0.72 34.63
C THR B 189 -2.75 0.24 36.04
N LYS B 190 -1.90 -0.63 36.56
CA LYS B 190 -2.04 -1.10 37.93
C LYS B 190 -1.84 0.07 38.90
N THR B 191 -2.44 -0.06 40.09
CA THR B 191 -2.47 0.95 41.14
C THR B 191 -3.43 2.07 40.78
N ILE B 192 -3.98 2.00 39.56
CA ILE B 192 -5.08 2.86 39.17
C ILE B 192 -6.38 2.09 38.99
N ARG B 193 -6.32 0.89 38.42
CA ARG B 193 -7.50 0.03 38.29
C ARG B 193 -7.77 -0.77 39.54
N ARG B 194 -6.72 -1.28 40.19
CA ARG B 194 -6.91 -2.08 41.40
C ARG B 194 -7.44 -1.23 42.54
N SER B 195 -6.79 -0.10 42.82
CA SER B 195 -7.17 0.72 43.96
C SER B 195 -8.44 1.54 43.69
N TYR B 196 -8.61 2.01 42.46
CA TYR B 196 -9.70 2.92 42.12
C TYR B 196 -10.48 2.38 40.93
N PHE B 197 -11.76 2.73 40.88
CA PHE B 197 -12.61 2.38 39.76
C PHE B 197 -13.39 3.55 39.18
N GLU B 198 -13.53 4.66 39.92
CA GLU B 198 -14.20 5.83 39.37
C GLU B 198 -13.39 6.50 38.28
N VAL B 199 -12.08 6.32 38.26
CA VAL B 199 -11.23 6.90 37.23
C VAL B 199 -10.76 5.88 36.21
N PHE B 200 -10.91 4.59 36.48
CA PHE B 200 -10.52 3.58 35.49
C PHE B 200 -11.66 3.29 34.53
N TRP B 201 -12.84 2.95 35.06
CA TRP B 201 -13.97 2.60 34.20
C TRP B 201 -14.48 3.81 33.43
N TYR B 202 -14.55 4.97 34.10
CA TYR B 202 -15.06 6.17 33.43
C TYR B 202 -14.16 6.58 32.27
N THR B 203 -12.85 6.60 32.51
CA THR B 203 -11.91 7.02 31.47
C THR B 203 -11.75 5.96 30.39
N HIS B 204 -11.88 4.69 30.75
CA HIS B 204 -11.77 3.60 29.79
C HIS B 204 -12.86 3.66 28.72
N HIS B 205 -13.86 4.51 28.88
CA HIS B 205 -14.92 4.66 27.90
C HIS B 205 -14.56 5.64 26.79
N LEU B 206 -13.28 5.90 26.57
CA LEU B 206 -12.83 6.62 25.39
C LEU B 206 -12.78 5.74 24.17
N PHE B 207 -13.02 4.43 24.33
CA PHE B 207 -12.95 3.52 23.20
C PHE B 207 -14.04 3.80 22.17
N VAL B 208 -15.18 4.36 22.58
CA VAL B 208 -16.21 4.72 21.61
C VAL B 208 -15.70 5.81 20.67
N ILE B 209 -15.08 6.84 21.22
CA ILE B 209 -14.50 7.90 20.40
C ILE B 209 -13.36 7.35 19.56
N PHE B 210 -12.54 6.48 20.15
CA PHE B 210 -11.44 5.89 19.40
C PHE B 210 -11.93 5.10 18.19
N PHE B 211 -13.00 4.32 18.38
CA PHE B 211 -13.51 3.51 17.28
C PHE B 211 -14.21 4.36 16.23
N ILE B 212 -14.93 5.40 16.65
CA ILE B 212 -15.53 6.31 15.67
C ILE B 212 -14.45 7.00 14.84
N GLY B 213 -13.39 7.46 15.51
CA GLY B 213 -12.29 8.08 14.79
C GLY B 213 -11.59 7.12 13.86
N LEU B 214 -11.44 5.86 14.27
CA LEU B 214 -10.83 4.86 13.40
C LEU B 214 -11.70 4.59 12.17
N ALA B 215 -13.03 4.51 12.37
CA ALA B 215 -13.93 4.27 11.25
C ALA B 215 -13.89 5.42 10.26
N ILE B 216 -13.89 6.66 10.76
CA ILE B 216 -13.78 7.82 9.87
C ILE B 216 -12.39 7.89 9.25
N HIS B 217 -11.39 7.32 9.93
CA HIS B 217 -9.99 7.54 9.57
C HIS B 217 -9.69 7.03 8.17
N GLY B 218 -10.18 5.85 7.81
CA GLY B 218 -9.90 5.32 6.49
C GLY B 218 -10.93 5.81 5.49
N ALA B 219 -10.58 6.87 4.77
CA ALA B 219 -11.47 7.50 3.81
C ALA B 219 -10.64 8.43 2.94
N GLU B 220 -11.27 8.89 1.86
CA GLU B 220 -10.70 9.86 0.91
C GLU B 220 -9.61 9.23 0.05
N ARG B 221 -9.21 8.01 0.39
CA ARG B 221 -8.24 7.22 -0.38
C ARG B 221 -7.04 8.07 -0.80
N ILE B 222 -6.32 8.56 0.20
CA ILE B 222 -5.25 9.53 -0.05
C ILE B 222 -4.10 8.87 -0.80
N VAL B 223 -3.68 7.68 -0.38
CA VAL B 223 -2.60 6.99 -1.06
C VAL B 223 -3.13 6.42 -2.37
N ARG B 224 -2.48 6.75 -3.48
CA ARG B 224 -2.97 6.41 -4.80
C ARG B 224 -1.96 5.54 -5.54
N GLY B 225 -2.48 4.63 -6.37
CA GLY B 225 -1.66 3.82 -7.25
C GLY B 225 -2.14 3.96 -8.69
N GLN B 226 -1.31 3.49 -9.61
CA GLN B 226 -1.63 3.58 -11.02
C GLN B 226 -2.84 2.70 -11.35
N THR B 227 -3.77 3.25 -12.11
CA THR B 227 -4.97 2.51 -12.47
C THR B 227 -4.62 1.35 -13.41
N ALA B 228 -5.43 0.29 -13.33
CA ALA B 228 -5.20 -0.87 -14.17
C ALA B 228 -5.41 -0.54 -15.64
N GLU B 229 -6.41 0.29 -15.94
CA GLU B 229 -6.70 0.63 -17.34
C GLU B 229 -5.53 1.37 -17.99
N SER B 230 -4.98 2.37 -17.29
CA SER B 230 -3.89 3.15 -17.85
C SER B 230 -2.55 2.44 -17.78
N LEU B 231 -2.42 1.38 -16.97
CA LEU B 231 -1.15 0.68 -16.85
C LEU B 231 -0.75 0.02 -18.16
N ALA B 232 -1.70 -0.60 -18.85
CA ALA B 232 -1.38 -1.25 -20.12
C ALA B 232 -1.02 -0.22 -21.19
N VAL B 233 -1.71 0.91 -21.20
CA VAL B 233 -1.43 1.94 -22.20
C VAL B 233 -0.08 2.59 -21.95
N HIS B 234 0.27 2.80 -20.68
CA HIS B 234 1.49 3.55 -20.36
C HIS B 234 2.75 2.79 -20.77
N ASN B 235 2.76 1.46 -20.57
CA ASN B 235 3.92 0.63 -20.89
C ASN B 235 5.16 1.12 -20.12
N ILE B 236 5.06 0.97 -18.80
CA ILE B 236 5.93 1.67 -17.87
C ILE B 236 7.41 1.39 -18.09
N THR B 237 7.77 0.12 -18.36
CA THR B 237 9.20 -0.21 -18.41
C THR B 237 9.91 0.44 -19.59
N VAL B 238 9.18 1.01 -20.54
CA VAL B 238 9.77 1.79 -21.62
C VAL B 238 9.69 3.28 -21.34
N CYS B 239 8.52 3.76 -20.93
CA CYS B 239 8.31 5.18 -20.63
C CYS B 239 8.65 5.50 -19.18
N GLU B 240 9.85 5.11 -18.75
CA GLU B 240 10.31 5.32 -17.38
C GLU B 240 11.37 6.40 -17.29
N GLN B 241 12.35 6.42 -18.19
CA GLN B 241 13.39 7.43 -18.19
C GLN B 241 13.01 8.66 -19.00
N LYS B 242 11.90 8.62 -19.72
CA LYS B 242 11.40 9.79 -20.46
C LYS B 242 10.45 10.61 -19.61
N ILE B 243 10.90 10.98 -18.41
CA ILE B 243 10.05 11.71 -17.47
C ILE B 243 9.77 13.13 -17.95
N SER B 244 10.62 13.68 -18.81
CA SER B 244 10.48 15.06 -19.24
C SER B 244 9.63 15.22 -20.50
N GLU B 245 9.23 14.12 -21.14
CA GLU B 245 8.47 14.17 -22.38
C GLU B 245 7.11 13.48 -22.25
N TRP B 246 6.62 13.28 -21.04
CA TRP B 246 5.32 12.64 -20.85
C TRP B 246 4.21 13.52 -21.42
N GLY B 247 3.28 12.89 -22.12
CA GLY B 247 2.13 13.56 -22.71
C GLY B 247 2.40 14.21 -24.05
N LYS B 248 3.61 14.72 -24.26
CA LYS B 248 3.99 15.35 -25.51
C LYS B 248 4.43 14.36 -26.58
N ILE B 249 4.46 13.08 -26.26
CA ILE B 249 4.77 12.02 -27.22
C ILE B 249 3.68 10.97 -27.13
N LYS B 250 3.50 10.22 -28.22
CA LYS B 250 2.40 9.26 -28.28
C LYS B 250 2.68 8.01 -27.46
N GLU B 251 3.94 7.57 -27.42
CA GLU B 251 4.27 6.33 -26.72
C GLU B 251 4.12 6.45 -25.21
N CYS B 252 4.16 7.66 -24.67
CA CYS B 252 4.15 7.87 -23.22
C CYS B 252 3.06 8.86 -22.84
N PRO B 253 1.80 8.43 -22.84
CA PRO B 253 0.73 9.29 -22.32
C PRO B 253 0.87 9.47 -20.82
N ILE B 254 0.35 10.59 -20.33
CA ILE B 254 0.45 10.93 -18.91
C ILE B 254 -0.29 9.88 -18.09
N PRO B 255 0.37 9.24 -17.13
CA PRO B 255 -0.32 8.24 -16.31
C PRO B 255 -1.33 8.87 -15.38
N GLN B 256 -2.34 8.09 -15.03
CA GLN B 256 -3.40 8.52 -14.11
C GLN B 256 -3.44 7.56 -12.94
N PHE B 257 -3.57 8.11 -11.73
CA PHE B 257 -3.54 7.33 -10.50
C PHE B 257 -4.87 7.42 -9.78
N ALA B 258 -5.28 6.31 -9.17
CA ALA B 258 -6.53 6.25 -8.41
C ALA B 258 -6.26 5.51 -7.11
N GLY B 259 -7.14 5.74 -6.13
CA GLY B 259 -6.99 5.13 -4.83
C GLY B 259 -7.36 3.67 -4.81
N ASN B 260 -7.20 3.07 -3.63
CA ASN B 260 -7.54 1.67 -3.43
C ASN B 260 -9.06 1.48 -3.50
N PRO B 261 -9.52 0.27 -3.81
CA PRO B 261 -10.96 0.00 -3.78
C PRO B 261 -11.53 0.29 -2.40
N PRO B 262 -12.75 0.83 -2.33
CA PRO B 262 -13.27 1.35 -1.06
C PRO B 262 -13.98 0.34 -0.18
N MET B 263 -14.07 -0.94 -0.56
CA MET B 263 -14.83 -1.89 0.24
C MET B 263 -14.17 -3.26 0.33
N THR B 264 -12.92 -3.42 -0.08
CA THR B 264 -12.31 -4.74 -0.05
C THR B 264 -12.10 -5.18 1.41
N TRP B 265 -12.32 -6.48 1.65
CA TRP B 265 -12.15 -7.05 3.00
C TRP B 265 -11.48 -8.41 2.83
N LYS B 266 -10.15 -8.41 2.88
CA LYS B 266 -9.38 -9.64 2.85
C LYS B 266 -8.81 -10.02 4.20
N TRP B 267 -8.93 -9.16 5.21
CA TRP B 267 -8.42 -9.44 6.53
C TRP B 267 -9.41 -10.19 7.42
N ILE B 268 -10.60 -10.50 6.95
CA ILE B 268 -11.50 -11.21 7.83
C ILE B 268 -10.99 -12.62 8.00
N VAL B 269 -10.07 -12.99 7.14
CA VAL B 269 -9.61 -14.35 7.22
C VAL B 269 -9.18 -14.59 8.65
N GLY B 270 -8.61 -13.59 9.30
CA GLY B 270 -8.11 -13.81 10.62
C GLY B 270 -9.14 -14.12 11.66
N PRO B 271 -10.08 -13.23 11.83
CA PRO B 271 -11.06 -13.63 12.81
C PRO B 271 -11.65 -15.01 12.44
N MET B 272 -11.87 -15.29 11.16
CA MET B 272 -12.50 -16.59 10.90
C MET B 272 -11.64 -17.75 11.33
N PHE B 273 -10.36 -17.75 10.99
CA PHE B 273 -9.54 -18.83 11.46
C PHE B 273 -9.50 -18.90 12.98
N LEU B 274 -9.40 -17.80 13.68
CA LEU B 274 -9.38 -17.98 15.13
C LEU B 274 -10.66 -18.67 15.57
N TYR B 275 -11.82 -18.25 15.08
CA TYR B 275 -13.01 -18.95 15.57
C TYR B 275 -12.96 -20.42 15.25
N LEU B 276 -12.61 -20.77 14.03
CA LEU B 276 -12.63 -22.20 13.77
C LEU B 276 -11.64 -22.94 14.66
N CYS B 277 -10.47 -22.42 14.90
CA CYS B 277 -9.60 -23.15 15.81
C CYS B 277 -10.17 -23.27 17.21
N GLU B 278 -10.73 -22.23 17.77
CA GLU B 278 -11.33 -22.44 19.09
C GLU B 278 -12.35 -23.56 19.03
N ARG B 279 -13.22 -23.53 18.04
CA ARG B 279 -14.22 -24.60 18.07
C ARG B 279 -13.60 -25.98 17.91
N LEU B 280 -12.61 -26.15 17.05
CA LEU B 280 -12.00 -27.48 16.98
C LEU B 280 -11.31 -27.90 18.28
N VAL B 281 -10.73 -26.96 19.01
CA VAL B 281 -10.15 -27.31 20.30
C VAL B 281 -11.22 -27.80 21.20
N ARG B 282 -12.43 -27.28 21.08
CA ARG B 282 -13.44 -27.67 22.04
C ARG B 282 -13.91 -29.01 21.64
N PHE B 283 -13.89 -29.25 20.36
CA PHE B 283 -14.21 -30.60 19.94
C PHE B 283 -13.23 -31.61 20.40
N TRP B 284 -11.94 -31.40 20.24
CA TRP B 284 -11.05 -32.42 20.77
C TRP B 284 -11.26 -32.61 22.25
N ARG B 285 -11.27 -31.54 23.02
CA ARG B 285 -11.38 -31.70 24.47
C ARG B 285 -12.64 -32.41 24.89
N SER B 286 -13.62 -32.45 24.01
CA SER B 286 -14.81 -33.23 24.40
C SER B 286 -15.08 -34.59 23.74
N GLN B 287 -14.11 -35.15 23.07
CA GLN B 287 -14.40 -36.36 22.32
C GLN B 287 -13.83 -37.53 23.11
N GLN B 288 -12.82 -37.25 23.93
CA GLN B 288 -12.20 -38.28 24.73
C GLN B 288 -13.24 -38.94 25.63
N LYS B 289 -13.23 -40.26 25.67
CA LYS B 289 -14.21 -40.99 26.47
C LYS B 289 -13.80 -41.04 27.94
N VAL B 290 -14.70 -41.53 28.79
CA VAL B 290 -14.38 -41.66 30.21
C VAL B 290 -14.14 -43.12 30.56
N VAL B 291 -13.13 -43.40 31.37
CA VAL B 291 -12.80 -44.77 31.71
C VAL B 291 -13.03 -44.97 33.20
N ILE B 292 -13.82 -45.99 33.55
CA ILE B 292 -14.09 -46.27 34.95
C ILE B 292 -12.84 -46.86 35.59
N THR B 293 -12.45 -46.29 36.74
CA THR B 293 -11.27 -46.75 37.46
C THR B 293 -11.65 -47.63 38.64
N LYS B 294 -12.46 -47.12 39.56
CA LYS B 294 -12.85 -47.85 40.76
C LYS B 294 -14.35 -47.76 40.95
N VAL B 295 -14.99 -48.90 41.15
CA VAL B 295 -16.41 -48.98 41.48
C VAL B 295 -16.54 -49.66 42.84
N VAL B 296 -17.33 -49.05 43.73
CA VAL B 296 -17.47 -49.53 45.10
C VAL B 296 -18.96 -49.71 45.41
N THR B 297 -19.23 -50.49 46.45
CA THR B 297 -20.57 -50.70 46.94
C THR B 297 -20.76 -50.00 48.27
N HIS B 298 -22.01 -49.96 48.72
CA HIS B 298 -22.37 -49.26 49.95
C HIS B 298 -23.68 -49.85 50.44
N PRO B 299 -24.02 -49.65 51.73
CA PRO B 299 -25.28 -50.22 52.24
C PRO B 299 -26.48 -49.71 51.48
N PHE B 300 -27.48 -50.58 51.34
CA PHE B 300 -28.68 -50.32 50.53
C PHE B 300 -28.21 -50.12 49.10
N LYS B 301 -28.63 -49.07 48.40
CA LYS B 301 -28.21 -48.80 47.02
C LYS B 301 -27.57 -47.42 46.98
N THR B 302 -26.27 -47.37 47.24
CA THR B 302 -25.49 -46.14 47.18
C THR B 302 -24.18 -46.38 46.43
N ILE B 303 -24.29 -47.00 45.25
CA ILE B 303 -23.12 -47.36 44.47
C ILE B 303 -22.41 -46.09 44.03
N GLU B 304 -21.09 -46.04 44.25
CA GLU B 304 -20.27 -44.88 43.92
C GLU B 304 -19.23 -45.27 42.88
N LEU B 305 -19.07 -44.43 41.86
CA LEU B 305 -18.15 -44.68 40.76
C LEU B 305 -17.02 -43.66 40.78
N GLN B 306 -15.81 -44.12 40.48
CA GLN B 306 -14.62 -43.27 40.42
C GLN B 306 -13.99 -43.46 39.04
N MET B 307 -14.04 -42.40 38.21
CA MET B 307 -13.55 -42.47 36.84
C MET B 307 -12.55 -41.35 36.59
N LYS B 308 -11.66 -41.59 35.63
CA LYS B 308 -10.63 -40.62 35.27
C LYS B 308 -10.84 -40.20 33.81
N LYS B 309 -10.87 -38.89 33.57
CA LYS B 309 -11.03 -38.34 32.24
C LYS B 309 -9.96 -37.30 31.97
N LYS B 310 -9.42 -37.31 30.76
CA LYS B 310 -8.34 -36.40 30.40
C LYS B 310 -8.87 -34.99 30.22
N GLY B 311 -8.08 -34.01 30.70
CA GLY B 311 -8.41 -32.61 30.53
C GLY B 311 -9.68 -32.16 31.23
N PHE B 312 -9.83 -32.55 32.50
CA PHE B 312 -11.02 -32.22 33.28
C PHE B 312 -10.62 -31.38 34.50
N LYS B 313 -11.41 -30.35 34.77
CA LYS B 313 -11.23 -29.50 35.94
C LYS B 313 -12.47 -29.66 36.81
N MET B 314 -12.32 -30.42 37.89
CA MET B 314 -13.48 -30.76 38.73
C MET B 314 -14.08 -29.53 39.39
N GLU B 315 -13.25 -28.61 39.84
CA GLU B 315 -13.67 -27.41 40.60
C GLU B 315 -14.38 -27.90 41.86
N VAL B 316 -15.44 -27.22 42.32
CA VAL B 316 -16.12 -27.61 43.54
C VAL B 316 -17.55 -27.12 43.46
N GLY B 317 -18.48 -27.93 43.98
CA GLY B 317 -19.88 -27.54 44.02
C GLY B 317 -20.55 -27.47 42.67
N GLN B 318 -20.03 -28.19 41.68
CA GLN B 318 -20.57 -28.19 40.34
C GLN B 318 -21.45 -29.42 40.14
N TYR B 319 -21.94 -29.61 38.91
CA TYR B 319 -22.71 -30.79 38.57
C TYR B 319 -22.38 -31.21 37.15
N ILE B 320 -22.26 -32.51 36.93
CA ILE B 320 -21.92 -33.06 35.63
C ILE B 320 -23.11 -33.86 35.10
N PHE B 321 -22.98 -34.31 33.86
CA PHE B 321 -24.01 -35.10 33.20
C PHE B 321 -23.49 -36.51 32.94
N VAL B 322 -24.35 -37.50 33.17
CA VAL B 322 -24.00 -38.91 33.00
C VAL B 322 -24.97 -39.52 31.99
N LYS B 323 -24.42 -40.28 31.05
CA LYS B 323 -25.23 -40.90 29.99
C LYS B 323 -24.66 -42.28 29.68
N CYS B 324 -25.48 -43.31 29.82
CA CYS B 324 -25.09 -44.67 29.48
C CYS B 324 -25.84 -45.11 28.22
N PRO B 325 -25.18 -45.23 27.08
CA PRO B 325 -25.90 -45.62 25.85
C PRO B 325 -26.55 -46.98 25.93
N LYS B 326 -26.05 -47.89 26.77
CA LYS B 326 -26.66 -49.21 26.89
C LYS B 326 -28.06 -49.10 27.46
N VAL B 327 -28.24 -48.30 28.52
CA VAL B 327 -29.56 -48.14 29.12
C VAL B 327 -30.47 -47.32 28.21
N SER B 328 -29.96 -46.19 27.72
CA SER B 328 -30.71 -45.33 26.82
C SER B 328 -29.74 -44.47 26.04
N LYS B 329 -30.04 -44.24 24.77
CA LYS B 329 -29.13 -43.56 23.86
C LYS B 329 -29.39 -42.06 23.76
N LEU B 330 -30.37 -41.52 24.49
CA LEU B 330 -30.75 -40.12 24.32
C LEU B 330 -31.08 -39.44 25.65
N GLU B 331 -30.47 -39.87 26.75
CA GLU B 331 -30.79 -39.32 28.06
C GLU B 331 -29.51 -38.88 28.77
N TRP B 332 -29.53 -37.66 29.30
CA TRP B 332 -28.49 -37.14 30.17
C TRP B 332 -29.06 -36.94 31.57
N HIS B 333 -28.40 -37.51 32.57
CA HIS B 333 -28.85 -37.26 33.94
C HIS B 333 -27.84 -36.38 34.67
N PRO B 334 -28.31 -35.48 35.53
CA PRO B 334 -27.38 -34.63 36.29
C PRO B 334 -27.00 -35.25 37.62
N PHE B 335 -25.75 -35.04 38.02
CA PHE B 335 -25.24 -35.53 39.28
C PHE B 335 -24.24 -34.52 39.84
N THR B 336 -24.05 -34.58 41.16
CA THR B 336 -23.21 -33.62 41.86
C THR B 336 -21.86 -34.25 42.18
N LEU B 337 -20.79 -33.52 41.89
CA LEU B 337 -19.43 -34.00 42.13
C LEU B 337 -19.17 -34.08 43.63
N THR B 338 -19.10 -35.30 44.16
CA THR B 338 -18.75 -35.52 45.56
C THR B 338 -17.27 -35.82 45.71
N SER B 339 -16.43 -34.89 45.24
CA SER B 339 -14.99 -35.05 45.30
C SER B 339 -14.36 -33.70 45.60
N ALA B 340 -13.05 -33.64 45.45
CA ALA B 340 -12.25 -32.45 45.72
C ALA B 340 -11.36 -32.17 44.53
N PRO B 341 -10.96 -30.91 44.33
CA PRO B 341 -10.01 -30.60 43.25
C PRO B 341 -8.65 -31.25 43.47
N GLU B 342 -7.75 -31.09 42.49
CA GLU B 342 -6.40 -31.66 42.50
C GLU B 342 -6.39 -33.16 42.79
N GLU B 343 -7.54 -33.82 42.64
CA GLU B 343 -7.64 -35.27 42.68
C GLU B 343 -7.53 -35.79 41.25
N ASP B 344 -7.86 -37.06 41.04
CA ASP B 344 -7.91 -37.63 39.70
C ASP B 344 -9.27 -38.18 39.30
N PHE B 345 -10.06 -38.69 40.24
CA PHE B 345 -11.34 -39.29 39.89
C PHE B 345 -12.48 -38.26 40.02
N PHE B 346 -13.70 -38.74 39.82
CA PHE B 346 -14.91 -37.93 39.91
C PHE B 346 -15.69 -38.19 41.19
N SER B 347 -15.95 -39.47 41.50
CA SER B 347 -16.66 -39.87 42.72
C SER B 347 -18.04 -39.22 42.79
N ILE B 348 -18.88 -39.57 41.83
CA ILE B 348 -20.27 -39.14 41.82
C ILE B 348 -21.11 -40.19 42.53
N HIS B 349 -21.80 -39.78 43.60
CA HIS B 349 -22.59 -40.71 44.41
C HIS B 349 -24.00 -40.78 43.86
N ILE B 350 -24.38 -41.95 43.35
CA ILE B 350 -25.72 -42.19 42.85
C ILE B 350 -26.41 -43.18 43.76
N ARG B 351 -27.72 -43.02 43.93
CA ARG B 351 -28.53 -43.91 44.74
C ARG B 351 -29.77 -44.31 43.95
N ILE B 352 -30.12 -45.59 44.02
CA ILE B 352 -31.25 -46.09 43.23
C ILE B 352 -32.54 -45.50 43.80
N VAL B 353 -33.22 -44.70 42.99
CA VAL B 353 -34.48 -44.09 43.38
C VAL B 353 -35.49 -44.27 42.26
N GLY B 354 -35.03 -44.68 41.09
CA GLY B 354 -35.89 -44.84 39.94
C GLY B 354 -35.61 -46.07 39.10
N ASP B 355 -35.63 -45.92 37.79
CA ASP B 355 -35.42 -47.02 36.86
C ASP B 355 -34.11 -46.93 36.10
N TRP B 356 -33.73 -45.73 35.65
CA TRP B 356 -32.46 -45.57 34.94
C TRP B 356 -31.28 -45.94 35.83
N THR B 357 -31.32 -45.52 37.10
CA THR B 357 -30.27 -45.89 38.04
C THR B 357 -30.21 -47.40 38.22
N GLU B 358 -31.37 -48.06 38.29
CA GLU B 358 -31.41 -49.51 38.32
C GLU B 358 -30.89 -50.13 37.03
N GLY B 359 -30.82 -49.35 35.96
CA GLY B 359 -30.21 -49.83 34.73
C GLY B 359 -28.71 -50.03 34.81
N LEU B 360 -28.08 -49.51 35.87
CA LEU B 360 -26.67 -49.75 36.14
C LEU B 360 -26.46 -50.97 37.02
N PHE B 361 -27.53 -51.69 37.38
CA PHE B 361 -27.46 -52.90 38.19
C PHE B 361 -27.82 -54.15 37.40
N ASN B 362 -28.99 -54.17 36.76
CA ASN B 362 -29.39 -55.33 35.97
C ASN B 362 -28.56 -55.44 34.70
N ALA B 363 -28.40 -54.33 33.98
CA ALA B 363 -27.58 -54.36 32.77
C ALA B 363 -26.09 -54.42 33.12
N CYS B 364 -25.69 -53.71 34.16
CA CYS B 364 -24.30 -53.69 34.63
C CYS B 364 -24.25 -54.46 35.95
N GLY B 365 -23.98 -55.76 35.85
CA GLY B 365 -23.92 -56.59 37.03
C GLY B 365 -22.73 -56.25 37.92
N CYS B 366 -22.93 -56.44 39.23
CA CYS B 366 -21.89 -56.16 40.21
C CYS B 366 -21.16 -57.40 40.69
N ASP B 367 -21.84 -58.54 40.75
CA ASP B 367 -21.21 -59.78 41.19
C ASP B 367 -20.27 -60.33 40.12
N LYS B 376 -15.76 -54.72 30.66
CA LYS B 376 -17.04 -55.42 30.69
C LYS B 376 -18.09 -54.60 31.42
N LEU B 377 -17.97 -53.27 31.32
CA LEU B 377 -18.87 -52.34 31.97
C LEU B 377 -19.36 -51.32 30.96
N PRO B 378 -20.53 -50.73 31.19
CA PRO B 378 -21.07 -49.76 30.23
C PRO B 378 -20.14 -48.56 30.06
N LYS B 379 -20.09 -48.05 28.84
CA LYS B 379 -19.25 -46.91 28.50
C LYS B 379 -19.95 -45.63 28.94
N ILE B 380 -19.51 -45.08 30.06
CA ILE B 380 -20.12 -43.87 30.61
C ILE B 380 -19.53 -42.65 29.92
N ALA B 381 -20.39 -41.75 29.46
CA ALA B 381 -19.98 -40.51 28.83
C ALA B 381 -20.34 -39.35 29.74
N VAL B 382 -19.37 -38.47 30.01
CA VAL B 382 -19.54 -37.34 30.91
C VAL B 382 -19.45 -36.06 30.09
N ASP B 383 -20.42 -35.16 30.27
CA ASP B 383 -20.50 -33.96 29.44
C ASP B 383 -19.53 -32.89 29.89
N GLY B 384 -19.70 -32.38 31.12
CA GLY B 384 -18.82 -31.35 31.61
C GLY B 384 -19.25 -30.79 32.95
N PRO B 385 -18.37 -30.02 33.60
CA PRO B 385 -18.64 -29.43 34.92
C PRO B 385 -19.34 -28.06 34.88
N PHE B 386 -20.65 -28.09 34.68
CA PHE B 386 -21.44 -26.86 34.69
C PHE B 386 -21.76 -26.45 36.12
N GLY B 387 -22.41 -25.31 36.26
CA GLY B 387 -22.86 -24.84 37.56
C GLY B 387 -21.93 -23.79 38.16
N THR B 388 -22.49 -22.97 39.03
CA THR B 388 -21.72 -21.93 39.69
C THR B 388 -20.82 -22.51 40.77
N ALA B 389 -19.67 -21.87 40.96
CA ALA B 389 -18.69 -22.35 41.93
C ALA B 389 -19.10 -21.93 43.35
N SER B 390 -18.41 -22.52 44.33
CA SER B 390 -18.62 -22.19 45.74
C SER B 390 -17.24 -22.08 46.39
N GLU B 391 -16.68 -20.87 46.39
CA GLU B 391 -15.35 -20.64 46.93
C GLU B 391 -15.34 -19.64 48.07
N ASP B 392 -16.49 -19.04 48.41
CA ASP B 392 -16.54 -18.15 49.56
C ASP B 392 -16.23 -18.89 50.86
N VAL B 393 -16.49 -20.21 50.90
CA VAL B 393 -16.17 -21.00 52.08
C VAL B 393 -14.67 -21.00 52.33
N PHE B 394 -13.88 -21.19 51.27
CA PHE B 394 -12.43 -21.24 51.39
C PHE B 394 -11.81 -19.87 51.65
N SER B 395 -12.58 -18.78 51.51
CA SER B 395 -12.07 -17.43 51.69
C SER B 395 -12.52 -16.79 52.99
N TYR B 396 -12.99 -17.59 53.94
CA TYR B 396 -13.47 -17.10 55.23
C TYR B 396 -12.55 -17.61 56.34
N GLU B 397 -12.84 -17.16 57.57
CA GLU B 397 -12.10 -17.56 58.75
C GLU B 397 -12.86 -18.59 59.58
N VAL B 398 -14.09 -18.30 59.94
CA VAL B 398 -14.97 -19.25 60.63
C VAL B 398 -16.18 -19.50 59.76
N VAL B 399 -16.69 -20.74 59.83
CA VAL B 399 -17.82 -21.15 58.99
C VAL B 399 -18.88 -21.77 59.88
N MET B 400 -20.12 -21.77 59.35
CA MET B 400 -21.30 -22.28 60.05
C MET B 400 -22.05 -23.16 59.04
N LEU B 401 -21.73 -24.44 59.02
CA LEU B 401 -22.30 -25.37 58.06
C LEU B 401 -23.55 -26.03 58.63
N VAL B 402 -24.64 -25.99 57.88
CA VAL B 402 -25.86 -26.61 58.32
C VAL B 402 -26.54 -27.34 57.20
N GLY B 403 -26.43 -28.67 57.16
CA GLY B 403 -27.03 -29.44 56.09
C GLY B 403 -28.48 -29.76 56.35
N ALA B 404 -29.10 -30.61 55.55
CA ALA B 404 -30.47 -31.03 55.81
C ALA B 404 -30.86 -32.12 54.87
N GLY B 405 -31.53 -33.16 55.34
CA GLY B 405 -32.01 -34.19 54.44
C GLY B 405 -31.07 -34.68 53.35
N ILE B 406 -31.58 -34.91 52.15
CA ILE B 406 -30.78 -35.46 51.07
C ILE B 406 -29.74 -34.52 50.66
N GLY B 407 -29.87 -33.29 51.07
CA GLY B 407 -28.94 -32.28 50.62
C GLY B 407 -27.67 -32.01 51.38
N VAL B 408 -26.95 -33.05 51.77
CA VAL B 408 -25.71 -32.86 52.43
C VAL B 408 -24.70 -33.29 51.47
N THR B 409 -25.09 -33.60 50.26
CA THR B 409 -24.14 -34.16 49.34
C THR B 409 -23.10 -33.19 48.99
N PRO B 410 -23.48 -31.98 48.72
CA PRO B 410 -22.39 -31.09 48.29
C PRO B 410 -21.38 -30.79 49.38
N PHE B 411 -21.74 -30.94 50.66
CA PHE B 411 -20.81 -30.65 51.73
C PHE B 411 -19.63 -31.63 51.72
N ALA B 412 -19.86 -32.85 51.23
CA ALA B 412 -18.77 -33.83 51.15
C ALA B 412 -17.67 -33.36 50.21
N SER B 413 -18.02 -32.54 49.23
CA SER B 413 -17.01 -32.00 48.32
C SER B 413 -16.08 -31.04 49.05
N ILE B 414 -16.64 -30.18 49.91
CA ILE B 414 -15.84 -29.18 50.61
C ILE B 414 -14.91 -29.85 51.63
N LEU B 415 -15.44 -30.78 52.41
CA LEU B 415 -14.66 -31.40 53.48
C LEU B 415 -13.48 -32.17 52.92
N LYS B 416 -13.68 -32.89 51.82
CA LYS B 416 -12.57 -33.60 51.19
C LYS B 416 -11.55 -32.67 50.54
N SER B 417 -11.88 -31.38 50.41
CA SER B 417 -10.98 -30.42 49.79
C SER B 417 -10.26 -29.52 50.79
N VAL B 418 -10.87 -29.24 51.94
CA VAL B 418 -10.25 -28.34 52.90
C VAL B 418 -9.00 -28.96 53.51
N TRP B 419 -9.02 -30.28 53.74
CA TRP B 419 -7.86 -30.92 54.36
C TRP B 419 -6.70 -31.05 53.38
N TYR B 420 -6.99 -31.20 52.08
CA TYR B 420 -5.92 -31.33 51.10
C TYR B 420 -5.05 -30.10 51.03
N LYS B 421 -5.67 -28.91 51.10
CA LYS B 421 -4.88 -27.67 51.05
C LYS B 421 -4.03 -27.50 52.30
N TYR B 422 -4.44 -28.10 53.42
CA TYR B 422 -3.63 -28.02 54.64
C TYR B 422 -2.33 -28.79 54.48
N CYS B 423 -2.37 -29.97 53.88
CA CYS B 423 -1.17 -30.78 53.72
C CYS B 423 -0.21 -30.21 52.69
N ASN B 424 -0.69 -29.30 51.83
CA ASN B 424 0.15 -28.72 50.78
C ASN B 424 0.82 -27.43 51.25
N ASN B 425 0.02 -26.45 51.68
CA ASN B 425 0.53 -25.14 52.07
C ASN B 425 0.45 -24.89 53.57
N ALA B 426 -0.69 -25.18 54.18
CA ALA B 426 -0.95 -24.98 55.61
C ALA B 426 -0.87 -23.52 56.02
N THR B 427 -0.82 -22.59 55.07
CA THR B 427 -0.81 -21.16 55.37
C THR B 427 -1.99 -20.43 54.76
N ASN B 428 -2.42 -20.81 53.55
CA ASN B 428 -3.56 -20.18 52.92
C ASN B 428 -4.90 -20.67 53.46
N LEU B 429 -4.90 -21.74 54.26
CA LEU B 429 -6.12 -22.26 54.86
C LEU B 429 -6.51 -21.37 56.02
N LYS B 430 -7.42 -20.43 55.76
CA LYS B 430 -7.85 -19.47 56.78
C LYS B 430 -8.97 -20.01 57.65
N LEU B 431 -9.46 -21.21 57.40
CA LEU B 431 -10.56 -21.76 58.17
C LEU B 431 -10.14 -22.05 59.61
N LYS B 432 -11.11 -21.95 60.53
CA LYS B 432 -10.87 -22.16 61.95
C LYS B 432 -11.56 -23.42 62.46
N LYS B 433 -12.85 -23.56 62.19
CA LYS B 433 -13.61 -24.72 62.64
C LYS B 433 -14.89 -24.81 61.83
N ILE B 434 -15.26 -26.03 61.46
CA ILE B 434 -16.48 -26.30 60.71
C ILE B 434 -17.57 -26.66 61.71
N TYR B 435 -18.49 -25.73 61.94
CA TYR B 435 -19.62 -25.96 62.84
C TYR B 435 -20.73 -26.74 62.12
N PHE B 436 -20.37 -27.94 61.70
CA PHE B 436 -21.29 -28.78 60.94
C PHE B 436 -22.44 -29.22 61.83
N TYR B 437 -23.68 -29.02 61.35
CA TYR B 437 -24.88 -29.43 62.06
C TYR B 437 -25.77 -30.17 61.08
N TRP B 438 -25.86 -31.49 61.24
CA TRP B 438 -26.61 -32.35 60.33
C TRP B 438 -27.96 -32.65 60.96
N LEU B 439 -29.03 -32.34 60.24
CA LEU B 439 -30.40 -32.62 60.67
C LEU B 439 -31.03 -33.60 59.70
N CYS B 440 -31.65 -34.64 60.25
CA CYS B 440 -32.28 -35.66 59.40
C CYS B 440 -33.27 -36.44 60.23
N ARG B 441 -34.26 -37.02 59.55
CA ARG B 441 -35.17 -37.95 60.20
C ARG B 441 -34.46 -39.26 60.52
N ASP B 442 -33.54 -39.69 59.66
CA ASP B 442 -32.76 -40.90 59.89
C ASP B 442 -31.55 -40.88 58.96
N THR B 443 -30.51 -41.60 59.36
CA THR B 443 -29.31 -41.81 58.55
C THR B 443 -29.34 -43.17 57.88
N HIS B 444 -30.53 -43.60 57.45
CA HIS B 444 -30.72 -44.98 56.98
C HIS B 444 -29.88 -45.27 55.74
N ALA B 445 -29.82 -44.34 54.79
CA ALA B 445 -29.15 -44.59 53.52
C ALA B 445 -28.14 -43.48 53.23
N PHE B 446 -27.40 -43.05 54.24
CA PHE B 446 -26.35 -42.05 54.06
C PHE B 446 -25.12 -42.41 54.88
N GLU B 447 -24.80 -43.70 54.93
CA GLU B 447 -23.63 -44.15 55.68
C GLU B 447 -22.32 -43.72 55.03
N TRP B 448 -22.33 -43.36 53.76
CA TRP B 448 -21.09 -42.97 53.08
C TRP B 448 -20.56 -41.62 53.53
N PHE B 449 -21.37 -40.80 54.21
CA PHE B 449 -20.91 -39.52 54.71
C PHE B 449 -20.53 -39.57 56.18
N ALA B 450 -21.34 -40.24 57.01
CA ALA B 450 -20.97 -40.41 58.41
C ALA B 450 -19.63 -41.13 58.56
N ASP B 451 -19.33 -42.03 57.62
CA ASP B 451 -18.01 -42.65 57.58
C ASP B 451 -16.92 -41.62 57.30
N LEU B 452 -17.22 -40.67 56.40
CA LEU B 452 -16.22 -39.66 56.04
C LEU B 452 -15.89 -38.77 57.23
N LEU B 453 -16.90 -38.42 58.03
CA LEU B 453 -16.68 -37.49 59.14
C LEU B 453 -15.67 -38.05 60.14
N GLN B 454 -15.78 -39.34 60.47
CA GLN B 454 -14.81 -39.95 61.38
C GLN B 454 -13.47 -40.24 60.70
N LEU B 455 -13.43 -40.25 59.37
CA LEU B 455 -12.18 -40.46 58.65
C LEU B 455 -11.46 -39.16 58.35
N LEU B 456 -11.97 -38.02 58.80
CA LEU B 456 -11.33 -36.73 58.60
C LEU B 456 -10.80 -36.15 59.90
N GLU B 457 -11.66 -36.00 60.91
CA GLU B 457 -11.22 -35.43 62.18
C GLU B 457 -10.21 -36.34 62.88
N SER B 458 -10.42 -37.66 62.82
CA SER B 458 -9.48 -38.58 63.44
C SER B 458 -8.19 -38.69 62.64
N GLN B 459 -8.30 -38.69 61.31
CA GLN B 459 -7.11 -38.77 60.46
C GLN B 459 -6.22 -37.56 60.66
N MET B 460 -6.81 -36.36 60.71
CA MET B 460 -6.03 -35.14 60.87
C MET B 460 -5.48 -34.96 62.28
N GLN B 461 -5.90 -35.81 63.22
CA GLN B 461 -5.33 -35.82 64.57
C GLN B 461 -3.89 -36.30 64.61
N GLU B 462 -3.39 -36.92 63.54
CA GLU B 462 -2.01 -37.40 63.53
C GLU B 462 -1.01 -36.26 63.67
N ARG B 463 -1.34 -35.09 63.11
CA ARG B 463 -0.48 -33.92 63.17
C ARG B 463 -0.70 -33.11 64.44
N ASN B 464 -1.25 -33.72 65.49
CA ASN B 464 -1.45 -33.07 66.79
C ASN B 464 -2.29 -31.81 66.66
N ASN B 465 -3.54 -32.00 66.21
CA ASN B 465 -4.47 -30.90 66.01
C ASN B 465 -5.90 -31.41 66.04
N ALA B 466 -6.78 -30.65 66.68
CA ALA B 466 -8.21 -30.96 66.72
C ALA B 466 -9.04 -29.69 66.55
N GLY B 467 -8.63 -28.84 65.60
CA GLY B 467 -9.22 -27.52 65.51
C GLY B 467 -10.68 -27.51 65.13
N PHE B 468 -11.06 -28.31 64.13
CA PHE B 468 -12.43 -28.25 63.61
C PHE B 468 -13.36 -29.21 64.33
N LEU B 469 -13.10 -30.52 64.23
CA LEU B 469 -13.90 -31.57 64.88
C LEU B 469 -15.37 -31.28 64.59
N SER B 470 -16.24 -31.23 65.60
CA SER B 470 -17.59 -30.70 65.48
C SER B 470 -18.46 -31.51 64.52
N TYR B 471 -18.51 -32.83 64.75
CA TYR B 471 -19.52 -33.65 64.11
C TYR B 471 -20.75 -33.67 65.01
N ASN B 472 -21.90 -33.28 64.46
CA ASN B 472 -23.08 -32.97 65.25
C ASN B 472 -24.32 -33.60 64.63
N ILE B 473 -24.26 -34.90 64.36
CA ILE B 473 -25.42 -35.61 63.83
C ILE B 473 -26.59 -35.42 64.80
N TYR B 474 -27.63 -34.76 64.33
CA TYR B 474 -28.79 -34.41 65.14
C TYR B 474 -30.04 -35.07 64.58
N LEU B 475 -30.98 -35.39 65.47
CA LEU B 475 -32.25 -35.99 65.09
C LEU B 475 -33.36 -34.96 65.29
N THR B 476 -34.19 -34.78 64.27
CA THR B 476 -35.27 -33.81 64.33
C THR B 476 -36.50 -34.37 65.04
N GLY B 477 -37.03 -35.49 64.54
CA GLY B 477 -38.19 -36.09 65.13
C GLY B 477 -38.28 -37.56 64.76
N TRP B 478 -39.35 -38.19 65.22
CA TRP B 478 -39.58 -39.61 64.97
C TRP B 478 -40.35 -39.80 63.67
N GLN B 502 -22.09 -39.72 68.90
CA GLN B 502 -23.45 -39.60 68.38
C GLN B 502 -24.29 -38.69 69.27
N LYS B 503 -23.91 -37.43 69.35
CA LYS B 503 -24.63 -36.45 70.16
C LYS B 503 -25.92 -36.07 69.45
N THR B 504 -27.01 -36.74 69.80
CA THR B 504 -28.31 -36.53 69.16
C THR B 504 -29.20 -35.70 70.07
N LEU B 505 -29.71 -34.60 69.55
CA LEU B 505 -30.59 -33.73 70.32
C LEU B 505 -32.00 -34.27 70.44
N TYR B 506 -32.41 -35.18 69.54
CA TYR B 506 -33.74 -35.77 69.54
C TYR B 506 -34.84 -34.70 69.45
N GLY B 507 -34.55 -33.62 68.73
CA GLY B 507 -35.50 -32.53 68.63
C GLY B 507 -34.93 -31.40 67.81
N ARG B 508 -35.65 -30.27 67.82
CA ARG B 508 -35.22 -29.12 67.06
C ARG B 508 -33.96 -28.52 67.69
N PRO B 509 -32.89 -28.33 66.91
CA PRO B 509 -31.71 -27.65 67.45
C PRO B 509 -31.92 -26.14 67.52
N ASN B 510 -32.51 -25.68 68.62
CA ASN B 510 -32.85 -24.27 68.76
C ASN B 510 -31.61 -23.39 68.59
N TRP B 511 -31.76 -22.32 67.82
CA TRP B 511 -30.65 -21.46 67.46
C TRP B 511 -30.50 -20.24 68.36
N ASP B 512 -31.44 -20.01 69.27
CA ASP B 512 -31.30 -18.90 70.21
C ASP B 512 -30.21 -19.22 71.23
N ASN B 513 -29.28 -18.29 71.41
CA ASN B 513 -28.11 -18.39 72.28
C ASN B 513 -27.10 -19.41 71.78
N GLU B 514 -27.40 -20.13 70.69
CA GLU B 514 -26.44 -21.08 70.14
C GLU B 514 -25.27 -20.36 69.49
N PHE B 515 -25.56 -19.35 68.67
CA PHE B 515 -24.51 -18.62 67.98
C PHE B 515 -23.78 -17.63 68.90
N LYS B 516 -24.46 -17.14 69.94
CA LYS B 516 -23.87 -16.14 70.82
C LYS B 516 -22.65 -16.70 71.53
N THR B 517 -22.74 -17.94 72.03
CA THR B 517 -21.64 -18.52 72.78
C THR B 517 -20.37 -18.60 71.94
N ILE B 518 -20.50 -18.87 70.64
CA ILE B 518 -19.35 -18.96 69.76
C ILE B 518 -19.01 -17.65 69.07
N ALA B 519 -19.92 -16.66 69.10
CA ALA B 519 -19.64 -15.38 68.49
C ALA B 519 -18.85 -14.45 69.40
N SER B 520 -18.78 -14.76 70.69
CA SER B 520 -18.06 -13.92 71.65
C SER B 520 -16.56 -14.15 71.63
N GLN B 521 -16.08 -15.19 70.95
CA GLN B 521 -14.65 -15.48 70.94
C GLN B 521 -13.87 -14.47 70.11
N HIS B 522 -14.36 -14.15 68.92
CA HIS B 522 -13.65 -13.24 68.02
C HIS B 522 -14.50 -12.01 67.70
N PRO B 523 -14.19 -10.83 68.27
CA PRO B 523 -14.78 -9.59 67.78
C PRO B 523 -14.79 -9.47 66.26
N ASN B 524 -15.71 -8.67 65.73
CA ASN B 524 -15.87 -8.48 64.28
C ASN B 524 -16.13 -9.82 63.58
N THR B 525 -17.26 -10.43 63.95
CA THR B 525 -17.59 -11.75 63.42
C THR B 525 -17.97 -11.68 61.95
N ARG B 526 -17.40 -12.59 61.17
CA ARG B 526 -17.72 -12.76 59.75
C ARG B 526 -18.23 -14.17 59.49
N ILE B 527 -19.03 -14.69 60.43
CA ILE B 527 -19.48 -16.07 60.35
C ILE B 527 -20.36 -16.26 59.12
N GLY B 528 -20.06 -17.29 58.33
CA GLY B 528 -20.86 -17.60 57.16
C GLY B 528 -21.75 -18.80 57.38
N VAL B 529 -23.05 -18.61 57.20
CA VAL B 529 -24.04 -19.67 57.35
C VAL B 529 -24.53 -20.05 55.96
N PHE B 530 -24.45 -21.35 55.63
CA PHE B 530 -24.80 -21.86 54.32
C PHE B 530 -25.91 -22.89 54.50
N LEU B 531 -27.15 -22.41 54.51
CA LEU B 531 -28.30 -23.27 54.70
C LEU B 531 -28.63 -24.03 53.43
N CYS B 532 -29.21 -25.21 53.60
CA CYS B 532 -29.67 -26.03 52.47
C CYS B 532 -30.91 -26.78 52.94
N GLY B 533 -32.08 -26.22 52.64
CA GLY B 533 -33.34 -26.82 53.06
C GLY B 533 -34.54 -25.99 52.65
N PRO B 534 -35.71 -26.36 53.14
CA PRO B 534 -36.93 -25.64 52.77
C PRO B 534 -36.93 -24.23 53.33
N GLU B 535 -37.70 -23.36 52.67
CA GLU B 535 -37.83 -21.97 53.10
C GLU B 535 -38.58 -21.84 54.43
N ALA B 536 -39.23 -22.90 54.89
CA ALA B 536 -39.97 -22.84 56.15
C ALA B 536 -39.06 -22.51 57.32
N LEU B 537 -37.86 -23.09 57.34
CA LEU B 537 -36.86 -22.80 58.37
C LEU B 537 -35.79 -21.82 57.89
N ALA B 538 -35.88 -21.36 56.65
CA ALA B 538 -34.86 -20.45 56.12
C ALA B 538 -34.96 -19.07 56.76
N GLU B 539 -36.15 -18.46 56.71
CA GLU B 539 -36.33 -17.13 57.27
C GLU B 539 -36.17 -17.11 58.78
N THR B 540 -36.27 -18.26 59.43
CA THR B 540 -36.08 -18.34 60.88
C THR B 540 -34.65 -18.12 61.30
N LEU B 541 -33.70 -18.11 60.36
CA LEU B 541 -32.30 -17.88 60.68
C LEU B 541 -31.89 -16.43 60.53
N SER B 542 -32.47 -15.71 59.56
CA SER B 542 -32.15 -14.31 59.33
C SER B 542 -32.94 -13.36 60.21
N LYS B 543 -33.97 -13.84 60.91
CA LYS B 543 -34.77 -12.96 61.76
C LYS B 543 -33.94 -12.43 62.93
N GLN B 544 -33.07 -13.27 63.51
CA GLN B 544 -32.26 -12.86 64.64
C GLN B 544 -30.88 -12.38 64.24
N SER B 545 -30.44 -12.66 63.01
CA SER B 545 -29.12 -12.22 62.57
C SER B 545 -29.02 -10.71 62.56
N ILE B 546 -30.04 -10.04 62.01
CA ILE B 546 -30.03 -8.58 61.96
C ILE B 546 -30.18 -8.01 63.37
N SER B 547 -30.99 -8.66 64.21
CA SER B 547 -31.16 -8.21 65.59
C SER B 547 -29.85 -8.31 66.35
N ASN B 548 -29.08 -9.38 66.14
CA ASN B 548 -27.82 -9.55 66.84
C ASN B 548 -26.80 -8.51 66.41
N SER B 549 -26.84 -8.06 65.16
CA SER B 549 -25.84 -7.13 64.65
C SER B 549 -25.98 -5.76 65.30
N GLU B 550 -24.87 -5.03 65.36
CA GLU B 550 -24.85 -3.67 65.85
C GLU B 550 -23.80 -2.88 65.06
N SER B 551 -23.91 -1.55 65.14
CA SER B 551 -23.08 -0.67 64.33
C SER B 551 -21.60 -0.79 64.72
N GLY B 552 -20.74 -0.52 63.75
CA GLY B 552 -19.31 -0.53 63.95
C GLY B 552 -18.67 -1.82 63.47
N PRO B 553 -17.39 -1.74 63.07
CA PRO B 553 -16.65 -2.93 62.62
C PRO B 553 -16.13 -3.80 63.77
N ARG B 554 -16.98 -3.97 64.80
CA ARG B 554 -16.65 -4.77 65.97
C ARG B 554 -17.74 -5.76 66.34
N GLY B 555 -19.00 -5.50 66.01
CA GLY B 555 -20.11 -6.26 66.54
C GLY B 555 -20.16 -7.70 66.03
N VAL B 556 -21.08 -8.45 66.61
CA VAL B 556 -21.29 -9.87 66.31
C VAL B 556 -22.39 -9.96 65.26
N HIS B 557 -22.08 -10.64 64.16
CA HIS B 557 -23.04 -10.81 63.07
C HIS B 557 -22.60 -11.98 62.20
N PHE B 558 -23.57 -12.79 61.78
CA PHE B 558 -23.35 -13.88 60.84
C PHE B 558 -24.17 -13.62 59.59
N ILE B 559 -23.52 -13.68 58.43
CA ILE B 559 -24.14 -13.31 57.16
C ILE B 559 -24.88 -14.51 56.60
N PHE B 560 -26.11 -14.27 56.14
CA PHE B 560 -26.94 -15.30 55.52
C PHE B 560 -26.94 -15.11 54.01
N ASN B 561 -26.66 -16.18 53.28
CA ASN B 561 -26.65 -16.14 51.82
C ASN B 561 -27.99 -16.54 51.21
N LYS B 562 -28.98 -16.88 52.04
CA LYS B 562 -30.35 -17.23 51.59
C LYS B 562 -30.24 -18.43 50.64
N GLU B 563 -31.02 -18.45 49.55
CA GLU B 563 -30.97 -19.55 48.61
C GLU B 563 -29.62 -19.61 47.89
N ASN B 564 -28.89 -18.50 47.86
CA ASN B 564 -27.58 -18.50 47.23
C ASN B 564 -26.57 -19.25 48.11
N PHE B 565 -25.68 -19.98 47.44
CA PHE B 565 -24.58 -20.65 48.14
C PHE B 565 -23.26 -20.03 47.75
N GLN C 1 31.13 19.75 -27.95
CA GLN C 1 29.98 20.44 -28.50
C GLN C 1 29.95 20.31 -30.02
N SER C 2 30.91 19.59 -30.57
CA SER C 2 31.02 19.36 -32.01
C SER C 2 31.07 17.87 -32.29
N LEU C 3 30.26 17.42 -33.25
CA LEU C 3 30.21 16.02 -33.65
C LEU C 3 30.99 15.82 -34.95
N GLU C 4 31.25 14.56 -35.26
CA GLU C 4 31.97 14.19 -36.48
C GLU C 4 31.82 12.70 -36.71
N GLU C 5 31.66 12.31 -37.97
CA GLU C 5 31.54 10.90 -38.33
C GLU C 5 32.32 10.64 -39.60
N SER C 6 32.73 9.38 -39.77
CA SER C 6 33.50 8.98 -40.95
C SER C 6 33.44 7.46 -41.05
N GLY C 7 33.87 6.95 -42.20
CA GLY C 7 33.91 5.51 -42.40
C GLY C 7 33.12 5.01 -43.60
N GLY C 8 32.90 5.86 -44.57
CA GLY C 8 32.15 5.48 -45.77
C GLY C 8 32.86 5.91 -47.04
N ASP C 9 32.79 5.05 -48.05
CA ASP C 9 33.39 5.31 -49.35
C ASP C 9 32.75 4.37 -50.37
N LEU C 10 33.32 4.33 -51.58
CA LEU C 10 32.75 3.52 -52.64
C LEU C 10 32.82 2.04 -52.28
N VAL C 11 31.66 1.39 -52.24
CA VAL C 11 31.57 -0.03 -51.94
C VAL C 11 30.75 -0.71 -53.03
N LYS C 12 30.98 -2.00 -53.21
CA LYS C 12 30.26 -2.75 -54.22
C LYS C 12 28.83 -3.03 -53.77
N PRO C 13 27.89 -3.15 -54.69
CA PRO C 13 26.50 -3.42 -54.31
C PRO C 13 26.36 -4.75 -53.58
N GLY C 14 25.45 -4.78 -52.61
CA GLY C 14 25.18 -5.97 -51.84
C GLY C 14 26.09 -6.19 -50.65
N ALA C 15 27.10 -5.35 -50.46
CA ALA C 15 28.04 -5.52 -49.35
C ALA C 15 27.44 -4.90 -48.08
N SER C 16 28.27 -4.78 -47.04
CA SER C 16 27.85 -4.20 -45.77
C SER C 16 28.86 -3.14 -45.35
N LEU C 17 28.38 -2.19 -44.53
CA LEU C 17 29.22 -1.09 -44.10
C LEU C 17 28.80 -0.65 -42.71
N THR C 18 29.72 0.00 -42.01
CA THR C 18 29.48 0.54 -40.68
C THR C 18 30.04 1.96 -40.61
N LEU C 19 29.23 2.88 -40.11
CA LEU C 19 29.63 4.27 -39.93
C LEU C 19 29.63 4.61 -38.46
N THR C 20 30.69 5.27 -38.01
CA THR C 20 30.88 5.59 -36.59
C THR C 20 30.89 7.11 -36.42
N CYS C 21 30.10 7.59 -35.45
CA CYS C 21 29.98 9.01 -35.16
C CYS C 21 30.54 9.27 -33.77
N THR C 22 31.51 10.19 -33.71
CA THR C 22 32.16 10.55 -32.45
C THR C 22 32.00 12.04 -32.19
N ALA C 23 32.07 12.42 -30.92
CA ALA C 23 31.90 13.82 -30.54
C ALA C 23 32.96 14.21 -29.52
N SER C 24 33.32 15.49 -29.55
CA SER C 24 34.25 16.08 -28.59
C SER C 24 33.54 17.17 -27.82
N GLY C 25 33.63 17.12 -26.50
CA GLY C 25 32.94 18.05 -25.64
C GLY C 25 31.52 17.68 -25.31
N ILE C 26 31.01 16.57 -25.83
CA ILE C 26 29.66 16.11 -25.55
C ILE C 26 29.75 14.70 -24.98
N ASP C 27 29.10 14.48 -23.83
CA ASP C 27 28.99 13.15 -23.24
C ASP C 27 27.62 12.58 -23.56
N PHE C 28 27.61 11.38 -24.16
CA PHE C 28 26.36 10.76 -24.62
C PHE C 28 25.68 10.15 -23.42
N SER C 29 24.99 11.00 -22.65
CA SER C 29 24.34 10.57 -21.42
C SER C 29 23.17 11.49 -21.12
N GLY C 30 22.30 11.03 -20.24
CA GLY C 30 21.11 11.77 -19.89
C GLY C 30 19.86 11.14 -20.47
N TYR C 31 19.05 11.96 -21.16
CA TYR C 31 17.84 11.47 -21.81
C TYR C 31 17.65 12.11 -23.18
N HIS C 32 18.73 12.44 -23.86
CA HIS C 32 18.70 13.05 -25.18
C HIS C 32 18.87 11.97 -26.24
N TYR C 33 17.95 11.92 -27.19
CA TYR C 33 18.00 10.93 -28.25
C TYR C 33 19.18 11.20 -29.19
N MET C 34 19.65 10.14 -29.83
CA MET C 34 20.60 10.24 -30.93
C MET C 34 19.91 9.79 -32.21
N CYS C 35 20.02 10.63 -33.25
CA CYS C 35 19.02 10.61 -34.31
C CYS C 35 19.74 10.73 -35.64
N TRP C 36 19.79 9.63 -36.40
CA TRP C 36 20.55 9.53 -37.64
C TRP C 36 19.65 9.83 -38.84
N VAL C 37 20.11 10.72 -39.73
CA VAL C 37 19.37 11.06 -40.95
C VAL C 37 20.32 11.02 -42.14
N ARG C 38 19.74 10.93 -43.33
CA ARG C 38 20.51 10.92 -44.57
C ARG C 38 19.77 11.73 -45.61
N GLN C 39 20.52 12.23 -46.60
CA GLN C 39 19.96 13.08 -47.63
C GLN C 39 20.52 12.70 -48.99
N ALA C 40 19.63 12.46 -49.95
CA ALA C 40 20.05 12.18 -51.32
C ALA C 40 20.71 13.41 -51.93
N PRO C 41 21.58 13.22 -52.92
CA PRO C 41 22.22 14.38 -53.57
C PRO C 41 21.21 15.27 -54.27
N GLY C 42 21.04 16.48 -53.77
CA GLY C 42 20.07 17.42 -54.32
C GLY C 42 18.63 16.99 -54.16
N LYS C 43 18.26 16.48 -52.99
CA LYS C 43 16.89 16.08 -52.69
C LYS C 43 16.57 16.43 -51.24
N GLY C 44 15.38 16.03 -50.80
CA GLY C 44 14.96 16.32 -49.45
C GLY C 44 15.55 15.36 -48.43
N LEU C 45 15.61 15.81 -47.19
CA LEU C 45 16.16 15.01 -46.11
C LEU C 45 15.27 13.81 -45.80
N GLU C 46 15.89 12.70 -45.45
CA GLU C 46 15.18 11.48 -45.09
C GLU C 46 15.62 11.01 -43.71
N TRP C 47 14.71 10.32 -43.03
CA TRP C 47 14.93 9.84 -41.68
C TRP C 47 15.14 8.33 -41.72
N ILE C 48 16.21 7.85 -41.07
CA ILE C 48 16.63 6.46 -41.15
C ILE C 48 16.30 5.70 -39.86
N GLY C 49 16.90 6.10 -38.75
CA GLY C 49 16.73 5.43 -37.47
C GLY C 49 17.30 6.33 -36.40
N CYS C 50 16.72 6.34 -35.19
CA CYS C 50 17.01 7.45 -34.30
C CYS C 50 16.78 6.98 -32.86
N THR C 51 17.86 6.66 -32.17
CA THR C 51 17.82 5.89 -30.93
C THR C 51 17.78 6.82 -29.70
N HIS C 52 17.96 6.21 -28.52
CA HIS C 52 17.90 6.90 -27.24
C HIS C 52 19.19 6.64 -26.49
N SER C 53 19.84 7.71 -26.01
CA SER C 53 21.09 7.56 -25.27
C SER C 53 20.86 6.81 -23.97
N GLY C 54 19.90 7.26 -23.17
CA GLY C 54 19.50 6.48 -22.02
C GLY C 54 18.74 5.23 -22.43
N ASP C 55 18.89 4.18 -21.63
CA ASP C 55 18.33 2.86 -21.95
C ASP C 55 18.91 2.41 -23.30
N GLY C 56 18.13 1.68 -24.09
CA GLY C 56 18.58 1.23 -25.38
C GLY C 56 17.49 1.25 -26.42
N THR C 57 16.44 2.03 -26.17
CA THR C 57 15.31 2.10 -27.09
C THR C 57 15.74 2.65 -28.44
N THR C 58 15.33 1.98 -29.51
CA THR C 58 15.64 2.39 -30.86
C THR C 58 14.38 2.36 -31.72
N TYR C 59 14.33 3.27 -32.68
CA TYR C 59 13.23 3.34 -33.64
C TYR C 59 13.81 3.47 -35.04
N TYR C 60 13.06 2.99 -36.03
CA TYR C 60 13.48 3.04 -37.42
C TYR C 60 12.28 3.39 -38.30
N ALA C 61 12.59 3.97 -39.46
CA ALA C 61 11.55 4.23 -40.44
C ALA C 61 11.06 2.91 -41.04
N ARG C 62 9.86 2.96 -41.61
CA ARG C 62 9.23 1.75 -42.14
C ARG C 62 10.05 1.14 -43.27
N TRP C 63 10.58 1.98 -44.16
CA TRP C 63 11.35 1.48 -45.29
C TRP C 63 12.71 0.92 -44.91
N ALA C 64 13.17 1.17 -43.68
CA ALA C 64 14.50 0.77 -43.24
C ALA C 64 14.41 -0.03 -41.94
N LYS C 65 13.50 -1.00 -41.90
CA LYS C 65 13.29 -1.84 -40.72
C LYS C 65 14.08 -3.13 -40.91
N GLY C 66 14.97 -3.42 -39.95
CA GLY C 66 15.80 -4.60 -39.99
C GLY C 66 17.05 -4.48 -40.83
N ARG C 67 17.01 -3.70 -41.90
CA ARG C 67 18.18 -3.54 -42.76
C ARG C 67 19.23 -2.64 -42.13
N PHE C 68 18.86 -1.81 -41.16
CA PHE C 68 19.79 -0.92 -40.48
C PHE C 68 19.77 -1.20 -38.99
N THR C 69 20.94 -1.11 -38.36
CA THR C 69 21.09 -1.35 -36.93
C THR C 69 21.90 -0.21 -36.32
N ILE C 70 21.42 0.33 -35.20
CA ILE C 70 22.06 1.46 -34.52
C ILE C 70 22.43 1.02 -33.11
N SER C 71 23.67 1.29 -32.73
CA SER C 71 24.18 0.93 -31.42
C SER C 71 24.99 2.09 -30.84
N LYS C 72 25.05 2.13 -29.51
CA LYS C 72 25.83 3.12 -28.79
C LYS C 72 26.96 2.42 -28.05
N THR C 73 28.19 2.86 -28.29
CA THR C 73 29.37 2.20 -27.75
C THR C 73 30.28 3.21 -27.06
N SER C 74 30.81 2.82 -25.90
CA SER C 74 31.82 3.56 -25.17
C SER C 74 31.37 4.96 -24.75
N SER C 75 30.07 5.21 -24.76
CA SER C 75 29.46 6.48 -24.33
C SER C 75 29.95 7.68 -25.13
N THR C 76 30.71 7.46 -26.19
CA THR C 76 31.16 8.55 -27.05
C THR C 76 31.15 8.19 -28.53
N THR C 77 30.69 7.01 -28.90
CA THR C 77 30.62 6.59 -30.29
C THR C 77 29.26 5.96 -30.57
N VAL C 78 28.72 6.25 -31.75
CA VAL C 78 27.47 5.67 -32.22
C VAL C 78 27.72 5.07 -33.59
N THR C 79 27.30 3.81 -33.78
CA THR C 79 27.57 3.06 -34.99
C THR C 79 26.27 2.73 -35.70
N LEU C 80 26.23 2.97 -37.01
CA LEU C 80 25.13 2.56 -37.86
C LEU C 80 25.64 1.50 -38.83
N GLN C 81 25.00 0.34 -38.84
CA GLN C 81 25.43 -0.79 -39.66
C GLN C 81 24.36 -1.06 -40.71
N MET C 82 24.78 -1.13 -41.97
CA MET C 82 23.88 -1.34 -43.10
C MET C 82 24.25 -2.64 -43.81
N THR C 83 23.23 -3.40 -44.20
CA THR C 83 23.43 -4.66 -44.89
C THR C 83 22.64 -4.68 -46.19
N SER C 84 23.15 -5.43 -47.16
CA SER C 84 22.53 -5.56 -48.48
C SER C 84 22.32 -4.20 -49.14
N LEU C 85 23.45 -3.50 -49.32
CA LEU C 85 23.40 -2.18 -49.95
C LEU C 85 22.98 -2.29 -51.42
N THR C 86 22.16 -1.35 -51.86
CA THR C 86 21.66 -1.30 -53.22
C THR C 86 22.14 0.00 -53.88
N ALA C 87 21.65 0.24 -55.10
CA ALA C 87 22.00 1.45 -55.83
C ALA C 87 21.22 2.67 -55.36
N ALA C 88 20.19 2.49 -54.54
CA ALA C 88 19.44 3.63 -54.02
C ALA C 88 20.19 4.35 -52.91
N ASP C 89 20.96 3.62 -52.11
CA ASP C 89 21.67 4.21 -50.97
C ASP C 89 23.06 4.68 -51.42
N THR C 90 23.06 5.81 -52.14
CA THR C 90 24.27 6.47 -52.58
C THR C 90 24.26 7.93 -52.14
N ALA C 91 23.75 8.18 -50.94
CA ALA C 91 23.48 9.51 -50.44
C ALA C 91 24.45 9.89 -49.34
N THR C 92 24.43 11.17 -48.97
CA THR C 92 25.19 11.65 -47.83
C THR C 92 24.47 11.29 -46.53
N TYR C 93 25.25 11.07 -45.48
CA TYR C 93 24.72 10.64 -44.19
C TYR C 93 25.12 11.64 -43.10
N PHE C 94 24.14 12.06 -42.31
CA PHE C 94 24.35 13.01 -41.22
C PHE C 94 24.15 12.31 -39.89
N CYS C 95 24.94 12.73 -38.89
CA CYS C 95 24.79 12.26 -37.51
C CYS C 95 24.39 13.46 -36.67
N ALA C 96 23.24 13.36 -36.00
CA ALA C 96 22.67 14.48 -35.27
C ALA C 96 22.21 14.04 -33.90
N ARG C 97 22.13 15.01 -32.99
CA ARG C 97 21.71 14.78 -31.61
C ARG C 97 20.35 15.41 -31.38
N ARG C 98 19.42 14.64 -30.81
CA ARG C 98 18.06 15.10 -30.55
C ARG C 98 17.98 15.62 -29.12
N TYR C 99 18.32 16.89 -28.95
CA TYR C 99 18.26 17.51 -27.63
C TYR C 99 16.81 17.63 -27.17
N VAL C 100 16.54 17.23 -25.93
CA VAL C 100 15.22 17.36 -25.33
C VAL C 100 15.24 18.64 -24.50
N PHE C 101 14.66 19.70 -25.05
CA PHE C 101 14.69 20.98 -24.39
C PHE C 101 13.77 20.98 -23.16
N SER C 102 13.93 22.00 -22.32
CA SER C 102 13.12 22.11 -21.11
C SER C 102 11.64 22.22 -21.48
N GLY C 103 10.82 21.39 -20.82
CA GLY C 103 9.40 21.38 -21.09
C GLY C 103 8.94 20.11 -21.77
N GLY C 104 9.73 19.62 -22.73
CA GLY C 104 9.40 18.39 -23.42
C GLY C 104 9.62 18.43 -24.91
N TYR C 105 9.48 19.60 -25.52
CA TYR C 105 9.70 19.73 -26.95
C TYR C 105 11.17 19.56 -27.29
N SER C 106 11.43 18.98 -28.46
CA SER C 106 12.77 18.56 -28.83
C SER C 106 13.17 19.13 -30.19
N GLY C 107 14.48 19.25 -30.40
CA GLY C 107 15.01 19.73 -31.66
C GLY C 107 16.28 18.99 -32.02
N LEU C 108 16.69 19.16 -33.27
CA LEU C 108 17.86 18.50 -33.83
C LEU C 108 18.96 19.54 -34.02
N ASP C 109 19.75 19.77 -32.97
CA ASP C 109 20.86 20.70 -33.01
C ASP C 109 22.19 19.96 -32.90
N SER C 110 23.27 20.70 -33.10
CA SER C 110 24.63 20.17 -33.04
C SER C 110 24.81 19.03 -34.04
N TRP C 111 24.67 19.37 -35.32
CA TRP C 111 24.82 18.42 -36.40
C TRP C 111 26.30 18.17 -36.70
N GLY C 112 26.54 17.12 -37.49
CA GLY C 112 27.87 16.83 -37.96
C GLY C 112 27.92 16.90 -39.47
N PRO C 113 29.12 17.02 -40.04
CA PRO C 113 29.25 17.09 -41.50
C PRO C 113 28.86 15.78 -42.17
N GLY C 114 28.93 15.73 -43.50
CA GLY C 114 28.47 14.58 -44.26
C GLY C 114 29.54 13.51 -44.43
N THR C 115 29.14 12.43 -45.10
CA THR C 115 30.03 11.32 -45.43
C THR C 115 29.49 10.68 -46.71
N LEU C 116 30.15 10.93 -47.83
CA LEU C 116 29.62 10.58 -49.15
C LEU C 116 29.72 9.07 -49.36
N VAL C 117 28.70 8.37 -48.88
CA VAL C 117 28.58 6.93 -49.15
C VAL C 117 28.03 6.75 -50.55
N THR C 118 28.77 6.03 -51.40
CA THR C 118 28.37 5.80 -52.78
C THR C 118 28.48 4.32 -53.10
N VAL C 119 27.52 3.81 -53.86
CA VAL C 119 27.46 2.40 -54.23
C VAL C 119 27.42 2.31 -55.75
N SER C 120 28.45 1.68 -56.32
CA SER C 120 28.50 1.45 -57.75
C SER C 120 29.46 0.32 -58.03
N SER C 121 29.32 -0.27 -59.22
CA SER C 121 30.15 -1.40 -59.64
C SER C 121 31.39 -0.97 -60.43
N ALA C 122 31.56 0.32 -60.65
CA ALA C 122 32.71 0.82 -61.40
C ALA C 122 33.93 0.89 -60.49
N SER C 123 35.01 1.52 -60.98
CA SER C 123 36.24 1.66 -60.22
C SER C 123 36.69 3.11 -60.24
N THR C 124 37.32 3.53 -59.15
CA THR C 124 37.74 4.92 -59.01
C THR C 124 38.79 5.27 -60.06
N LYS C 125 38.66 6.47 -60.62
CA LYS C 125 39.59 6.98 -61.63
C LYS C 125 40.04 8.38 -61.26
N GLY C 126 41.30 8.69 -61.56
CA GLY C 126 41.87 9.98 -61.25
C GLY C 126 41.47 11.05 -62.25
N PRO C 127 41.38 12.29 -61.80
CA PRO C 127 40.95 13.39 -62.69
C PRO C 127 42.10 14.12 -63.35
N SER C 128 41.82 14.62 -64.56
CA SER C 128 42.71 15.54 -65.24
C SER C 128 42.38 16.97 -64.83
N VAL C 129 43.37 17.84 -64.92
CA VAL C 129 43.22 19.21 -64.43
C VAL C 129 43.45 20.10 -65.65
N PHE C 130 43.00 19.63 -66.83
CA PHE C 130 43.11 20.38 -68.07
C PHE C 130 42.80 21.87 -67.90
N PRO C 131 43.77 22.73 -68.15
CA PRO C 131 43.57 24.16 -67.92
C PRO C 131 42.68 24.79 -68.97
N LEU C 132 42.13 25.94 -68.61
CA LEU C 132 41.27 26.71 -69.49
C LEU C 132 42.01 27.95 -69.96
N ALA C 133 42.06 28.14 -71.28
CA ALA C 133 42.81 29.26 -71.83
C ALA C 133 42.17 30.58 -71.41
N PRO C 134 42.95 31.53 -70.88
CA PRO C 134 42.39 32.82 -70.50
C PRO C 134 41.99 33.64 -71.72
N SER C 135 41.16 34.65 -71.47
CA SER C 135 40.63 35.47 -72.55
C SER C 135 41.70 36.42 -73.10
N SER C 136 42.70 35.86 -73.79
CA SER C 136 43.72 36.69 -74.41
C SER C 136 43.12 37.59 -75.48
N LYS C 137 42.20 37.05 -76.30
CA LYS C 137 41.49 37.82 -77.30
C LYS C 137 40.03 38.05 -76.97
N SER C 138 39.49 37.32 -75.99
CA SER C 138 38.08 37.47 -75.59
C SER C 138 37.91 38.50 -74.48
N THR C 139 38.45 39.69 -74.71
CA THR C 139 38.37 40.77 -73.73
C THR C 139 36.98 41.39 -73.74
N SER C 140 36.48 41.73 -72.56
CA SER C 140 35.16 42.36 -72.40
C SER C 140 35.27 43.42 -71.29
N GLY C 141 35.52 44.66 -71.69
CA GLY C 141 35.62 45.75 -70.75
C GLY C 141 36.79 45.66 -69.79
N GLY C 142 37.95 45.24 -70.28
CA GLY C 142 39.12 45.14 -69.41
C GLY C 142 38.98 44.12 -68.31
N THR C 143 38.31 43.00 -68.59
CA THR C 143 38.11 41.94 -67.62
C THR C 143 38.27 40.60 -68.31
N ALA C 144 38.97 39.68 -67.65
CA ALA C 144 39.26 38.37 -68.22
C ALA C 144 38.84 37.27 -67.25
N ALA C 145 38.47 36.13 -67.81
CA ALA C 145 38.07 34.97 -67.04
C ALA C 145 38.92 33.77 -67.43
N LEU C 146 39.32 32.97 -66.44
CA LEU C 146 40.13 31.80 -66.70
C LEU C 146 39.90 30.79 -65.58
N GLY C 147 40.16 29.52 -65.89
CA GLY C 147 39.97 28.46 -64.93
C GLY C 147 40.56 27.14 -65.38
N CYS C 148 39.88 26.04 -65.05
CA CYS C 148 40.33 24.72 -65.44
C CYS C 148 39.14 23.78 -65.43
N LEU C 149 39.33 22.62 -66.05
CA LEU C 149 38.29 21.59 -66.16
C LEU C 149 38.82 20.27 -65.65
N VAL C 150 38.00 19.56 -64.88
CA VAL C 150 38.31 18.21 -64.43
C VAL C 150 37.36 17.26 -65.13
N LYS C 151 37.88 16.15 -65.64
CA LYS C 151 37.13 15.31 -66.56
C LYS C 151 36.57 14.04 -65.94
N ASP C 152 37.35 13.28 -65.17
CA ASP C 152 36.93 11.97 -64.71
C ASP C 152 37.31 11.79 -63.25
N TYR C 153 36.31 11.87 -62.36
CA TYR C 153 36.50 11.51 -60.96
C TYR C 153 35.20 10.91 -60.45
N PHE C 154 35.29 9.72 -59.87
CA PHE C 154 34.06 8.99 -59.52
C PHE C 154 33.38 9.47 -58.23
N PRO C 155 34.05 9.41 -57.06
CA PRO C 155 33.32 9.60 -55.79
C PRO C 155 32.95 11.03 -55.46
N GLU C 156 33.30 11.99 -56.32
CA GLU C 156 33.12 13.43 -56.13
C GLU C 156 33.63 13.98 -54.79
N PRO C 157 34.82 13.60 -54.29
CA PRO C 157 35.44 14.34 -53.19
C PRO C 157 36.41 15.41 -53.68
N VAL C 158 35.97 16.20 -54.66
CA VAL C 158 36.84 17.14 -55.34
C VAL C 158 36.72 18.51 -54.68
N THR C 159 37.84 19.05 -54.23
CA THR C 159 37.92 20.39 -53.67
C THR C 159 38.83 21.22 -54.56
N VAL C 160 38.42 22.45 -54.83
CA VAL C 160 39.20 23.36 -55.68
C VAL C 160 39.45 24.64 -54.91
N SER C 161 40.57 25.28 -55.21
CA SER C 161 40.96 26.52 -54.53
C SER C 161 41.91 27.29 -55.42
N TRP C 162 42.09 28.56 -55.09
CA TRP C 162 42.97 29.45 -55.83
C TRP C 162 44.17 29.79 -54.96
N ASN C 163 45.36 29.39 -55.42
CA ASN C 163 46.60 29.60 -54.66
C ASN C 163 46.50 29.00 -53.27
N SER C 164 45.99 27.77 -53.20
CA SER C 164 45.75 27.07 -51.94
C SER C 164 44.85 27.89 -51.02
N GLY C 165 43.78 28.44 -51.58
CA GLY C 165 42.83 29.22 -50.82
C GLY C 165 43.17 30.68 -50.62
N ALA C 166 44.27 31.16 -51.20
CA ALA C 166 44.65 32.56 -51.03
C ALA C 166 43.62 33.49 -51.66
N LEU C 167 43.12 33.14 -52.85
CA LEU C 167 42.14 33.95 -53.56
C LEU C 167 40.77 33.32 -53.43
N THR C 168 39.80 34.10 -52.94
CA THR C 168 38.45 33.59 -52.72
C THR C 168 37.39 34.57 -53.20
N SER C 169 37.71 35.47 -54.13
CA SER C 169 36.78 36.45 -54.64
C SER C 169 36.53 36.18 -56.13
N GLY C 170 35.27 36.13 -56.52
CA GLY C 170 34.91 35.84 -57.90
C GLY C 170 34.97 34.38 -58.28
N VAL C 171 35.14 33.49 -57.32
CA VAL C 171 35.24 32.05 -57.60
C VAL C 171 33.85 31.51 -57.95
N HIS C 172 33.84 30.46 -58.77
CA HIS C 172 32.61 29.79 -59.16
C HIS C 172 32.93 28.33 -59.46
N THR C 173 32.36 27.42 -58.68
CA THR C 173 32.59 25.98 -58.82
C THR C 173 31.26 25.32 -59.17
N PHE C 174 31.02 25.11 -60.46
CA PHE C 174 29.78 24.53 -60.91
C PHE C 174 29.69 23.06 -60.49
N PRO C 175 28.48 22.58 -60.19
CA PRO C 175 28.33 21.20 -59.71
C PRO C 175 28.68 20.18 -60.78
N ALA C 176 29.06 18.99 -60.32
CA ALA C 176 29.40 17.89 -61.22
C ALA C 176 28.16 17.39 -61.96
N VAL C 177 28.39 16.90 -63.17
CA VAL C 177 27.31 16.38 -64.01
C VAL C 177 27.69 14.99 -64.53
N LEU C 178 26.67 14.23 -64.88
CA LEU C 178 26.86 12.92 -65.48
C LEU C 178 27.40 13.04 -66.90
N GLN C 179 28.03 11.96 -67.37
CA GLN C 179 28.42 11.81 -68.75
C GLN C 179 28.00 10.42 -69.24
N SER C 180 28.00 10.26 -70.57
CA SER C 180 27.67 8.96 -71.14
C SER C 180 28.68 7.88 -70.74
N SER C 181 29.88 8.27 -70.33
CA SER C 181 30.90 7.32 -69.90
C SER C 181 30.76 6.94 -68.43
N GLY C 182 29.79 7.51 -67.71
CA GLY C 182 29.56 7.18 -66.32
C GLY C 182 30.44 7.92 -65.34
N LEU C 183 31.26 8.87 -65.79
CA LEU C 183 32.13 9.64 -64.92
C LEU C 183 31.50 10.99 -64.63
N TYR C 184 32.26 11.86 -63.97
CA TYR C 184 31.77 13.16 -63.53
C TYR C 184 32.72 14.25 -63.98
N SER C 185 32.17 15.35 -64.49
CA SER C 185 32.95 16.50 -64.93
C SER C 185 32.55 17.73 -64.14
N LEU C 186 33.51 18.62 -63.91
CA LEU C 186 33.28 19.83 -63.14
C LEU C 186 34.16 20.94 -63.71
N SER C 187 33.67 22.16 -63.64
CA SER C 187 34.40 23.33 -64.14
C SER C 187 34.43 24.41 -63.08
N SER C 188 35.60 25.03 -62.91
CA SER C 188 35.80 26.13 -61.99
C SER C 188 36.39 27.32 -62.72
N VAL C 189 35.87 28.51 -62.43
CA VAL C 189 36.26 29.73 -63.13
C VAL C 189 36.46 30.86 -62.13
N VAL C 190 37.15 31.90 -62.59
CA VAL C 190 37.34 33.12 -61.81
C VAL C 190 37.47 34.29 -62.78
N THR C 191 36.87 35.42 -62.42
CA THR C 191 36.90 36.62 -63.24
C THR C 191 37.89 37.63 -62.65
N VAL C 192 38.83 38.08 -63.48
CA VAL C 192 39.90 38.96 -63.02
C VAL C 192 40.02 40.16 -63.95
N PRO C 193 40.55 41.29 -63.48
CA PRO C 193 40.79 42.42 -64.38
C PRO C 193 41.92 42.12 -65.35
N SER C 194 41.95 42.90 -66.43
CA SER C 194 42.92 42.67 -67.49
C SER C 194 44.36 42.85 -67.00
N SER C 195 44.60 43.86 -66.16
CA SER C 195 45.95 44.12 -65.68
C SER C 195 46.47 43.02 -64.76
N SER C 196 45.60 42.16 -64.25
CA SER C 196 46.03 41.10 -63.34
C SER C 196 46.80 39.99 -64.04
N LEU C 197 46.86 39.99 -65.38
CA LEU C 197 47.58 38.96 -66.10
C LEU C 197 49.07 38.98 -65.79
N GLY C 198 49.61 40.11 -65.34
CA GLY C 198 51.01 40.16 -64.96
C GLY C 198 51.32 39.24 -63.80
N THR C 199 50.38 39.10 -62.86
CA THR C 199 50.54 38.19 -61.74
C THR C 199 50.32 36.76 -62.23
N GLN C 200 51.33 35.91 -62.04
CA GLN C 200 51.27 34.52 -62.48
C GLN C 200 50.66 33.60 -61.42
N THR C 201 50.25 34.14 -60.28
CA THR C 201 49.73 33.34 -59.17
C THR C 201 48.29 32.89 -59.46
N TYR C 202 48.15 32.13 -60.54
CA TYR C 202 46.88 31.54 -60.97
C TYR C 202 47.12 30.04 -61.13
N ILE C 203 46.87 29.28 -60.07
CA ILE C 203 47.15 27.85 -60.04
C ILE C 203 45.89 27.10 -59.65
N CYS C 204 45.61 26.00 -60.36
CA CYS C 204 44.45 25.16 -60.10
C CYS C 204 44.85 24.02 -59.18
N ASN C 205 44.30 24.01 -57.97
CA ASN C 205 44.56 22.97 -56.99
C ASN C 205 43.33 22.07 -56.87
N VAL C 206 43.52 20.77 -57.00
CA VAL C 206 42.46 19.80 -56.87
C VAL C 206 42.87 18.76 -55.83
N ASN C 207 41.87 18.17 -55.18
CA ASN C 207 42.08 17.13 -54.18
C ASN C 207 41.23 15.93 -54.54
N HIS C 208 41.83 14.73 -54.43
CA HIS C 208 41.09 13.49 -54.67
C HIS C 208 41.70 12.42 -53.77
N LYS C 209 41.12 12.25 -52.58
CA LYS C 209 41.62 11.27 -51.63
C LYS C 209 41.50 9.83 -52.11
N PRO C 210 40.37 9.36 -52.65
CA PRO C 210 40.29 7.94 -53.03
C PRO C 210 41.33 7.53 -54.06
N SER C 211 41.66 8.41 -55.01
CA SER C 211 42.72 8.14 -55.96
C SER C 211 44.08 8.65 -55.49
N ASN C 212 44.15 9.25 -54.31
CA ASN C 212 45.39 9.77 -53.74
C ASN C 212 46.07 10.74 -54.70
N THR C 213 45.26 11.62 -55.31
CA THR C 213 45.73 12.56 -56.31
C THR C 213 45.65 13.97 -55.75
N LYS C 214 46.78 14.68 -55.80
CA LYS C 214 46.88 16.08 -55.40
C LYS C 214 47.62 16.87 -56.47
N VAL C 215 47.23 16.65 -57.73
CA VAL C 215 47.91 17.28 -58.85
C VAL C 215 47.58 18.77 -58.88
N ASP C 216 48.61 19.60 -58.98
CA ASP C 216 48.48 21.05 -59.02
C ASP C 216 49.12 21.56 -60.31
N LYS C 217 48.44 22.46 -61.00
CA LYS C 217 48.93 23.01 -62.25
C LYS C 217 48.68 24.50 -62.29
N LYS C 218 49.47 25.19 -63.10
CA LYS C 218 49.37 26.64 -63.28
C LYS C 218 48.73 26.95 -64.63
N VAL C 219 47.73 27.82 -64.62
CA VAL C 219 47.02 28.21 -65.83
C VAL C 219 47.80 29.37 -66.45
N GLU C 220 48.77 29.03 -67.29
CA GLU C 220 49.58 30.05 -67.94
C GLU C 220 48.76 30.81 -68.97
N PRO C 221 49.04 32.10 -69.16
CA PRO C 221 48.36 32.85 -70.23
C PRO C 221 48.76 32.32 -71.59
N LYS C 222 47.81 32.39 -72.52
CA LYS C 222 48.04 31.89 -73.89
C LYS C 222 48.87 32.91 -74.64
N SER C 223 50.18 32.66 -74.75
CA SER C 223 51.04 33.57 -75.49
C SER C 223 50.69 33.60 -76.97
N CYS C 224 50.39 32.43 -77.55
CA CYS C 224 50.04 32.35 -78.96
C CYS C 224 48.63 32.87 -79.20
N MET D 1 -42.70 -13.04 24.38
CA MET D 1 -43.22 -13.94 25.41
C MET D 1 -42.23 -15.08 25.67
N TYR D 2 -42.27 -15.64 26.87
CA TYR D 2 -41.26 -16.62 27.26
C TYR D 2 -41.57 -18.01 26.73
N LEU D 3 -42.68 -18.60 27.16
CA LEU D 3 -43.04 -19.95 26.75
C LEU D 3 -44.55 -20.05 26.60
N GLN D 4 -44.99 -20.77 25.57
CA GLN D 4 -46.40 -20.94 25.30
C GLN D 4 -46.87 -22.26 25.91
N VAL D 5 -47.88 -22.19 26.78
CA VAL D 5 -48.41 -23.37 27.43
C VAL D 5 -49.15 -24.20 26.39
N GLU D 6 -48.60 -25.37 26.05
CA GLU D 6 -49.21 -26.22 25.04
C GLU D 6 -50.38 -27.01 25.62
N THR D 7 -50.11 -27.85 26.62
CA THR D 7 -51.12 -28.70 27.23
C THR D 7 -51.15 -28.46 28.73
N ARG D 8 -52.33 -28.16 29.26
CA ARG D 8 -52.54 -27.98 30.69
C ARG D 8 -53.55 -29.02 31.16
N THR D 9 -53.10 -29.89 32.06
CA THR D 9 -53.95 -30.97 32.57
C THR D 9 -53.51 -31.25 34.01
N SER D 10 -53.95 -32.37 34.55
CA SER D 10 -53.52 -32.83 35.86
C SER D 10 -52.34 -33.80 35.80
N SER D 11 -51.82 -34.09 34.60
CA SER D 11 -50.73 -35.04 34.46
C SER D 11 -49.64 -34.59 33.49
N ARG D 12 -49.79 -33.46 32.81
CA ARG D 12 -48.81 -33.02 31.83
C ARG D 12 -48.90 -31.50 31.69
N LEU D 13 -47.75 -30.87 31.54
CA LEU D 13 -47.64 -29.43 31.34
C LEU D 13 -46.62 -29.14 30.24
N HIS D 14 -46.78 -29.80 29.10
CA HIS D 14 -45.89 -29.62 27.95
C HIS D 14 -45.74 -28.14 27.60
N LEU D 15 -44.49 -27.69 27.50
CA LEU D 15 -44.18 -26.32 27.12
C LEU D 15 -43.36 -26.31 25.85
N LYS D 16 -43.42 -25.18 25.14
CA LYS D 16 -42.74 -25.05 23.85
C LYS D 16 -42.33 -23.60 23.66
N ARG D 17 -41.34 -23.41 22.79
CA ARG D 17 -40.87 -22.07 22.43
C ARG D 17 -40.18 -22.17 21.09
N ALA D 18 -40.50 -21.24 20.21
CA ALA D 18 -39.95 -21.19 18.86
C ALA D 18 -39.56 -19.74 18.55
N PRO D 19 -38.62 -19.55 17.63
CA PRO D 19 -38.23 -18.18 17.27
C PRO D 19 -39.41 -17.38 16.72
N GLY D 20 -39.45 -16.11 17.07
CA GLY D 20 -40.52 -15.22 16.68
C GLY D 20 -40.16 -14.34 15.50
N ILE D 21 -40.86 -13.20 15.41
CA ILE D 21 -40.67 -12.29 14.29
C ILE D 21 -39.29 -11.64 14.36
N ARG D 22 -38.83 -11.32 15.57
CA ARG D 22 -37.58 -10.56 15.72
C ARG D 22 -36.38 -11.33 15.17
N SER D 23 -36.29 -12.62 15.51
CA SER D 23 -35.13 -13.41 15.07
C SER D 23 -35.11 -13.56 13.56
N TRP D 24 -36.26 -13.87 12.95
CA TRP D 24 -36.32 -14.02 11.51
C TRP D 24 -36.01 -12.70 10.82
N SER D 25 -36.50 -11.58 11.37
CA SER D 25 -36.24 -10.29 10.75
C SER D 25 -34.76 -9.93 10.82
N LEU D 26 -34.12 -10.24 11.96
CA LEU D 26 -32.69 -9.97 12.09
C LEU D 26 -31.89 -10.84 11.12
N LEU D 27 -32.29 -12.11 10.97
CA LEU D 27 -31.62 -12.98 10.00
C LEU D 27 -31.76 -12.45 8.58
N VAL D 28 -32.96 -12.02 8.21
CA VAL D 28 -33.18 -11.45 6.88
C VAL D 28 -32.33 -10.20 6.69
N GLY D 29 -32.26 -9.34 7.71
CA GLY D 29 -31.50 -8.11 7.59
C GLY D 29 -30.02 -8.35 7.41
N ILE D 30 -29.44 -9.24 8.24
CA ILE D 30 -28.01 -9.50 8.14
C ILE D 30 -27.69 -10.21 6.81
N LEU D 31 -28.58 -11.10 6.37
CA LEU D 31 -28.37 -11.74 5.06
C LEU D 31 -28.39 -10.71 3.93
N SER D 32 -29.34 -9.78 3.98
CA SER D 32 -29.41 -8.74 2.96
C SER D 32 -28.16 -7.87 2.98
N ILE D 33 -27.68 -7.51 4.18
CA ILE D 33 -26.48 -6.70 4.28
C ILE D 33 -25.28 -7.43 3.68
N GLY D 34 -25.12 -8.71 4.02
CA GLY D 34 -24.01 -9.47 3.48
C GLY D 34 -24.08 -9.63 1.97
N LEU D 35 -25.27 -9.93 1.45
CA LEU D 35 -25.43 -10.10 0.01
C LEU D 35 -25.15 -8.79 -0.72
N ALA D 36 -25.65 -7.67 -0.20
CA ALA D 36 -25.38 -6.38 -0.82
C ALA D 36 -23.90 -6.05 -0.81
N ALA D 37 -23.24 -6.29 0.33
CA ALA D 37 -21.79 -6.04 0.39
C ALA D 37 -21.04 -6.94 -0.57
N ALA D 38 -21.52 -8.16 -0.80
CA ALA D 38 -20.84 -9.09 -1.69
C ALA D 38 -21.03 -8.71 -3.16
N TYR D 39 -22.23 -8.33 -3.56
CA TYR D 39 -22.55 -8.19 -4.98
C TYR D 39 -22.67 -6.74 -5.46
N TYR D 40 -23.21 -5.84 -4.65
CA TYR D 40 -23.42 -4.47 -5.10
C TYR D 40 -22.10 -3.78 -5.44
N SER D 41 -21.07 -4.00 -4.62
CA SER D 41 -19.79 -3.34 -4.80
C SER D 41 -18.62 -4.29 -4.92
N GLY D 42 -18.85 -5.61 -4.92
CA GLY D 42 -17.77 -6.58 -4.97
C GLY D 42 -16.88 -6.46 -6.19
N ASP D 43 -15.57 -6.46 -5.98
CA ASP D 43 -14.60 -6.33 -7.05
C ASP D 43 -13.74 -7.58 -7.23
N SER D 44 -13.18 -8.11 -6.15
CA SER D 44 -12.30 -9.27 -6.26
C SER D 44 -13.08 -10.49 -6.73
N LEU D 45 -12.43 -11.33 -7.55
CA LEU D 45 -13.07 -12.50 -8.13
C LEU D 45 -12.84 -13.71 -7.23
N GLY D 46 -13.93 -14.40 -6.91
CA GLY D 46 -13.88 -15.59 -6.08
C GLY D 46 -14.12 -15.33 -4.60
N TRP D 47 -13.79 -14.13 -4.12
CA TRP D 47 -13.99 -13.82 -2.70
C TRP D 47 -15.42 -13.41 -2.39
N LYS D 48 -16.23 -13.08 -3.41
CA LYS D 48 -17.63 -12.74 -3.17
C LYS D 48 -18.38 -13.93 -2.59
N LEU D 49 -18.14 -15.13 -3.12
CA LEU D 49 -18.78 -16.33 -2.57
C LEU D 49 -18.31 -16.59 -1.15
N PHE D 50 -17.04 -16.29 -0.86
CA PHE D 50 -16.54 -16.44 0.50
C PHE D 50 -17.25 -15.49 1.46
N TYR D 51 -17.44 -14.23 1.05
CA TYR D 51 -18.20 -13.30 1.87
C TYR D 51 -19.62 -13.79 2.07
N VAL D 52 -20.23 -14.33 1.01
CA VAL D 52 -21.61 -14.80 1.09
C VAL D 52 -21.74 -15.94 2.11
N THR D 53 -20.84 -16.93 2.03
CA THR D 53 -20.95 -18.05 2.95
C THR D 53 -20.58 -17.65 4.38
N GLY D 54 -19.64 -16.73 4.54
CA GLY D 54 -19.34 -16.24 5.89
C GLY D 54 -20.53 -15.54 6.51
N CYS D 55 -21.20 -14.68 5.74
CA CYS D 55 -22.38 -14.00 6.25
C CYS D 55 -23.50 -14.99 6.54
N LEU D 56 -23.66 -16.01 5.69
CA LEU D 56 -24.67 -17.03 5.93
C LEU D 56 -24.40 -17.78 7.23
N PHE D 57 -23.14 -18.17 7.45
CA PHE D 57 -22.82 -18.90 8.67
C PHE D 57 -23.02 -18.02 9.90
N VAL D 58 -22.62 -16.75 9.83
CA VAL D 58 -22.81 -15.84 10.95
C VAL D 58 -24.29 -15.65 11.24
N ALA D 59 -25.10 -15.49 10.19
CA ALA D 59 -26.54 -15.30 10.37
C ALA D 59 -27.19 -16.55 10.97
N VAL D 60 -26.81 -17.73 10.49
CA VAL D 60 -27.38 -18.96 11.02
C VAL D 60 -27.00 -19.15 12.49
N GLN D 61 -25.73 -18.88 12.82
CA GLN D 61 -25.29 -18.99 14.21
C GLN D 61 -26.04 -18.04 15.13
N ASN D 62 -26.48 -16.89 14.60
CA ASN D 62 -27.15 -15.86 15.38
C ASN D 62 -28.67 -15.98 15.34
N LEU D 63 -29.20 -17.20 15.24
CA LEU D 63 -30.63 -17.43 15.31
C LEU D 63 -30.99 -18.00 16.69
N GLU D 64 -32.26 -17.84 17.06
CA GLU D 64 -32.72 -18.33 18.34
C GLU D 64 -32.82 -19.85 18.31
N ASP D 65 -33.26 -20.43 19.43
CA ASP D 65 -33.27 -21.87 19.62
C ASP D 65 -34.67 -22.36 19.96
N TRP D 66 -34.96 -23.59 19.56
CA TRP D 66 -36.22 -24.25 19.89
C TRP D 66 -36.05 -24.97 21.22
N GLU D 67 -36.90 -24.65 22.19
CA GLU D 67 -36.83 -25.23 23.52
C GLU D 67 -38.18 -25.82 23.89
N GLU D 68 -38.18 -27.08 24.32
CA GLU D 68 -39.38 -27.79 24.74
C GLU D 68 -39.09 -28.50 26.06
N ALA D 69 -39.63 -27.98 27.15
CA ALA D 69 -39.47 -28.57 28.47
C ALA D 69 -40.84 -29.05 28.94
N ILE D 70 -41.04 -30.36 28.95
CA ILE D 70 -42.33 -30.95 29.28
C ILE D 70 -42.29 -31.44 30.72
N PHE D 71 -43.39 -31.24 31.43
CA PHE D 71 -43.53 -31.67 32.81
C PHE D 71 -44.51 -32.83 32.86
N ASP D 72 -44.14 -33.90 33.55
CA ASP D 72 -44.97 -35.09 33.65
C ASP D 72 -45.15 -35.44 35.13
N LYS D 73 -46.37 -35.83 35.49
CA LYS D 73 -46.69 -36.16 36.87
C LYS D 73 -46.67 -37.66 37.16
N SER D 74 -47.11 -38.48 36.22
CA SER D 74 -47.05 -39.92 36.38
C SER D 74 -45.61 -40.39 36.16
N THR D 75 -45.05 -41.07 37.17
CA THR D 75 -43.66 -41.50 37.21
C THR D 75 -42.67 -40.33 37.18
N GLY D 76 -43.16 -39.10 37.33
CA GLY D 76 -42.27 -37.95 37.37
C GLY D 76 -41.44 -37.82 36.11
N LYS D 77 -40.14 -37.66 36.29
CA LYS D 77 -39.17 -37.63 35.20
C LYS D 77 -39.44 -36.47 34.23
N VAL D 78 -39.35 -35.25 34.78
CA VAL D 78 -39.47 -34.06 33.94
C VAL D 78 -38.25 -33.95 33.04
N VAL D 79 -38.49 -33.78 31.74
CA VAL D 79 -37.41 -33.76 30.76
C VAL D 79 -37.35 -32.37 30.12
N LEU D 80 -36.19 -32.06 29.55
CA LEU D 80 -35.95 -30.80 28.89
C LEU D 80 -35.32 -31.05 27.53
N LYS D 81 -35.59 -30.16 26.58
CA LYS D 81 -35.06 -30.29 25.23
C LYS D 81 -34.66 -28.92 24.71
N THR D 82 -33.73 -28.93 23.75
CA THR D 82 -33.25 -27.70 23.12
C THR D 82 -32.68 -28.05 21.76
N PHE D 83 -33.20 -27.39 20.72
CA PHE D 83 -32.79 -27.65 19.34
C PHE D 83 -32.29 -26.37 18.69
N SER D 84 -31.18 -26.48 17.97
CA SER D 84 -30.72 -25.41 17.11
C SER D 84 -31.31 -25.61 15.71
N LEU D 85 -30.94 -24.72 14.78
CA LEU D 85 -31.43 -24.88 13.42
C LEU D 85 -30.95 -26.18 12.79
N TYR D 86 -29.67 -26.51 13.01
CA TYR D 86 -29.13 -27.77 12.49
C TYR D 86 -29.85 -28.96 13.11
N LYS D 87 -30.05 -28.93 14.43
CA LYS D 87 -30.71 -30.04 15.11
C LYS D 87 -32.16 -30.15 14.72
N LYS D 88 -32.86 -29.02 14.58
CA LYS D 88 -34.25 -29.05 14.15
C LYS D 88 -34.38 -29.61 12.74
N LEU D 89 -33.45 -29.23 11.84
CA LEU D 89 -33.46 -29.79 10.50
C LEU D 89 -33.16 -31.29 10.52
N LEU D 90 -32.21 -31.71 11.36
CA LEU D 90 -31.81 -33.12 11.39
C LEU D 90 -32.90 -34.00 12.00
N THR D 91 -33.68 -33.46 12.93
CA THR D 91 -34.74 -34.27 13.54
C THR D 91 -35.89 -34.54 12.58
N LEU D 92 -35.91 -33.91 11.41
CA LEU D 92 -36.93 -34.20 10.42
C LEU D 92 -36.85 -35.63 9.91
N PHE D 93 -35.73 -36.32 10.16
CA PHE D 93 -35.64 -37.74 9.90
C PHE D 93 -36.41 -38.57 10.90
N ARG D 94 -36.97 -37.95 11.95
CA ARG D 94 -37.78 -38.55 13.00
C ARG D 94 -37.01 -39.60 13.81
N ALA D 95 -35.69 -39.69 13.63
CA ALA D 95 -34.90 -40.69 14.34
C ALA D 95 -34.98 -40.50 15.85
N GLY D 96 -34.90 -39.26 16.32
CA GLY D 96 -34.97 -38.98 17.73
C GLY D 96 -34.12 -37.77 18.07
N HIS D 97 -33.97 -37.54 19.37
CA HIS D 97 -33.20 -36.40 19.86
C HIS D 97 -32.84 -36.63 21.32
N ASP D 98 -31.61 -36.27 21.68
CA ASP D 98 -31.17 -36.37 23.05
C ASP D 98 -31.83 -35.30 23.90
N GLN D 99 -31.92 -35.56 25.20
CA GLN D 99 -32.64 -34.67 26.11
C GLN D 99 -32.08 -34.81 27.51
N VAL D 100 -31.95 -33.69 28.21
CA VAL D 100 -31.54 -33.67 29.61
C VAL D 100 -32.77 -33.90 30.47
N VAL D 101 -32.68 -34.87 31.37
CA VAL D 101 -33.83 -35.32 32.16
C VAL D 101 -33.51 -35.17 33.64
N VAL D 102 -34.47 -34.62 34.39
CA VAL D 102 -34.34 -34.40 35.82
C VAL D 102 -35.48 -35.14 36.51
N LEU D 103 -35.17 -35.79 37.64
CA LEU D 103 -36.20 -36.47 38.40
C LEU D 103 -37.13 -35.47 39.07
N LEU D 104 -38.43 -35.79 39.09
CA LEU D 104 -39.43 -34.84 39.60
C LEU D 104 -39.55 -34.89 41.11
N HIS D 105 -39.20 -36.00 41.74
CA HIS D 105 -39.33 -36.10 43.19
C HIS D 105 -38.23 -35.33 43.93
N ASP D 106 -37.23 -34.80 43.22
CA ASP D 106 -36.12 -34.11 43.84
C ASP D 106 -36.18 -32.59 43.72
N VAL D 107 -36.95 -32.05 42.78
CA VAL D 107 -37.02 -30.61 42.62
C VAL D 107 -37.79 -30.00 43.78
N ARG D 108 -37.19 -28.99 44.43
CA ARG D 108 -37.77 -28.38 45.61
C ARG D 108 -38.77 -27.28 45.25
N ASP D 109 -38.31 -26.27 44.52
CA ASP D 109 -39.17 -25.15 44.14
C ASP D 109 -38.57 -24.49 42.90
N VAL D 110 -39.30 -23.52 42.35
CA VAL D 110 -38.88 -22.78 41.16
C VAL D 110 -38.77 -21.31 41.54
N SER D 111 -37.65 -20.70 41.19
CA SER D 111 -37.39 -19.29 41.46
C SER D 111 -36.82 -18.63 40.23
N VAL D 112 -37.24 -17.39 39.98
CA VAL D 112 -36.79 -16.65 38.81
C VAL D 112 -35.44 -16.02 39.10
N GLU D 113 -34.45 -16.31 38.26
CA GLU D 113 -33.10 -15.77 38.39
C GLU D 113 -32.96 -14.55 37.49
N GLU D 114 -31.77 -13.94 37.54
CA GLU D 114 -31.48 -12.73 36.80
C GLU D 114 -30.16 -12.85 36.05
N GLU D 115 -30.17 -12.46 34.78
CA GLU D 115 -28.97 -12.42 33.95
C GLU D 115 -28.67 -10.97 33.60
N LYS D 116 -27.41 -10.57 33.79
CA LYS D 116 -27.02 -9.17 33.62
C LYS D 116 -26.39 -8.97 32.25
N VAL D 117 -26.96 -8.04 31.47
CA VAL D 117 -26.41 -7.62 30.19
C VAL D 117 -25.82 -6.23 30.38
N ARG D 118 -24.61 -6.02 29.84
CA ARG D 118 -23.81 -4.84 30.20
C ARG D 118 -24.55 -3.54 29.88
N TYR D 119 -24.81 -3.28 28.61
CA TYR D 119 -25.36 -2.00 28.19
C TYR D 119 -26.82 -2.07 27.75
N PHE D 120 -27.46 -3.23 27.85
CA PHE D 120 -28.84 -3.40 27.35
C PHE D 120 -29.68 -4.13 28.41
N GLY D 121 -30.25 -3.36 29.32
CA GLY D 121 -31.26 -3.90 30.24
C GLY D 121 -30.74 -5.05 31.07
N LYS D 122 -31.58 -6.08 31.19
CA LYS D 122 -31.29 -7.24 32.02
C LYS D 122 -32.01 -8.45 31.45
N GLY D 123 -31.59 -9.63 31.88
CA GLY D 123 -32.14 -10.89 31.41
C GLY D 123 -32.88 -11.63 32.51
N TYR D 124 -33.92 -12.35 32.13
CA TYR D 124 -34.75 -13.10 33.07
C TYR D 124 -34.94 -14.52 32.57
N MET D 125 -35.00 -15.46 33.52
CA MET D 125 -35.30 -16.85 33.22
C MET D 125 -35.73 -17.53 34.51
N VAL D 126 -36.27 -18.74 34.37
CA VAL D 126 -36.76 -19.54 35.49
C VAL D 126 -35.84 -20.74 35.67
N VAL D 127 -35.41 -20.97 36.91
CA VAL D 127 -34.52 -22.07 37.22
C VAL D 127 -35.22 -23.00 38.21
N LEU D 128 -34.71 -24.23 38.29
CA LEU D 128 -35.21 -25.23 39.24
C LEU D 128 -34.21 -25.38 40.36
N ARG D 129 -34.67 -25.17 41.59
CA ARG D 129 -33.81 -25.31 42.77
C ARG D 129 -33.83 -26.75 43.22
N LEU D 130 -32.96 -27.55 42.62
CA LEU D 130 -32.91 -28.98 42.93
C LEU D 130 -32.38 -29.21 44.34
N ALA D 131 -32.89 -30.25 44.99
CA ALA D 131 -32.52 -30.53 46.37
C ALA D 131 -31.11 -31.07 46.50
N THR D 132 -30.53 -31.61 45.43
CA THR D 132 -29.18 -32.16 45.51
C THR D 132 -28.15 -31.07 45.79
N GLY D 133 -28.40 -29.84 45.35
CA GLY D 133 -27.52 -28.74 45.69
C GLY D 133 -27.12 -27.85 44.53
N PHE D 134 -27.76 -28.02 43.38
CA PHE D 134 -27.44 -27.21 42.21
C PHE D 134 -28.72 -26.73 41.55
N SER D 135 -28.61 -25.65 40.79
CA SER D 135 -29.74 -25.02 40.12
C SER D 135 -29.60 -25.20 38.61
N HIS D 136 -30.64 -25.75 37.99
CA HIS D 136 -30.64 -25.99 36.55
C HIS D 136 -31.66 -25.08 35.87
N PRO D 137 -31.23 -24.17 35.00
CA PRO D 137 -32.19 -23.29 34.33
C PRO D 137 -33.14 -24.07 33.42
N LEU D 138 -34.36 -23.57 33.31
CA LEU D 138 -35.36 -24.24 32.48
C LEU D 138 -35.04 -24.06 31.00
N THR D 139 -34.63 -22.85 30.60
CA THR D 139 -34.23 -22.58 29.23
C THR D 139 -32.84 -21.97 29.22
N GLN D 140 -32.01 -22.42 28.28
CA GLN D 140 -30.62 -21.96 28.23
C GLN D 140 -30.51 -20.49 27.87
N SER D 141 -31.50 -19.93 27.21
CA SER D 141 -31.49 -18.52 26.83
C SER D 141 -32.16 -17.69 27.92
N ALA D 142 -32.40 -16.41 27.63
CA ALA D 142 -33.09 -15.52 28.54
C ALA D 142 -33.98 -14.59 27.72
N VAL D 143 -34.65 -13.66 28.41
CA VAL D 143 -35.52 -12.68 27.76
C VAL D 143 -35.28 -11.32 28.39
N MET D 144 -35.27 -10.28 27.56
CA MET D 144 -35.13 -8.91 28.03
C MET D 144 -36.50 -8.34 28.36
N GLY D 145 -36.65 -7.83 29.58
CA GLY D 145 -37.94 -7.34 30.00
C GLY D 145 -38.93 -8.49 30.18
N HIS D 146 -40.22 -8.17 30.01
CA HIS D 146 -41.30 -9.14 30.12
C HIS D 146 -41.26 -9.86 31.46
N ARG D 147 -41.16 -9.07 32.54
CA ARG D 147 -41.14 -9.64 33.88
C ARG D 147 -42.44 -10.37 34.19
N SER D 148 -43.57 -9.79 33.80
CA SER D 148 -44.86 -10.36 34.15
C SER D 148 -45.06 -11.75 33.55
N ASP D 149 -44.63 -11.94 32.30
CA ASP D 149 -44.78 -13.25 31.67
C ASP D 149 -43.96 -14.31 32.40
N VAL D 150 -42.74 -13.97 32.79
CA VAL D 150 -41.88 -14.93 33.49
C VAL D 150 -42.46 -15.27 34.86
N GLU D 151 -42.94 -14.26 35.59
CA GLU D 151 -43.58 -14.52 36.87
C GLU D 151 -44.84 -15.38 36.72
N ALA D 152 -45.65 -15.13 35.70
CA ALA D 152 -46.83 -15.96 35.47
C ALA D 152 -46.45 -17.40 35.17
N ILE D 153 -45.41 -17.60 34.36
CA ILE D 153 -44.95 -18.95 34.06
C ILE D 153 -44.46 -19.65 35.32
N ALA D 154 -43.70 -18.92 36.15
CA ALA D 154 -43.20 -19.49 37.40
C ALA D 154 -44.35 -19.86 38.33
N LYS D 155 -45.37 -19.00 38.40
CA LYS D 155 -46.53 -19.30 39.25
C LYS D 155 -47.27 -20.53 38.74
N LEU D 156 -47.43 -20.66 37.43
CA LEU D 156 -48.09 -21.83 36.86
C LEU D 156 -47.31 -23.11 37.19
N ILE D 157 -45.98 -23.06 37.04
CA ILE D 157 -45.17 -24.24 37.35
C ILE D 157 -45.26 -24.57 38.84
N THR D 158 -45.24 -23.54 39.70
CA THR D 158 -45.36 -23.77 41.13
C THR D 158 -46.70 -24.43 41.46
N SER D 159 -47.78 -23.95 40.84
CA SER D 159 -49.09 -24.55 41.09
C SER D 159 -49.14 -26.00 40.64
N PHE D 160 -48.56 -26.31 39.49
CA PHE D 160 -48.64 -27.67 38.98
C PHE D 160 -47.78 -28.63 39.81
N LEU D 161 -46.54 -28.26 40.10
CA LEU D 161 -45.61 -29.20 40.69
C LEU D 161 -46.07 -29.67 42.07
N GLU D 162 -46.53 -28.75 42.91
CA GLU D 162 -47.02 -29.11 44.23
C GLU D 162 -48.03 -28.06 44.67
N LEU D 163 -49.07 -28.52 45.37
CA LEU D 163 -50.10 -27.60 45.84
C LEU D 163 -49.55 -26.62 46.86
N HIS D 164 -48.53 -27.01 47.61
CA HIS D 164 -47.92 -26.14 48.61
C HIS D 164 -46.90 -25.21 47.98
N ALA E 1 2.34 5.70 -42.50
CA ALA E 1 1.19 5.78 -41.61
C ALA E 1 0.83 7.24 -41.32
N LEU E 2 1.85 8.07 -41.11
CA LEU E 2 1.68 9.48 -40.86
C LEU E 2 2.31 10.27 -42.00
N VAL E 3 1.53 11.11 -42.64
CA VAL E 3 1.95 11.88 -43.80
C VAL E 3 2.03 13.34 -43.41
N MET E 4 3.18 13.97 -43.66
CA MET E 4 3.40 15.37 -43.33
C MET E 4 3.89 16.07 -44.59
N THR E 5 3.19 17.11 -45.02
CA THR E 5 3.47 17.80 -46.27
C THR E 5 3.54 19.29 -46.06
N GLN E 6 4.27 19.97 -46.94
CA GLN E 6 4.34 21.42 -46.97
C GLN E 6 3.53 21.93 -48.15
N THR E 7 2.61 22.85 -47.87
CA THR E 7 1.73 23.34 -48.93
C THR E 7 2.48 24.06 -50.05
N PRO E 8 3.38 25.01 -49.78
CA PRO E 8 4.12 25.62 -50.90
C PRO E 8 5.44 24.92 -51.18
N SER E 9 5.71 24.70 -52.46
CA SER E 9 6.93 24.03 -52.87
C SER E 9 8.07 25.00 -53.12
N SER E 10 7.78 26.17 -53.68
CA SER E 10 8.81 27.17 -53.95
C SER E 10 8.15 28.54 -53.97
N VAL E 11 8.29 29.29 -52.89
CA VAL E 11 7.78 30.64 -52.81
C VAL E 11 8.86 31.61 -53.27
N SER E 12 8.44 32.75 -53.80
CA SER E 12 9.35 33.79 -54.25
C SER E 12 8.97 35.10 -53.58
N ALA E 13 9.96 35.77 -53.00
CA ALA E 13 9.74 37.03 -52.31
C ALA E 13 10.89 37.97 -52.61
N ALA E 14 10.56 39.23 -52.92
CA ALA E 14 11.59 40.23 -53.14
C ALA E 14 12.27 40.58 -51.81
N VAL E 15 13.43 41.24 -51.92
CA VAL E 15 14.11 41.75 -50.74
C VAL E 15 13.16 42.69 -50.01
N ARG E 16 13.16 42.63 -48.67
CA ARG E 16 12.27 43.45 -47.84
C ARG E 16 10.79 43.09 -48.11
N GLY E 17 10.50 41.79 -48.08
CA GLY E 17 9.17 41.27 -48.32
C GLY E 17 8.73 40.34 -47.21
N THR E 18 7.89 39.38 -47.57
CA THR E 18 7.33 38.43 -46.61
C THR E 18 7.35 37.02 -47.20
N VAL E 19 7.46 36.04 -46.31
CA VAL E 19 7.46 34.62 -46.68
C VAL E 19 6.57 33.86 -45.71
N THR E 20 5.73 32.97 -46.25
CA THR E 20 4.83 32.16 -45.43
C THR E 20 4.87 30.72 -45.91
N ILE E 21 5.12 29.80 -44.98
CA ILE E 21 5.19 28.36 -45.28
C ILE E 21 4.28 27.62 -44.32
N LYS E 22 3.46 26.72 -44.86
CA LYS E 22 2.49 25.96 -44.08
C LYS E 22 2.82 24.49 -44.14
N CYS E 23 3.00 23.87 -42.97
CA CYS E 23 3.22 22.44 -42.85
C CYS E 23 2.02 21.83 -42.14
N GLN E 24 1.38 20.86 -42.79
CA GLN E 24 0.15 20.26 -42.31
C GLN E 24 0.33 18.75 -42.21
N ALA E 25 -0.06 18.18 -41.07
CA ALA E 25 0.11 16.76 -40.81
C ALA E 25 -1.20 16.02 -41.05
N SER E 26 -1.15 14.69 -40.89
CA SER E 26 -2.32 13.83 -41.03
C SER E 26 -2.89 13.43 -39.68
N GLU E 27 -2.41 14.01 -38.59
CA GLU E 27 -2.88 13.68 -37.25
C GLU E 27 -2.61 14.88 -36.35
N ASN E 28 -3.27 14.88 -35.19
CA ASN E 28 -3.14 15.98 -34.24
C ASN E 28 -1.88 15.76 -33.41
N ILE E 29 -0.78 16.38 -33.84
CA ILE E 29 0.47 16.35 -33.10
C ILE E 29 0.52 17.59 -32.21
N TYR E 30 0.77 17.37 -30.91
CA TYR E 30 0.59 18.43 -29.91
C TYR E 30 1.76 19.42 -29.96
N SER E 31 1.79 20.19 -31.04
CA SER E 31 2.76 21.27 -31.26
C SER E 31 4.18 20.81 -30.93
N ASN E 32 4.60 19.72 -31.56
CA ASN E 32 5.94 19.17 -31.38
C ASN E 32 6.77 19.31 -32.66
N LEU E 33 6.63 20.43 -33.35
CA LEU E 33 7.33 20.65 -34.60
C LEU E 33 8.70 21.25 -34.36
N ALA E 34 9.45 21.42 -35.47
CA ALA E 34 10.74 22.07 -35.45
C ALA E 34 11.12 22.43 -36.88
N TRP E 35 11.50 23.68 -37.13
CA TRP E 35 11.77 24.16 -38.48
C TRP E 35 13.28 24.34 -38.65
N TYR E 36 13.82 23.78 -39.72
CA TYR E 36 15.25 23.81 -40.00
C TYR E 36 15.51 24.63 -41.26
N GLN E 37 16.68 25.24 -41.32
CA GLN E 37 17.13 25.97 -42.50
C GLN E 37 18.42 25.31 -43.00
N GLN E 38 18.45 24.96 -44.28
CA GLN E 38 19.61 24.29 -44.87
C GLN E 38 20.10 25.10 -46.06
N LYS E 39 21.30 25.65 -45.92
CA LYS E 39 21.97 26.33 -47.02
C LYS E 39 22.45 25.30 -48.04
N PRO E 40 22.81 25.73 -49.25
CA PRO E 40 23.36 24.77 -50.22
C PRO E 40 24.55 23.99 -49.68
N GLY E 41 25.40 24.64 -48.88
CA GLY E 41 26.39 23.94 -48.10
C GLY E 41 25.96 23.82 -46.65
N GLN E 42 26.79 23.13 -45.87
CA GLN E 42 26.63 22.95 -44.43
C GLN E 42 25.41 22.10 -44.08
N PRO E 43 25.39 21.45 -42.93
CA PRO E 43 24.19 20.73 -42.51
C PRO E 43 23.09 21.69 -42.10
N PRO E 44 21.84 21.23 -42.10
CA PRO E 44 20.74 22.13 -41.70
C PRO E 44 20.88 22.58 -40.25
N LYS E 45 20.40 23.80 -40.00
CA LYS E 45 20.47 24.41 -38.68
C LYS E 45 19.07 24.63 -38.13
N LEU E 46 18.90 24.36 -36.84
CA LEU E 46 17.59 24.50 -36.20
C LEU E 46 17.23 25.96 -36.03
N LEU E 47 15.96 26.28 -36.23
CA LEU E 47 15.47 27.65 -36.08
C LEU E 47 14.51 27.80 -34.91
N ILE E 48 13.41 27.03 -34.89
CA ILE E 48 12.45 27.07 -33.79
C ILE E 48 12.10 25.64 -33.40
N TYR E 49 11.71 25.48 -32.15
CA TYR E 49 11.27 24.19 -31.62
C TYR E 49 10.01 24.39 -30.80
N GLY E 50 9.15 23.37 -30.79
CA GLY E 50 7.86 23.50 -30.15
C GLY E 50 6.85 24.29 -30.96
N ALA E 51 7.19 24.63 -32.20
CA ALA E 51 6.31 25.30 -33.16
C ALA E 51 6.05 26.76 -32.80
N SER E 52 6.47 27.19 -31.61
CA SER E 52 6.32 28.58 -31.22
C SER E 52 7.55 29.19 -30.56
N LYS E 53 8.45 28.40 -29.97
CA LYS E 53 9.57 28.96 -29.24
C LYS E 53 10.69 29.37 -30.20
N LEU E 54 11.84 29.76 -29.63
CA LEU E 54 12.98 30.21 -30.40
C LEU E 54 14.22 29.46 -29.95
N ALA E 55 15.18 29.32 -30.85
CA ALA E 55 16.47 28.74 -30.54
C ALA E 55 17.38 29.81 -29.95
N SER E 56 18.66 29.51 -29.82
CA SER E 56 19.64 30.44 -29.25
C SER E 56 20.37 31.16 -30.38
N GLY E 57 20.31 32.49 -30.37
CA GLY E 57 20.99 33.29 -31.36
C GLY E 57 20.17 33.59 -32.61
N VAL E 58 19.01 32.99 -32.76
CA VAL E 58 18.17 33.24 -33.94
C VAL E 58 17.52 34.61 -33.82
N PRO E 59 17.56 35.44 -34.85
CA PRO E 59 16.87 36.73 -34.79
C PRO E 59 15.37 36.54 -34.62
N SER E 60 14.74 37.50 -33.93
CA SER E 60 13.32 37.40 -33.63
C SER E 60 12.42 37.55 -34.86
N ARG E 61 12.99 37.70 -36.05
CA ARG E 61 12.18 37.80 -37.26
C ARG E 61 11.41 36.51 -37.50
N PHE E 62 12.06 35.37 -37.29
CA PHE E 62 11.41 34.08 -37.51
C PHE E 62 10.27 33.89 -36.52
N LYS E 63 9.09 33.54 -37.02
CA LYS E 63 7.90 33.39 -36.19
C LYS E 63 7.16 32.14 -36.61
N GLY E 64 6.70 31.38 -35.63
CA GLY E 64 5.90 30.20 -35.88
C GLY E 64 4.70 30.15 -34.96
N SER E 65 3.58 29.69 -35.51
CA SER E 65 2.34 29.62 -34.74
C SER E 65 1.42 28.59 -35.37
N GLY E 66 0.73 27.85 -34.52
CA GLY E 66 -0.20 26.85 -35.00
C GLY E 66 -0.64 25.94 -33.87
N SER E 67 -1.65 25.13 -34.18
CA SER E 67 -2.19 24.18 -33.22
C SER E 67 -2.92 23.08 -33.98
N GLY E 68 -3.16 21.97 -33.30
CA GLY E 68 -3.85 20.85 -33.91
C GLY E 68 -3.02 20.16 -34.98
N THR E 69 -3.42 20.32 -36.24
CA THR E 69 -2.72 19.70 -37.36
C THR E 69 -2.12 20.70 -38.34
N ASP E 70 -2.44 21.98 -38.23
CA ASP E 70 -1.96 23.01 -39.15
C ASP E 70 -0.98 23.92 -38.44
N TYR E 71 0.20 24.10 -39.03
CA TYR E 71 1.25 24.95 -38.48
C TYR E 71 1.79 25.84 -39.59
N THR E 72 2.35 26.97 -39.18
CA THR E 72 2.81 27.97 -40.14
C THR E 72 4.08 28.64 -39.61
N LEU E 73 4.98 29.00 -40.53
CA LEU E 73 6.16 29.78 -40.22
C LEU E 73 6.13 31.04 -41.07
N THR E 74 6.32 32.19 -40.43
CA THR E 74 6.31 33.48 -41.10
C THR E 74 7.69 34.11 -41.00
N ILE E 75 8.22 34.57 -42.13
CA ILE E 75 9.55 35.19 -42.18
C ILE E 75 9.36 36.70 -42.22
N ARG E 76 9.98 37.38 -41.27
CA ARG E 76 10.03 38.83 -41.26
C ARG E 76 11.39 39.30 -41.75
N ASP E 77 11.40 40.39 -42.52
CA ASP E 77 12.63 41.03 -42.95
C ASP E 77 13.52 40.07 -43.72
N LEU E 78 13.01 39.65 -44.88
CA LEU E 78 13.82 38.86 -45.80
C LEU E 78 14.92 39.73 -46.40
N GLU E 79 16.11 39.17 -46.51
CA GLU E 79 17.28 39.93 -46.94
C GLU E 79 18.28 38.98 -47.58
N ALA E 80 19.43 39.51 -47.96
CA ALA E 80 20.49 38.70 -48.54
C ALA E 80 20.96 37.65 -47.54
N ALA E 81 21.61 36.61 -48.07
CA ALA E 81 22.09 35.48 -47.29
C ALA E 81 20.94 34.80 -46.53
N ASP E 82 19.78 34.72 -47.17
CA ASP E 82 18.61 34.06 -46.60
C ASP E 82 17.91 33.17 -47.62
N ALA E 83 18.61 32.73 -48.66
CA ALA E 83 18.06 31.82 -49.66
C ALA E 83 18.53 30.41 -49.31
N ALA E 84 17.59 29.57 -48.89
CA ALA E 84 17.93 28.23 -48.41
C ALA E 84 16.69 27.35 -48.53
N THR E 85 16.74 26.19 -47.89
CA THR E 85 15.65 25.23 -47.88
C THR E 85 15.17 25.01 -46.46
N TYR E 86 13.85 24.97 -46.28
CA TYR E 86 13.24 24.88 -44.95
C TYR E 86 12.42 23.60 -44.84
N TYR E 87 12.57 22.90 -43.72
CA TYR E 87 11.91 21.63 -43.47
C TYR E 87 11.17 21.67 -42.14
N CYS E 88 10.11 20.87 -42.04
CA CYS E 88 9.34 20.71 -40.81
C CYS E 88 9.39 19.25 -40.37
N GLN E 89 9.69 19.02 -39.10
CA GLN E 89 9.79 17.69 -38.54
C GLN E 89 8.84 17.56 -37.37
N GLN E 90 8.25 16.36 -37.22
CA GLN E 90 7.31 16.07 -36.15
C GLN E 90 7.93 15.09 -35.16
N PHE E 91 8.10 15.54 -33.93
CA PHE E 91 8.60 14.69 -32.85
C PHE E 91 7.45 14.13 -32.01
N TYR E 92 6.52 13.46 -32.67
CA TYR E 92 5.38 12.88 -31.96
C TYR E 92 5.26 11.38 -32.16
N ASP E 93 5.29 10.91 -33.41
CA ASP E 93 5.14 9.50 -33.71
C ASP E 93 6.39 9.06 -34.45
N SER E 94 7.09 8.06 -33.90
CA SER E 94 8.33 7.60 -34.50
C SER E 94 8.42 6.09 -34.60
N LEU E 95 7.28 5.38 -34.59
CA LEU E 95 7.31 3.94 -34.71
C LEU E 95 6.63 3.41 -35.96
N ASN E 96 5.76 4.20 -36.61
CA ASN E 96 5.21 3.83 -37.93
C ASN E 96 5.19 5.09 -38.79
N THR E 97 6.27 5.33 -39.51
CA THR E 97 6.38 6.50 -40.37
C THR E 97 7.36 6.21 -41.49
N ASP E 98 7.27 7.00 -42.55
CA ASP E 98 8.11 6.83 -43.73
C ASP E 98 9.21 7.89 -43.81
N ASN E 99 8.84 9.17 -43.76
CA ASN E 99 9.79 10.26 -43.83
C ASN E 99 9.89 11.05 -42.54
N ALA E 100 8.75 11.53 -42.02
CA ALA E 100 8.71 12.33 -40.80
C ALA E 100 9.60 13.56 -40.89
N PHE E 101 9.77 14.10 -42.09
CA PHE E 101 10.65 15.26 -42.28
C PHE E 101 10.09 16.28 -43.27
N GLY E 102 8.82 16.21 -43.64
CA GLY E 102 8.28 17.18 -44.57
C GLY E 102 8.83 17.01 -45.98
N GLY E 103 8.58 18.04 -46.78
CA GLY E 103 8.99 18.00 -48.18
C GLY E 103 10.01 19.05 -48.56
N GLY E 104 9.97 20.20 -47.90
CA GLY E 104 10.94 21.25 -48.15
C GLY E 104 10.38 22.37 -49.01
N THR E 105 10.95 23.57 -48.84
CA THR E 105 10.55 24.74 -49.58
C THR E 105 11.81 25.43 -50.12
N LYS E 106 11.65 26.14 -51.23
CA LYS E 106 12.80 26.65 -51.98
C LYS E 106 12.72 28.15 -52.17
N VAL E 107 12.49 28.89 -51.07
CA VAL E 107 12.41 30.34 -51.15
C VAL E 107 13.72 30.91 -51.66
N GLU E 108 13.63 31.80 -52.66
CA GLU E 108 14.79 32.44 -53.23
C GLU E 108 14.54 33.95 -53.32
N ILE E 109 15.64 34.71 -53.31
CA ILE E 109 15.55 36.17 -53.33
C ILE E 109 15.16 36.64 -54.72
N LYS E 110 14.24 37.60 -54.78
CA LYS E 110 13.83 38.24 -56.02
C LYS E 110 14.42 39.63 -56.08
N ARG E 111 15.08 39.95 -57.20
CA ARG E 111 15.72 41.24 -57.37
C ARG E 111 15.42 41.75 -58.79
N THR E 112 16.07 42.84 -59.17
CA THR E 112 15.85 43.44 -60.47
C THR E 112 16.49 42.58 -61.57
N VAL E 113 15.98 42.74 -62.78
CA VAL E 113 16.50 41.99 -63.93
C VAL E 113 17.90 42.49 -64.26
N ALA E 114 18.82 41.55 -64.49
CA ALA E 114 20.20 41.87 -64.79
C ALA E 114 20.59 41.30 -66.14
N ALA E 115 21.59 41.92 -66.77
CA ALA E 115 22.06 41.49 -68.07
C ALA E 115 23.20 40.50 -67.90
N PRO E 116 23.09 39.28 -68.42
CA PRO E 116 24.17 38.30 -68.25
C PRO E 116 25.42 38.71 -69.01
N SER E 117 26.57 38.32 -68.48
CA SER E 117 27.85 38.47 -69.13
C SER E 117 28.25 37.16 -69.78
N VAL E 118 28.78 37.24 -71.00
CA VAL E 118 28.99 36.06 -71.84
C VAL E 118 30.47 35.95 -72.17
N PHE E 119 31.02 34.74 -72.00
CA PHE E 119 32.42 34.46 -72.34
C PHE E 119 32.48 33.17 -73.14
N ILE E 120 33.55 33.05 -73.93
CA ILE E 120 33.80 31.84 -74.72
C ILE E 120 35.18 31.32 -74.38
N PHE E 121 35.38 30.02 -74.61
CA PHE E 121 36.61 29.36 -74.22
C PHE E 121 36.93 28.22 -75.17
N PRO E 122 38.07 28.25 -75.86
CA PRO E 122 38.42 27.17 -76.78
C PRO E 122 39.21 26.09 -76.08
N PRO E 123 39.15 24.86 -76.58
CA PRO E 123 40.00 23.81 -76.02
C PRO E 123 41.46 24.03 -76.36
N SER E 124 42.33 23.64 -75.44
CA SER E 124 43.76 23.80 -75.63
C SER E 124 44.30 22.60 -76.41
N ASP E 125 45.63 22.48 -76.48
CA ASP E 125 46.24 21.49 -77.36
C ASP E 125 46.14 20.06 -76.81
N GLU E 126 46.15 19.89 -75.49
CA GLU E 126 46.16 18.53 -74.93
C GLU E 126 44.84 17.81 -75.20
N GLN E 127 43.71 18.49 -75.00
CA GLN E 127 42.41 17.89 -75.27
C GLN E 127 42.25 17.57 -76.75
N LEU E 128 42.71 18.48 -77.61
CA LEU E 128 42.68 18.22 -79.04
C LEU E 128 43.53 17.00 -79.40
N LYS E 129 44.68 16.86 -78.74
CA LYS E 129 45.58 15.74 -79.02
C LYS E 129 45.04 14.44 -78.43
N SER E 130 44.51 14.49 -77.21
CA SER E 130 44.05 13.30 -76.49
C SER E 130 42.53 13.25 -76.52
N GLY E 131 41.99 12.38 -77.37
CA GLY E 131 40.56 12.13 -77.37
C GLY E 131 39.74 13.33 -77.84
N THR E 132 38.57 13.48 -77.21
CA THR E 132 37.63 14.51 -77.59
C THR E 132 38.13 15.90 -77.18
N ALA E 133 37.52 16.92 -77.76
CA ALA E 133 37.79 18.32 -77.44
C ALA E 133 36.50 18.99 -77.01
N SER E 134 36.59 19.84 -75.99
CA SER E 134 35.42 20.49 -75.41
C SER E 134 35.55 22.00 -75.50
N VAL E 135 34.44 22.66 -75.84
CA VAL E 135 34.35 24.11 -75.91
C VAL E 135 33.42 24.58 -74.80
N VAL E 136 33.82 25.63 -74.09
CA VAL E 136 33.12 26.12 -72.92
C VAL E 136 32.59 27.52 -73.20
N CYS E 137 31.28 27.69 -73.09
CA CYS E 137 30.62 28.99 -73.11
C CYS E 137 30.06 29.27 -71.72
N LEU E 138 30.39 30.44 -71.18
CA LEU E 138 30.12 30.76 -69.79
C LEU E 138 29.22 31.99 -69.68
N LEU E 139 28.19 31.90 -68.86
CA LEU E 139 27.32 33.02 -68.52
C LEU E 139 27.52 33.37 -67.05
N ASN E 140 27.70 34.65 -66.77
CA ASN E 140 28.05 35.10 -65.43
C ASN E 140 27.18 36.27 -65.00
N ASN E 141 26.74 36.24 -63.74
CA ASN E 141 26.11 37.36 -63.05
C ASN E 141 24.83 37.83 -63.77
N PHE E 142 23.85 36.94 -63.77
CA PHE E 142 22.50 37.27 -64.19
C PHE E 142 21.50 36.76 -63.15
N TYR E 143 20.48 37.56 -62.87
CA TYR E 143 19.46 37.11 -61.91
C TYR E 143 18.46 36.14 -62.53
N PRO E 144 17.78 36.48 -63.63
CA PRO E 144 16.73 35.57 -64.13
C PRO E 144 17.33 34.26 -64.63
N ARG E 145 16.93 33.16 -64.01
CA ARG E 145 17.51 31.86 -64.32
C ARG E 145 17.17 31.38 -65.72
N GLU E 146 16.14 31.95 -66.34
CA GLU E 146 15.71 31.51 -67.68
C GLU E 146 16.70 32.03 -68.71
N ALA E 147 17.78 31.28 -68.90
CA ALA E 147 18.79 31.56 -69.89
C ALA E 147 18.89 30.39 -70.86
N LYS E 148 18.97 30.70 -72.15
CA LYS E 148 19.01 29.69 -73.20
C LYS E 148 20.32 29.82 -73.97
N VAL E 149 20.99 28.69 -74.17
CA VAL E 149 22.24 28.63 -74.92
C VAL E 149 22.04 27.70 -76.11
N GLN E 150 22.34 28.19 -77.31
CA GLN E 150 22.23 27.42 -78.53
C GLN E 150 23.62 27.23 -79.13
N TRP E 151 24.00 25.98 -79.37
CA TRP E 151 25.31 25.64 -79.89
C TRP E 151 25.23 25.53 -81.41
N LYS E 152 25.82 26.50 -82.11
CA LYS E 152 25.83 26.53 -83.57
C LYS E 152 27.27 26.34 -84.06
N VAL E 153 27.46 25.38 -84.95
CA VAL E 153 28.76 25.10 -85.53
C VAL E 153 28.63 25.16 -87.05
N ASP E 154 29.50 25.93 -87.69
CA ASP E 154 29.45 26.15 -89.14
C ASP E 154 28.07 26.64 -89.57
N ASN E 155 27.48 27.53 -88.77
CA ASN E 155 26.13 28.05 -88.99
C ASN E 155 25.13 26.92 -89.20
N ALA E 156 25.27 25.85 -88.40
CA ALA E 156 24.40 24.69 -88.49
C ALA E 156 24.02 24.24 -87.08
N LEU E 157 22.82 23.69 -86.98
CA LEU E 157 22.33 23.22 -85.69
C LEU E 157 23.07 21.95 -85.28
N GLN E 158 23.56 21.92 -84.03
CA GLN E 158 24.17 20.74 -83.45
C GLN E 158 23.51 20.43 -82.12
N SER E 159 23.35 19.15 -81.83
CA SER E 159 22.70 18.72 -80.60
C SER E 159 23.24 17.34 -80.22
N GLY E 160 22.57 16.70 -79.27
CA GLY E 160 23.00 15.40 -78.81
C GLY E 160 24.06 15.48 -77.73
N ASN E 161 25.24 15.98 -78.08
CA ASN E 161 26.34 16.14 -77.13
C ASN E 161 26.40 17.61 -76.70
N SER E 162 25.56 17.94 -75.72
CA SER E 162 25.53 19.29 -75.18
C SER E 162 24.93 19.22 -73.78
N GLN E 163 25.77 19.48 -72.77
CA GLN E 163 25.35 19.44 -71.37
C GLN E 163 25.73 20.75 -70.70
N GLU E 164 24.84 21.23 -69.83
CA GLU E 164 25.05 22.48 -69.13
C GLU E 164 24.83 22.28 -67.63
N SER E 165 25.52 23.09 -66.84
CA SER E 165 25.39 23.06 -65.39
C SER E 165 25.31 24.49 -64.87
N VAL E 166 24.37 24.74 -63.96
CA VAL E 166 24.15 26.07 -63.41
C VAL E 166 24.45 26.04 -61.92
N THR E 167 25.21 27.02 -61.46
CA THR E 167 25.53 27.11 -60.04
C THR E 167 24.31 27.56 -59.25
N GLU E 168 24.32 27.26 -57.95
CA GLU E 168 23.25 27.68 -57.07
C GLU E 168 23.36 29.17 -56.79
N GLN E 169 22.24 29.78 -56.43
CA GLN E 169 22.20 31.21 -56.13
C GLN E 169 23.19 31.55 -55.02
N ASP E 170 23.94 32.62 -55.23
CA ASP E 170 24.87 33.08 -54.20
C ASP E 170 24.14 33.92 -53.16
N SER E 171 24.67 33.93 -51.95
CA SER E 171 24.05 34.59 -50.81
C SER E 171 24.58 36.01 -50.58
N LYS E 172 25.01 36.68 -51.63
CA LYS E 172 25.50 38.05 -51.54
C LYS E 172 24.73 39.04 -52.40
N ASP E 173 24.39 38.65 -53.63
CA ASP E 173 23.59 39.51 -54.49
C ASP E 173 22.51 38.78 -55.26
N SER E 174 22.32 37.49 -55.02
CA SER E 174 21.24 36.70 -55.63
C SER E 174 21.31 36.73 -57.16
N THR E 175 22.40 36.16 -57.68
CA THR E 175 22.59 35.99 -59.11
C THR E 175 22.87 34.52 -59.42
N TYR E 176 23.05 34.21 -60.69
CA TYR E 176 23.31 32.84 -61.12
C TYR E 176 24.42 32.86 -62.17
N SER E 177 24.93 31.67 -62.47
CA SER E 177 25.95 31.50 -63.50
C SER E 177 25.93 30.05 -63.98
N LEU E 178 25.97 29.87 -65.30
CA LEU E 178 25.93 28.54 -65.88
C LEU E 178 26.97 28.44 -66.98
N SER E 179 27.42 27.20 -67.23
CA SER E 179 28.40 26.92 -68.26
C SER E 179 27.88 25.77 -69.14
N SER E 180 28.13 25.87 -70.43
CA SER E 180 27.73 24.85 -71.39
C SER E 180 28.97 24.28 -72.06
N THR E 181 29.09 22.96 -72.06
CA THR E 181 30.23 22.27 -72.63
C THR E 181 29.75 21.32 -73.72
N LEU E 182 30.35 21.44 -74.90
CA LEU E 182 30.05 20.57 -76.04
C LEU E 182 31.30 19.74 -76.35
N THR E 183 31.16 18.43 -76.34
CA THR E 183 32.27 17.51 -76.57
C THR E 183 32.27 17.10 -78.04
N LEU E 184 33.44 17.18 -78.68
CA LEU E 184 33.56 16.85 -80.09
C LEU E 184 34.89 16.14 -80.30
N SER E 185 34.87 15.08 -81.10
CA SER E 185 36.03 14.22 -81.25
C SER E 185 36.98 14.75 -82.32
N LYS E 186 38.09 14.01 -82.51
CA LYS E 186 39.09 14.38 -83.49
C LYS E 186 38.66 14.11 -84.92
N ALA E 187 37.63 13.27 -85.11
CA ALA E 187 37.26 12.87 -86.47
C ALA E 187 36.79 14.07 -87.30
N ASP E 188 36.00 14.95 -86.71
CA ASP E 188 35.39 16.06 -87.44
C ASP E 188 35.71 17.42 -86.85
N TYR E 189 36.64 17.50 -85.88
CA TYR E 189 37.02 18.79 -85.34
C TYR E 189 37.68 19.65 -86.42
N GLU E 190 38.54 19.05 -87.24
CA GLU E 190 39.22 19.82 -88.28
C GLU E 190 38.29 20.20 -89.41
N LYS E 191 37.22 19.42 -89.63
CA LYS E 191 36.27 19.75 -90.70
C LYS E 191 35.59 21.08 -90.43
N HIS E 192 35.19 21.33 -89.19
CA HIS E 192 34.54 22.57 -88.81
C HIS E 192 35.58 23.63 -88.47
N LYS E 193 35.29 24.89 -88.81
CA LYS E 193 36.23 25.98 -88.63
C LYS E 193 35.75 26.99 -87.59
N VAL E 194 34.55 27.54 -87.76
CA VAL E 194 34.05 28.60 -86.90
C VAL E 194 32.76 28.13 -86.24
N TYR E 195 32.69 28.26 -84.91
CA TYR E 195 31.50 27.89 -84.16
C TYR E 195 31.36 28.86 -82.99
N ALA E 196 30.13 28.98 -82.50
CA ALA E 196 29.82 29.93 -81.43
C ALA E 196 28.56 29.47 -80.71
N CYS E 197 28.26 30.13 -79.59
CA CYS E 197 27.07 29.83 -78.80
C CYS E 197 26.11 31.01 -78.85
N GLU E 198 24.84 30.70 -79.10
CA GLU E 198 23.78 31.70 -79.11
C GLU E 198 23.15 31.77 -77.73
N VAL E 199 23.23 32.94 -77.10
CA VAL E 199 22.69 33.15 -75.77
C VAL E 199 21.51 34.11 -75.87
N THR E 200 20.35 33.66 -75.42
CA THR E 200 19.14 34.45 -75.37
C THR E 200 18.69 34.57 -73.93
N HIS E 201 18.40 35.79 -73.49
CA HIS E 201 17.99 36.02 -72.11
C HIS E 201 17.03 37.20 -72.07
N GLN E 202 16.12 37.18 -71.10
CA GLN E 202 15.14 38.25 -70.98
C GLN E 202 15.76 39.57 -70.58
N GLY E 203 16.98 39.56 -70.03
CA GLY E 203 17.68 40.77 -69.70
C GLY E 203 18.44 41.42 -70.84
N LEU E 204 18.47 40.77 -72.01
CA LEU E 204 19.17 41.29 -73.18
C LEU E 204 18.18 41.47 -74.32
N SER E 205 18.34 42.58 -75.04
CA SER E 205 17.41 42.90 -76.13
C SER E 205 17.51 41.88 -77.26
N SER E 206 18.73 41.49 -77.64
CA SER E 206 18.93 40.59 -78.76
C SER E 206 19.93 39.50 -78.39
N PRO E 207 19.84 38.34 -79.03
CA PRO E 207 20.83 37.27 -78.78
C PRO E 207 22.23 37.73 -79.16
N VAL E 208 23.22 37.24 -78.41
CA VAL E 208 24.61 37.64 -78.57
C VAL E 208 25.42 36.45 -79.05
N THR E 209 26.33 36.68 -79.99
CA THR E 209 27.20 35.65 -80.50
C THR E 209 28.65 36.01 -80.19
N LYS E 210 29.45 34.99 -79.94
CA LYS E 210 30.89 35.14 -79.70
C LYS E 210 31.61 34.35 -80.78
N SER E 211 31.87 35.00 -81.91
CA SER E 211 32.51 34.33 -83.04
C SER E 211 33.91 33.84 -82.64
N PHE E 212 34.20 32.59 -82.98
CA PHE E 212 35.48 31.97 -82.67
C PHE E 212 35.99 31.24 -83.91
N ASN E 213 37.28 31.34 -84.16
CA ASN E 213 37.92 30.69 -85.29
C ASN E 213 38.91 29.64 -84.80
N ARG E 214 38.74 28.41 -85.28
CA ARG E 214 39.65 27.34 -84.90
C ARG E 214 40.96 27.44 -85.67
N GLY E 215 42.00 26.85 -85.11
CA GLY E 215 43.32 26.88 -85.69
C GLY E 215 44.17 28.04 -85.24
N GLU E 216 43.58 29.07 -84.65
CA GLU E 216 44.31 30.22 -84.13
C GLU E 216 44.73 30.06 -82.68
N CYS E 217 44.31 28.97 -82.03
CA CYS E 217 44.66 28.73 -80.64
C CYS E 217 46.01 28.05 -80.52
C1 NAG F . 6.41 -2.47 -22.21
C2 NAG F . 5.59 -3.75 -22.28
C3 NAG F . 6.52 -4.95 -22.40
C4 NAG F . 7.52 -4.77 -23.55
C5 NAG F . 8.19 -3.39 -23.49
C6 NAG F . 8.99 -3.06 -24.73
C7 NAG F . 3.48 -3.48 -21.05
C8 NAG F . 2.76 -3.69 -19.76
N2 NAG F . 4.75 -3.89 -21.09
O3 NAG F . 5.76 -6.13 -22.62
O4 NAG F . 8.53 -5.77 -23.41
O5 NAG F . 7.19 -2.36 -23.37
O6 NAG F . 8.24 -3.30 -25.91
O7 NAG F . 2.93 -2.95 -22.02
C1 NAG F . 8.88 -6.39 -24.68
C2 NAG F . 10.36 -6.76 -24.61
C3 NAG F . 10.80 -7.41 -25.90
C4 NAG F . 9.88 -8.58 -26.25
C5 NAG F . 8.41 -8.16 -26.21
C6 NAG F . 7.47 -9.32 -26.39
C7 NAG F . 11.60 -5.28 -23.08
C8 NAG F . 12.43 -4.04 -22.96
N2 NAG F . 11.18 -5.59 -24.31
O3 NAG F . 12.14 -7.85 -25.78
O4 NAG F . 10.21 -9.07 -27.55
O5 NAG F . 8.10 -7.57 -24.95
O6 NAG F . 7.68 -10.33 -25.42
O7 NAG F . 11.31 -5.98 -22.11
C1 BMA F . 10.74 -10.41 -27.49
C2 BMA F . 12.17 -10.39 -28.07
C3 BMA F . 12.81 -11.78 -27.93
C4 BMA F . 12.67 -12.31 -26.49
C5 BMA F . 11.20 -12.25 -26.04
C6 BMA F . 11.00 -12.71 -24.61
O2 BMA F . 12.99 -9.48 -27.37
O3 BMA F . 14.18 -11.76 -28.31
O4 BMA F . 13.14 -13.65 -26.42
O5 BMA F . 10.75 -10.90 -26.15
O6 BMA F . 9.63 -12.50 -24.26
C1 NAG G . -10.09 16.56 -21.19
C2 NAG G . -10.14 17.94 -21.82
C3 NAG G . -11.57 18.28 -22.22
C4 NAG G . -12.21 17.17 -23.04
C5 NAG G . -11.94 15.78 -22.44
C6 NAG G . -12.31 14.65 -23.38
C7 NAG G . -8.45 19.58 -21.10
C8 NAG G . -7.70 19.20 -22.34
N2 NAG G . -9.61 18.95 -20.91
O3 NAG G . -11.57 19.49 -22.96
O4 NAG G . -13.62 17.36 -22.98
O5 NAG G . -10.55 15.61 -22.12
O6 NAG G . -11.86 13.40 -22.87
O7 NAG G . -8.03 20.43 -20.31
C1 NAG G . -14.39 17.45 -24.21
C2 NAG G . -14.87 18.89 -24.28
C3 NAG G . -15.83 19.05 -25.46
C4 NAG G . -15.23 18.51 -26.75
C5 NAG G . -14.54 17.15 -26.56
C6 NAG G . -13.68 16.75 -27.74
C7 NAG G . -15.55 20.55 -22.61
C8 NAG G . -16.26 20.77 -21.30
N2 NAG G . -15.52 19.28 -23.04
O3 NAG G . -16.15 20.43 -25.61
O4 NAG G . -16.32 18.34 -27.65
O5 NAG G . -13.67 17.13 -25.42
O6 NAG G . -12.80 17.79 -28.12
O7 NAG G . -15.02 21.46 -23.23
C1 BMA G . -16.31 18.99 -28.97
C2 BMA G . -16.63 20.58 -28.87
C3 BMA G . -16.04 21.44 -30.04
C4 BMA G . -15.09 20.71 -31.05
C5 BMA G . -15.24 19.19 -31.01
C6 BMA G . -14.22 18.45 -31.85
O2 BMA G . -16.22 21.21 -27.66
O3 BMA G . -15.37 22.58 -29.52
O4 BMA G . -15.36 21.16 -32.37
O5 BMA G . -15.09 18.79 -29.66
O6 BMA G . -13.30 19.40 -32.37
P POV H . 1.84 -2.44 34.84
C1 POV H . 2.62 -1.34 32.57
C2 POV H . 3.75 -0.49 31.99
C3 POV H . 3.47 0.99 32.05
C310 POV H . 1.11 4.71 20.57
O11 POV H . 2.84 -1.52 33.96
C311 POV H . 2.37 4.79 19.73
O12 POV H . 2.60 -3.89 34.61
C312 POV H . 2.57 6.17 19.11
O13 POV H . 2.02 -2.03 36.27
C313 POV H . 4.01 6.42 18.64
O14 POV H . 0.48 -2.51 34.21
C314 POV H . 4.25 7.86 18.21
C315 POV H . 5.67 8.11 17.73
C316 POV H . 5.90 9.57 17.33
C31 POV H . 3.29 2.55 30.27
O31 POV H . 2.91 1.39 30.81
C32 POV H . 2.91 2.61 28.83
O32 POV H . 3.85 3.42 30.90
C33 POV H . 3.76 3.55 27.98
C34 POV H . 3.54 3.28 26.50
C35 POV H . 2.11 3.51 26.02
C36 POV H . 1.91 3.10 24.57
C37 POV H . 2.90 3.75 23.62
C38 POV H . 2.62 3.42 22.16
C39 POV H . 1.18 3.69 21.71
CHA HEM I . -4.42 4.78 7.12
CHB HEM I . -2.16 8.84 8.52
CHC HEM I . -1.94 7.10 13.03
CHD HEM I . -5.08 3.61 11.78
C1A HEM I . -3.84 6.04 7.09
C2A HEM I . -3.74 6.92 5.94
C3A HEM I . -3.12 8.04 6.34
C4A HEM I . -2.80 7.91 7.74
CMA HEM I . -2.79 9.25 5.44
CAA HEM I . -4.25 6.65 4.51
CBA HEM I . -5.78 6.60 4.50
CGA HEM I . -6.26 6.31 3.11
O1A HEM I . -5.39 6.13 2.20
O2A HEM I . -7.50 6.26 2.90
C1B HEM I . -1.91 8.74 9.87
C2B HEM I . -1.32 9.76 10.71
C3B HEM I . -1.26 9.30 11.96
C4B HEM I . -1.81 7.95 11.97
CMB HEM I . -0.84 11.15 10.24
CAB HEM I . -0.67 10.10 13.15
CBB HEM I . -0.73 9.68 14.41
C1C HEM I . -2.83 6.04 13.11
C2C HEM I . -3.26 5.39 14.32
C3C HEM I . -4.13 4.43 14.01
C4C HEM I . -4.27 4.44 12.55
CMC HEM I . -2.80 5.74 15.75
CAC HEM I . -4.80 3.51 15.04
CBC HEM I . -5.80 2.68 14.72
C1D HEM I . -5.10 3.57 10.40
C2D HEM I . -5.69 2.53 9.59
C3D HEM I . -5.51 2.84 8.31
C4D HEM I . -4.80 4.11 8.25
CMD HEM I . -6.40 1.26 10.11
CAD HEM I . -5.98 2.01 7.10
CBD HEM I . -7.23 2.65 6.49
CGD HEM I . -7.69 1.82 5.31
O1D HEM I . -8.78 2.13 4.76
O2D HEM I . -6.97 0.87 4.94
NA HEM I . -3.25 6.67 8.17
NB HEM I . -2.20 7.65 10.67
NC HEM I . -3.47 5.43 12.05
ND HEM I . -4.57 4.52 9.56
FE HEM I . -3.29 6.02 10.11
CHA HEM J . -12.54 -4.41 29.07
CHB HEM J . -8.20 -3.91 31.18
CHC HEM J . -6.47 -1.98 27.07
CHD HEM J . -11.01 -1.68 25.37
C1A HEM J . -11.54 -4.41 30.02
C2A HEM J . -11.67 -4.75 31.41
C3A HEM J . -10.47 -4.62 31.99
C4A HEM J . -9.54 -4.17 30.98
CMA HEM J . -10.15 -4.88 33.47
CAA HEM J . -12.96 -5.21 32.12
CBA HEM J . -13.26 -6.65 31.71
CGA HEM J . -14.40 -7.20 32.53
O1A HEM J . -14.73 -8.41 32.34
O2A HEM J . -14.96 -6.45 33.36
C1B HEM J . -7.32 -3.44 30.21
C2B HEM J . -5.89 -3.42 30.31
C3B HEM J . -5.40 -2.89 29.17
C4B HEM J . -6.53 -2.55 28.34
CMB HEM J . -5.11 -3.95 31.53
CAB HEM J . -3.94 -2.63 28.72
CBB HEM J . -2.85 -2.91 29.46
C1C HEM J . -7.54 -1.70 26.26
C2C HEM J . -7.49 -1.06 24.96
C3C HEM J . -8.73 -0.97 24.48
C4C HEM J . -9.64 -1.56 25.45
CMC HEM J . -6.21 -0.56 24.26
CAC HEM J . -9.07 -0.34 23.10
CBC HEM J . -10.32 -0.25 22.63
C1D HEM J . -11.78 -2.50 26.16
C2D HEM J . -13.09 -3.02 25.81
C3D HEM J . -13.51 -3.78 26.84
C4D HEM J . -12.49 -3.76 27.86
CMD HEM J . -13.85 -2.76 24.50
CAD HEM J . -14.86 -4.54 26.91
CBD HEM J . -15.97 -3.60 27.37
CGD HEM J . -17.20 -4.41 27.67
O1D HEM J . -18.25 -3.80 28.01
O2D HEM J . -17.13 -5.66 27.58
NA HEM J . -10.22 -4.05 29.79
NB HEM J . -7.69 -2.90 28.99
NC HEM J . -8.86 -1.99 26.53
ND HEM J . -11.45 -2.97 27.41
FE HEM J . -9.53 -3.07 28.13
C1 NAG K . 14.40 24.37 -9.11
C2 NAG K . 15.89 24.04 -9.08
C3 NAG K . 16.55 24.49 -10.38
C4 NAG K . 15.82 23.92 -11.59
C5 NAG K . 14.31 24.20 -11.49
C6 NAG K . 13.52 23.53 -12.58
C7 NAG K . 17.69 24.23 -7.42
C8 NAG K . 18.20 24.99 -6.23
N2 NAG K . 16.53 24.66 -7.94
O3 NAG K . 17.91 24.08 -10.40
O4 NAG K . 16.32 24.51 -12.78
O5 NAG K . 13.80 23.73 -10.24
O6 NAG K . 12.13 23.50 -12.27
O7 NAG K . 18.29 23.27 -7.89
C1 LBN L . 14.10 4.10 3.36
N1 LBN L . 13.76 8.37 -1.54
P1 LBN L . 15.09 4.50 0.99
C2 LBN L . 14.81 3.74 4.66
C3 LBN L . 15.27 4.93 5.49
C4 LBN L . 13.07 3.85 16.67
C5 LBN L . 9.73 1.34 16.60
C6 LBN L . 13.91 6.87 -1.54
O1 LBN L . 14.92 4.91 2.56
C7 LBN L . 13.57 3.53 18.07
C8 LBN L . 9.04 0.05 16.91
C9 LBN L . 15.16 6.28 -0.92
O2 LBN L . 15.05 6.06 0.46
C10 LBN L . 12.58 2.72 18.89
C11 LBN L . 9.59 -0.59 18.19
C12 LBN L . 15.04 9.05 -1.88
O3 LBN L . 16.46 3.94 0.74
C13 LBN L . 12.16 3.39 20.18
C14 LBN L . 9.00 -1.97 18.47
C15 LBN L . 12.71 8.81 -2.51
O4 LBN L . 13.90 3.75 0.51
C16 LBN L . 13.13 3.19 21.34
C17 LBN L . 9.55 -2.61 19.74
C18 LBN L . 13.36 8.79 -0.17
C19 LBN L . 12.57 3.61 22.68
C21 LBN L . 13.53 3.35 23.84
C25 LBN L . 17.34 5.73 6.30
O5 LBN L . 16.61 4.70 5.93
C26 LBN L . 16.90 6.26 7.63
O6 LBN L . 18.23 6.19 5.63
C27 LBN L . 16.86 5.22 8.74
C28 LBN L . 15.98 5.66 9.90
C29 LBN L . 15.77 4.57 10.94
C30 LBN L . 14.73 4.93 11.99
C31 LBN L . 14.70 3.96 13.15
C32 LBN L . 13.72 4.34 14.25
C33 LBN L . 14.19 3.95 15.65
C34 LBN L . 12.94 3.26 6.16
O7 LBN L . 14.03 2.86 5.49
C35 LBN L . 12.66 2.31 7.28
O8 LBN L . 12.28 4.24 5.89
C36 LBN L . 11.54 2.76 8.21
C37 LBN L . 11.22 1.68 9.24
C38 LBN L . 10.54 2.23 10.50
C39 LBN L . 10.51 1.21 11.63
C40 LBN L . 10.03 1.80 12.96
C41 LBN L . 10.38 0.93 14.17
C42 LBN L . 10.29 1.70 15.44
#